data_6SZV
#
_entry.id   6SZV
#
_cell.length_a   1.00
_cell.length_b   1.00
_cell.length_c   1.00
_cell.angle_alpha   90.00
_cell.angle_beta   90.00
_cell.angle_gamma   90.00
#
_symmetry.space_group_name_H-M   'P 1'
#
loop_
_entity.id
_entity.type
_entity.pdbx_description
1 polymer 'Polymerase acidic protein'
2 polymer 'RNA-directed RNA polymerase catalytic subunit'
3 polymer 'Polymerase basic protein 2'
4 polymer "5' vRNA"
5 polymer "3' vRNA"
6 polymer 'Capped mRNA'
7 non-polymer '5-oxidanyl-4-oxidanylidene-1-[(1-pyrrolo[2,3-b]pyridin-1-ylcyclopentyl)methyl]pyridine-3-carboxylic acid'
8 non-polymer 'MAGNESIUM ION'
9 non-polymer "5'-O-[(S)-hydroxy{[(S)-hydroxy(phosphonooxy)phosphoryl]amino}phosphoryl]uridine"
10 water water
#
loop_
_entity_poly.entity_id
_entity_poly.type
_entity_poly.pdbx_seq_one_letter_code
_entity_poly.pdbx_strand_id
1 'polypeptide(L)'
;GSHHHHHHHHGSGSMENFVRTNFNPMILERAEKTMKEYGENPQNEGNKFAAISTHMEVCFMYSDFHFIDLEGNTIVKEND
DDNAMLKHRFEIIEGQERNIAWTIVNSICNMTENSKPRFLPDLYDYKTNKFIEIGVTRRKVEDYYYEKASKLKGENVYIH
IFSFDGEEMATDDEYILDEESRARIKTRLFVLRQELATAGLWDSFRQSEKGEETLEEEFSYPPTFQRLANQSLPPSFKDY
HQFKAYVSSFKANGNIEAKLGAMSEKVNAQIESFDPRTIRELELPEGKFCTQRSKFLLMDAMKLSVLNPAHEGEGIPMKD
AKACLDTFWGWKKATIIKKHEKGVNTNYLMIWEQLLESIKEMEGKFLNLKKTNHLKWGLGEGQAPEKMDFEDCKEVPDLF
QYKSEPPEKRKLASWIQSEFNKASELTNSNWIEFDELGNDVAPIEHIASRRRNFFTAEVSQCRASEYIMKAVYINTALLN
SSCTAMEEYQVIPIITKCRDTSGQRRTNLYGFIIKGRSHLRNDTDVVNFISLEFSLTDPRNEIHKWEKYCVLEIGDMEIR
TSISTIMKPVYLYVRTNGTSKIKMKWGMEMRRCLLQSLQQVESMIEAESAVKEKDMTEPFFRNRENDWPIGESPQGIEKG
TIGKVCRVLLAKSVFNSIYASAQLEGFSAESRKLLLLIQAFRDNLDPGTFDLKGLYEAIEECIINDPWVLLNASWFNSFL
KAVQLSMGSGSGENLYFQ
;
A
2 'polypeptide(L)'
;GSGSGSGSGMDVNPMLIFLKVPVQNAISTTFPYTGDPPYSHGTGTGYTMDTVIRTHDYSSRGIWKTNSETGAQQLNPIDG
PLPEDNEPSGYAQTDCVLELIEGLDRSHPGLFETACQETIDAIQQTRVDKLTQGRQTYDWTLNRNQPAATALANTIEVFR
KNGYKLNESGRLIDFLKDVLLSFENDSMEVTTHFQKKKRIRDNHSKKMITQRTIGKKRVKLTKKNYLIRALTLNTMTKDA
ERGKLKRRAIATPGMQIRGFVYFVELLARNICERLEQSGLPVGGNEKKAKLANVIKKMMAKSTDEELSYTITGDNTKWNE
NQNPRIFLAMVLRITAGQPEWFRDLLAVAPIMFSNKVARLGRGYMFESKSMHLRTQISAENLSDINLRYFNEDTKKKIEK
IRHLMVEGTASLSPGMMMGMFNMLSTVLGVSVLNLGQREILKRTYWWDGLQSSDDFALIINGHFKEDIQQGVNHFYRTCK
LVGINMSQKKSYINKTGTFEFTSFFYRYGFVANFSMELPSFGVAGNNESADMSIGTTVIKTNMINNDLGPATAQMAIQLF
IKDYRYTYRCHRGDTNLETRRTKSIKRLWTETISKAGLLVADGGPNPYNLRNLHIPEVCLKWSLMDPDYRGRLCNPNNPF
VHHMEVESTNLAVVMPAHGPAKSLEYDAVATTHSWTPKRNRSILNTNQRGILEDERIYQKCCQVFEKFFPSSTYRRPIGM
ASMLDAMLSRARIDARIDLESGRISSQDFSEITNTCKAIEALKRQGSGSGENLYFQ
;
B
3 'polypeptide(L)'
;GSGSGSGSGMERIKELMEMVKNSRMREILTTTSVDHMAVIKKYTSGRQEKNPALRMKWMMAMKYPISASSRIREMIPEKD
EDGNTLWTNTKDAGSNRVLVSPNAVTWWNRAGPVSDVVHYPRVYKMYFDRLERLTHGTFGPVKFYNQVKVRKRVDINPGH
KDLTSREAQEVIMEVVFPNEVGARTLSSDAQLTITKEKKEELKNCKISPIMVAYMLERELVRRTRFLPIAGATSSTYVEV
LHLTQGTCWEQQYTPGGEAENDDLDQTLIIASRNIVRRSIVAIDPLASLLSMCHTTSISSEPLVEILRSNPTDEQAVNIC
KAALGIRINNSFSFGGYNFKRVKGSSQRTEKAVLTGNLQTLTMTIFEGYEEFNVSGKRASAVLKKGAQRLIQAIIGGRTL
EDILNLMITLMVFSQEEKMLKAVRGDLNFVNRANQRLNPMYQLLRHFQKDSSTLLKNWGTEEIDPIMGIAGIMPDGTINK
TQTLMGVRLSQGGVDEYSFNERIRVNIDKYLRVRNEKGELLISPEEVSEAQGQEKLPINYNSSLMWEVNGPESILTNTYH
WIIKNWELLKTQWMTDPTVLYNRIEFEPFQTLIPKGNRAIYSGFTRTLFQQMRDVEGTFDSIQIIKLLPFSAHPPSLGRT
QFSSFTLNIRGAPLRLLIRGNSQVFNYNQMENVIIVLGKSVGSPERSILTESSSIESAVLRGFLILGKANSKYGPVLTIG
ELDKLGRGEKANVLIGQGDTVLVMKRKRDSSILTDSQTALKRIRLEESKGWSHPQFEKGGGSGGGSGGSAWSHPQFEKGR
SGGENLYFQ
;
C
4 'polyribonucleotide' AGUAGUAACAAGAG V
5 'polyribonucleotide' UAUACCUCUGCUUCUGCUAUU R
6 'polyribonucleotide' (GTG)AAUGCUAUAAUAGCAGAAGCAGAGG M
#
loop_
_chem_comp.id
_chem_comp.type
_chem_comp.name
_chem_comp.formula
2KH non-polymer 5'-O-[(S)-hydroxy{[(S)-hydroxy(phosphonooxy)phosphoryl]amino}phosphoryl]uridine 'C9 H16 N3 O14 P3'
A RNA linking ADENOSINE-5'-MONOPHOSPHATE 'C10 H14 N5 O7 P'
C RNA linking CYTIDINE-5'-MONOPHOSPHATE 'C9 H14 N3 O8 P'
G RNA linking GUANOSINE-5'-MONOPHOSPHATE 'C10 H14 N5 O8 P'
GTG non-polymer 7-METHYL-GUANOSINE-5'-TRIPHOSPHATE-5'-GUANOSINE 'C21 H30 N10 O18 P3 1'
M4H non-polymer '5-oxidanyl-4-oxidanylidene-1-[(1-pyrrolo[2,3-b]pyridin-1-ylcyclopentyl)methyl]pyridine-3-carboxylic acid' 'C19 H19 N3 O4'
MG non-polymer 'MAGNESIUM ION' 'Mg 2'
U RNA linking URIDINE-5'-MONOPHOSPHATE 'C9 H13 N2 O9 P'
#
# COMPACT_ATOMS: atom_id res chain seq x y z
N MET A 15 35.34 12.79 -41.63
CA MET A 15 35.09 11.43 -41.19
C MET A 15 35.20 11.34 -39.67
N GLU A 16 36.27 10.72 -39.17
CA GLU A 16 36.46 10.60 -37.73
C GLU A 16 37.91 10.83 -37.34
N ASN A 17 38.85 10.33 -38.15
CA ASN A 17 40.26 10.45 -37.82
C ASN A 17 40.75 11.89 -38.03
N PHE A 18 40.24 12.57 -39.06
CA PHE A 18 40.62 13.95 -39.33
C PHE A 18 40.11 14.88 -38.24
N VAL A 19 38.90 14.61 -37.73
CA VAL A 19 38.30 15.42 -36.68
C VAL A 19 39.06 15.27 -35.38
N ARG A 20 39.60 14.08 -35.11
CA ARG A 20 40.43 13.90 -33.92
C ARG A 20 41.83 14.44 -34.11
N THR A 21 42.34 14.43 -35.34
CA THR A 21 43.68 14.95 -35.59
C THR A 21 43.70 16.49 -35.57
N ASN A 22 42.57 17.12 -35.89
CA ASN A 22 42.54 18.59 -35.92
C ASN A 22 42.14 19.21 -34.58
N PHE A 23 40.95 18.87 -34.09
CA PHE A 23 40.35 19.60 -32.98
C PHE A 23 40.97 19.21 -31.64
N ASN A 24 40.70 20.04 -30.64
CA ASN A 24 41.16 19.81 -29.28
C ASN A 24 40.35 18.68 -28.65
N PRO A 25 40.88 18.03 -27.61
CA PRO A 25 40.09 17.02 -26.89
C PRO A 25 38.86 17.58 -26.18
N MET A 26 38.83 18.88 -25.86
CA MET A 26 37.62 19.48 -25.30
C MET A 26 36.50 19.53 -26.32
N ILE A 27 36.83 19.87 -27.57
CA ILE A 27 35.85 19.89 -28.66
C ILE A 27 35.33 18.49 -28.94
N LEU A 28 36.23 17.50 -28.95
CA LEU A 28 35.84 16.11 -29.20
C LEU A 28 34.97 15.58 -28.07
N GLU A 29 35.31 15.93 -26.82
CA GLU A 29 34.51 15.49 -25.67
C GLU A 29 33.13 16.13 -25.66
N ARG A 30 33.06 17.42 -26.02
CA ARG A 30 31.78 18.11 -26.10
C ARG A 30 30.90 17.53 -27.21
N ALA A 31 31.50 17.22 -28.36
CA ALA A 31 30.73 16.64 -29.46
C ALA A 31 30.30 15.21 -29.16
N GLU A 32 31.16 14.45 -28.46
CA GLU A 32 30.79 13.10 -28.07
C GLU A 32 29.66 13.11 -27.05
N LYS A 33 29.69 14.04 -26.10
CA LYS A 33 28.60 14.15 -25.13
C LYS A 33 27.31 14.65 -25.78
N THR A 34 27.42 15.51 -26.81
CA THR A 34 26.23 15.95 -27.53
C THR A 34 25.61 14.81 -28.33
N MET A 35 26.44 14.00 -29.00
CA MET A 35 25.92 12.86 -29.74
C MET A 35 25.39 11.76 -28.82
N LYS A 36 25.98 11.62 -27.63
CA LYS A 36 25.43 10.69 -26.64
C LYS A 36 24.12 11.21 -26.06
N GLU A 37 23.96 12.53 -25.98
CA GLU A 37 22.70 13.11 -25.53
C GLU A 37 21.61 12.92 -26.57
N TYR A 38 21.95 13.08 -27.85
CA TYR A 38 20.94 12.96 -28.90
C TYR A 38 20.81 11.55 -29.46
N GLY A 39 21.80 10.69 -29.23
CA GLY A 39 21.65 9.28 -29.59
C GLY A 39 22.42 8.85 -30.83
N GLU A 40 23.66 9.33 -30.98
CA GLU A 40 24.52 8.89 -32.07
C GLU A 40 25.89 8.49 -31.55
N ASN A 41 26.86 8.32 -32.46
CA ASN A 41 28.21 7.91 -32.08
C ASN A 41 29.16 8.35 -33.17
N PRO A 42 30.38 8.80 -32.83
CA PRO A 42 31.34 9.19 -33.87
C PRO A 42 31.88 8.02 -34.67
N GLN A 43 31.84 6.80 -34.14
CA GLN A 43 32.31 5.63 -34.86
C GLN A 43 31.35 5.20 -35.97
N ASN A 44 30.12 5.71 -35.97
CA ASN A 44 29.17 5.48 -37.05
C ASN A 44 28.99 6.76 -37.86
N GLU A 45 28.24 7.74 -37.33
CA GLU A 45 28.06 9.01 -38.01
C GLU A 45 29.34 9.83 -37.89
N GLY A 46 29.90 10.24 -39.02
CA GLY A 46 31.16 10.96 -39.03
C GLY A 46 31.05 12.39 -39.50
N ASN A 47 30.22 12.64 -40.51
CA ASN A 47 30.04 14.00 -41.00
C ASN A 47 29.26 14.86 -40.02
N LYS A 48 28.26 14.25 -39.36
CA LYS A 48 27.52 14.97 -38.31
C LYS A 48 28.41 15.25 -37.11
N PHE A 49 29.31 14.32 -36.78
CA PHE A 49 30.28 14.54 -35.71
C PHE A 49 31.22 15.68 -36.05
N ALA A 50 31.69 15.74 -37.29
CA ALA A 50 32.58 16.82 -37.72
C ALA A 50 31.85 18.16 -37.74
N ALA A 51 30.58 18.17 -38.12
CA ALA A 51 29.82 19.41 -38.15
C ALA A 51 29.51 19.92 -36.75
N ILE A 52 29.20 19.00 -35.82
CA ILE A 52 28.96 19.39 -34.43
C ILE A 52 30.24 19.89 -33.79
N SER A 53 31.38 19.25 -34.10
CA SER A 53 32.67 19.71 -33.59
C SER A 53 33.05 21.08 -34.17
N THR A 54 32.72 21.32 -35.45
CA THR A 54 33.00 22.61 -36.06
C THR A 54 32.15 23.71 -35.46
N HIS A 55 30.85 23.43 -35.23
CA HIS A 55 29.97 24.40 -34.58
C HIS A 55 30.42 24.69 -33.15
N MET A 56 30.88 23.65 -32.43
CA MET A 56 31.38 23.83 -31.08
C MET A 56 32.65 24.66 -31.05
N GLU A 57 33.57 24.42 -31.98
CA GLU A 57 34.81 25.19 -32.02
C GLU A 57 34.57 26.63 -32.46
N VAL A 58 33.59 26.86 -33.33
CA VAL A 58 33.25 28.23 -33.72
C VAL A 58 32.62 28.98 -32.55
N CYS A 59 31.76 28.31 -31.76
CA CYS A 59 31.20 28.94 -30.57
C CYS A 59 32.27 29.21 -29.51
N PHE A 60 33.23 28.30 -29.36
CA PHE A 60 34.30 28.51 -28.40
C PHE A 60 35.25 29.63 -28.83
N MET A 61 35.48 29.76 -30.14
CA MET A 61 36.28 30.88 -30.63
C MET A 61 35.52 32.20 -30.54
N TYR A 62 34.19 32.15 -30.65
CA TYR A 62 33.38 33.35 -30.45
C TYR A 62 33.38 33.77 -28.97
N SER A 63 33.48 32.82 -28.06
CA SER A 63 33.37 33.13 -26.63
C SER A 63 34.69 33.41 -25.95
N ASP A 64 35.79 32.79 -26.39
CA ASP A 64 37.04 32.88 -25.65
C ASP A 64 37.73 34.21 -25.88
N PHE A 65 38.58 34.57 -24.91
CA PHE A 65 39.41 35.79 -24.91
C PHE A 65 38.58 37.07 -25.02
N HIS A 66 37.38 37.06 -24.47
CA HIS A 66 36.50 38.22 -24.44
C HIS A 66 36.03 38.42 -23.02
N PHE A 67 36.58 39.42 -22.34
CA PHE A 67 36.35 39.63 -20.92
C PHE A 67 35.66 40.96 -20.69
N ILE A 68 35.16 41.12 -19.46
CA ILE A 68 34.58 42.37 -18.99
C ILE A 68 35.26 42.71 -17.67
N ASP A 69 35.93 43.86 -17.63
CA ASP A 69 36.68 44.26 -16.44
C ASP A 69 35.75 44.92 -15.43
N LEU A 70 36.33 45.58 -14.42
CA LEU A 70 35.54 46.25 -13.40
C LEU A 70 34.89 47.53 -13.92
N GLU A 71 35.38 48.08 -15.03
CA GLU A 71 34.74 49.27 -15.61
C GLU A 71 33.50 48.89 -16.40
N GLY A 72 33.65 48.02 -17.40
CA GLY A 72 32.50 47.55 -18.15
C GLY A 72 32.75 47.33 -19.63
N ASN A 73 33.90 47.77 -20.13
CA ASN A 73 34.19 47.64 -21.55
C ASN A 73 34.89 46.31 -21.84
N THR A 74 34.75 45.87 -23.09
CA THR A 74 35.22 44.55 -23.50
C THR A 74 36.73 44.58 -23.70
N ILE A 75 37.45 44.06 -22.72
CA ILE A 75 38.90 43.90 -22.81
C ILE A 75 39.19 42.54 -23.44
N VAL A 76 39.95 42.54 -24.53
CA VAL A 76 40.26 41.32 -25.28
C VAL A 76 41.68 40.90 -24.94
N LYS A 77 41.83 39.68 -24.45
CA LYS A 77 43.15 39.12 -24.16
C LYS A 77 43.36 37.82 -24.94
N MET A 85 42.13 39.00 -13.28
CA MET A 85 40.96 38.51 -12.56
C MET A 85 39.71 39.28 -13.00
N LEU A 86 39.11 38.84 -14.10
CA LEU A 86 37.92 39.47 -14.67
C LEU A 86 36.82 38.42 -14.80
N LYS A 87 35.79 38.78 -15.58
CA LYS A 87 34.69 37.88 -15.87
C LYS A 87 34.49 37.80 -17.38
N HIS A 88 33.91 36.69 -17.83
CA HIS A 88 33.69 36.49 -19.26
C HIS A 88 32.58 37.39 -19.78
N ARG A 89 32.66 37.70 -21.06
CA ARG A 89 31.63 38.48 -21.73
C ARG A 89 30.48 37.61 -22.25
N PHE A 90 30.78 36.36 -22.61
CA PHE A 90 29.78 35.46 -23.17
C PHE A 90 29.57 34.26 -22.25
N GLU A 91 28.34 33.79 -22.20
CA GLU A 91 27.95 32.56 -21.52
C GLU A 91 27.64 31.53 -22.58
N ILE A 92 28.36 30.41 -22.57
CA ILE A 92 28.19 29.39 -23.59
C ILE A 92 27.03 28.48 -23.20
N ILE A 93 26.01 28.42 -24.06
CA ILE A 93 24.83 27.60 -23.82
C ILE A 93 24.97 26.33 -24.64
N GLU A 94 25.67 26.42 -25.76
CA GLU A 94 25.93 25.26 -26.59
C GLU A 94 26.97 24.35 -25.94
N GLY A 95 26.72 23.04 -25.98
CA GLY A 95 27.62 22.06 -25.43
C GLY A 95 27.19 21.51 -24.10
N GLN A 96 26.37 22.23 -23.35
CA GLN A 96 25.83 21.75 -22.09
C GLN A 96 24.73 20.72 -22.36
N GLU A 97 24.36 19.99 -21.32
CA GLU A 97 23.15 19.18 -21.38
C GLU A 97 21.94 20.11 -21.42
N ARG A 98 20.85 19.60 -22.02
CA ARG A 98 19.72 20.47 -22.37
C ARG A 98 18.97 20.99 -21.15
N ASN A 99 18.90 20.21 -20.07
CA ASN A 99 18.29 20.73 -18.86
C ASN A 99 19.20 21.73 -18.16
N ILE A 100 20.52 21.50 -18.22
CA ILE A 100 21.48 22.48 -17.74
C ILE A 100 21.40 23.76 -18.54
N ALA A 101 21.28 23.63 -19.88
CA ALA A 101 21.18 24.79 -20.75
C ALA A 101 19.89 25.57 -20.51
N TRP A 102 18.78 24.85 -20.25
CA TRP A 102 17.53 25.55 -19.94
C TRP A 102 17.56 26.18 -18.56
N THR A 103 18.31 25.59 -17.62
CA THR A 103 18.51 26.24 -16.32
C THR A 103 19.28 27.54 -16.48
N ILE A 104 20.33 27.53 -17.31
CA ILE A 104 21.10 28.75 -17.57
C ILE A 104 20.26 29.81 -18.26
N VAL A 105 19.47 29.40 -19.26
CA VAL A 105 18.61 30.33 -20.00
C VAL A 105 17.52 30.91 -19.09
N ASN A 106 16.95 30.08 -18.22
CA ASN A 106 15.92 30.56 -17.30
C ASN A 106 16.50 31.51 -16.25
N SER A 107 17.72 31.23 -15.76
CA SER A 107 18.35 32.12 -14.78
C SER A 107 18.72 33.46 -15.42
N ILE A 108 19.14 33.44 -16.67
CA ILE A 108 19.46 34.68 -17.38
C ILE A 108 18.20 35.49 -17.65
N CYS A 109 17.12 34.82 -18.07
CA CYS A 109 15.87 35.53 -18.34
C CYS A 109 15.19 36.01 -17.07
N ASN A 110 15.45 35.36 -15.93
CA ASN A 110 14.90 35.84 -14.67
C ASN A 110 15.76 36.91 -14.02
N MET A 111 17.05 36.98 -14.36
CA MET A 111 17.87 38.09 -13.88
C MET A 111 17.48 39.40 -14.58
N THR A 112 17.41 39.37 -15.91
CA THR A 112 17.02 40.55 -16.67
C THR A 112 15.50 40.63 -16.79
N GLU A 113 15.00 41.11 -17.94
CA GLU A 113 13.56 41.14 -18.16
C GLU A 113 13.20 40.64 -19.56
N ASN A 114 14.11 39.91 -20.21
CA ASN A 114 13.84 39.39 -21.54
C ASN A 114 12.85 38.24 -21.48
N SER A 115 12.07 38.09 -22.55
CA SER A 115 11.21 36.93 -22.70
C SER A 115 12.05 35.70 -23.00
N LYS A 116 11.49 34.54 -22.68
CA LYS A 116 12.19 33.28 -22.90
C LYS A 116 12.28 32.96 -24.39
N PRO A 117 13.45 32.62 -24.92
CA PRO A 117 13.52 32.14 -26.31
C PRO A 117 12.88 30.77 -26.44
N ARG A 118 12.22 30.55 -27.57
CA ARG A 118 11.46 29.32 -27.76
C ARG A 118 12.36 28.11 -28.01
N PHE A 119 13.59 28.32 -28.45
CA PHE A 119 14.58 27.28 -28.62
C PHE A 119 15.82 27.65 -27.83
N LEU A 120 16.71 26.69 -27.66
CA LEU A 120 17.95 26.94 -26.94
C LEU A 120 18.93 27.67 -27.85
N PRO A 121 19.39 28.86 -27.48
CA PRO A 121 20.41 29.54 -28.31
C PRO A 121 21.81 29.04 -27.98
N ASP A 122 22.83 29.64 -28.59
CA ASP A 122 24.19 29.16 -28.44
C ASP A 122 24.99 29.93 -27.41
N LEU A 123 24.89 31.26 -27.39
CA LEU A 123 25.62 32.08 -26.44
C LEU A 123 24.67 33.10 -25.81
N TYR A 124 25.16 33.75 -24.76
CA TYR A 124 24.52 34.94 -24.22
C TYR A 124 25.57 36.01 -24.00
N ASP A 125 25.31 37.22 -24.49
CA ASP A 125 26.20 38.35 -24.35
C ASP A 125 25.70 39.22 -23.21
N TYR A 126 26.51 39.32 -22.14
CA TYR A 126 26.16 40.15 -20.99
C TYR A 126 26.32 41.63 -21.31
N LYS A 127 27.26 41.98 -22.19
CA LYS A 127 27.45 43.38 -22.57
C LYS A 127 26.28 43.87 -23.40
N THR A 128 25.99 43.19 -24.51
CA THR A 128 24.83 43.52 -25.33
C THR A 128 23.53 43.00 -24.74
N ASN A 129 23.62 42.06 -23.78
CA ASN A 129 22.48 41.39 -23.15
C ASN A 129 21.59 40.72 -24.19
N LYS A 130 22.21 39.91 -25.05
CA LYS A 130 21.51 39.33 -26.19
C LYS A 130 21.82 37.84 -26.31
N PHE A 131 20.80 37.06 -26.67
CA PHE A 131 21.02 35.64 -26.96
C PHE A 131 21.52 35.49 -28.39
N ILE A 132 22.56 34.68 -28.57
CA ILE A 132 23.28 34.56 -29.82
C ILE A 132 23.06 33.16 -30.37
N GLU A 133 22.61 33.09 -31.63
CA GLU A 133 22.49 31.83 -32.36
C GLU A 133 23.57 31.80 -33.44
N ILE A 134 24.40 30.76 -33.41
CA ILE A 134 25.55 30.64 -34.31
C ILE A 134 25.31 29.45 -35.24
N GLY A 135 25.44 29.69 -36.55
CA GLY A 135 25.30 28.61 -37.51
C GLY A 135 26.48 28.50 -38.46
N VAL A 136 27.01 27.30 -38.61
CA VAL A 136 28.11 27.02 -39.52
C VAL A 136 27.57 26.13 -40.64
N THR A 137 27.54 26.66 -41.85
CA THR A 137 26.92 25.97 -42.97
C THR A 137 27.93 25.70 -44.08
N ARG A 138 27.62 24.68 -44.88
CA ARG A 138 28.38 24.38 -46.09
C ARG A 138 27.78 25.01 -47.33
N ARG A 139 26.54 25.48 -47.25
CA ARG A 139 25.84 26.10 -48.38
C ARG A 139 26.21 27.57 -48.53
N LYS A 140 25.22 28.42 -48.68
CA LYS A 140 25.41 29.86 -48.80
C LYS A 140 24.94 30.54 -47.53
N VAL A 141 25.53 31.71 -47.24
CA VAL A 141 25.29 32.35 -45.95
C VAL A 141 23.93 33.04 -45.92
N GLU A 142 23.53 33.66 -47.04
CA GLU A 142 22.28 34.41 -47.05
C GLU A 142 21.07 33.49 -47.07
N ASP A 143 21.17 32.37 -47.80
CA ASP A 143 20.08 31.40 -47.84
C ASP A 143 19.89 30.72 -46.49
N TYR A 144 20.99 30.31 -45.84
CA TYR A 144 20.91 29.71 -44.53
C TYR A 144 20.48 30.71 -43.47
N TYR A 145 20.88 31.98 -43.62
CA TYR A 145 20.45 33.02 -42.69
C TYR A 145 18.95 33.28 -42.81
N TYR A 146 18.42 33.31 -44.03
CA TYR A 146 16.97 33.48 -44.18
C TYR A 146 16.21 32.24 -43.74
N GLU A 147 16.80 31.05 -43.89
CA GLU A 147 16.17 29.83 -43.40
C GLU A 147 16.09 29.82 -41.87
N LYS A 148 17.19 30.17 -41.21
CA LYS A 148 17.19 30.25 -39.75
C LYS A 148 16.36 31.43 -39.24
N ALA A 149 16.21 32.49 -40.02
CA ALA A 149 15.31 33.57 -39.64
C ALA A 149 13.84 33.14 -39.79
N SER A 150 13.55 32.30 -40.78
CA SER A 150 12.21 31.72 -40.89
C SER A 150 11.93 30.75 -39.76
N LYS A 151 12.96 30.05 -39.27
CA LYS A 151 12.77 29.18 -38.11
C LYS A 151 12.70 29.98 -36.82
N LEU A 152 13.49 31.04 -36.71
CA LEU A 152 13.57 31.85 -35.49
C LEU A 152 13.02 33.23 -35.75
N LYS A 153 11.71 33.30 -35.98
CA LYS A 153 11.00 34.56 -36.16
C LYS A 153 10.01 34.74 -35.01
N GLY A 154 10.02 35.93 -34.41
CA GLY A 154 9.11 36.22 -33.31
C GLY A 154 9.82 36.55 -32.02
N GLU A 155 11.16 36.47 -32.03
CA GLU A 155 11.96 36.76 -30.85
C GLU A 155 13.22 37.51 -31.27
N ASN A 156 13.86 38.13 -30.30
CA ASN A 156 15.03 38.97 -30.55
C ASN A 156 16.34 38.22 -30.33
N VAL A 157 16.45 37.03 -30.90
CA VAL A 157 17.69 36.26 -30.84
C VAL A 157 18.63 36.77 -31.92
N TYR A 158 19.84 37.18 -31.52
CA TYR A 158 20.85 37.61 -32.47
C TYR A 158 21.36 36.42 -33.26
N ILE A 159 21.42 36.56 -34.59
CA ILE A 159 21.80 35.49 -35.49
C ILE A 159 23.12 35.86 -36.15
N HIS A 160 24.06 34.93 -36.16
CA HIS A 160 25.34 35.09 -36.85
C HIS A 160 25.65 33.78 -37.56
N ILE A 161 25.84 33.84 -38.88
CA ILE A 161 26.05 32.66 -39.71
C ILE A 161 27.46 32.69 -40.28
N PHE A 162 28.19 31.61 -40.09
CA PHE A 162 29.52 31.44 -40.67
C PHE A 162 29.49 30.36 -41.74
N SER A 163 30.51 30.38 -42.60
CA SER A 163 30.63 29.41 -43.68
C SER A 163 32.10 29.12 -43.91
N PHE A 164 32.35 28.03 -44.64
CA PHE A 164 33.71 27.64 -44.98
C PHE A 164 34.28 28.43 -46.15
N ASP A 165 33.45 29.19 -46.87
CA ASP A 165 33.94 30.05 -47.93
C ASP A 165 34.67 31.28 -47.38
N GLY A 166 34.20 31.82 -46.26
CA GLY A 166 34.82 32.98 -45.66
C GLY A 166 33.84 34.10 -45.36
N GLU A 167 32.76 34.16 -46.14
CA GLU A 167 31.75 35.19 -45.95
C GLU A 167 30.87 34.89 -44.74
N GLU A 168 30.21 35.93 -44.24
CA GLU A 168 29.34 35.81 -43.07
C GLU A 168 28.16 36.74 -43.24
N MET A 169 27.19 36.61 -42.34
CA MET A 169 26.03 37.49 -42.33
C MET A 169 25.45 37.50 -40.92
N ALA A 170 25.57 38.63 -40.23
CA ALA A 170 25.05 38.78 -38.88
C ALA A 170 23.60 39.23 -38.93
N THR A 171 23.07 39.67 -37.79
CA THR A 171 21.70 40.18 -37.73
C THR A 171 21.68 41.60 -38.27
N ASP A 172 21.07 41.76 -39.45
CA ASP A 172 20.94 43.03 -40.18
C ASP A 172 22.30 43.67 -40.48
N ASP A 173 23.31 42.82 -40.71
CA ASP A 173 24.70 43.20 -41.00
C ASP A 173 25.30 44.09 -39.90
N GLU A 174 24.88 43.88 -38.66
CA GLU A 174 25.41 44.59 -37.51
C GLU A 174 26.21 43.61 -36.66
N TYR A 175 27.48 43.94 -36.39
CA TYR A 175 28.39 43.04 -35.71
C TYR A 175 28.64 43.52 -34.29
N ILE A 176 28.66 42.57 -33.35
CA ILE A 176 29.00 42.86 -31.96
C ILE A 176 30.35 42.30 -31.57
N LEU A 177 30.96 41.44 -32.40
CA LEU A 177 32.28 40.89 -32.14
C LEU A 177 33.33 41.73 -32.85
N ASP A 178 34.55 41.70 -32.31
CA ASP A 178 35.66 42.45 -32.90
C ASP A 178 36.11 41.80 -34.21
N GLU A 179 36.84 42.58 -35.00
CA GLU A 179 37.26 42.13 -36.33
C GLU A 179 38.36 41.07 -36.25
N GLU A 180 39.17 41.11 -35.19
CA GLU A 180 40.25 40.14 -35.04
C GLU A 180 39.73 38.74 -34.77
N SER A 181 38.70 38.63 -33.93
CA SER A 181 38.13 37.33 -33.60
C SER A 181 37.36 36.75 -34.79
N ARG A 182 36.63 37.60 -35.52
CA ARG A 182 35.96 37.16 -36.74
C ARG A 182 36.97 36.74 -37.81
N ALA A 183 38.10 37.44 -37.89
CA ALA A 183 39.14 37.06 -38.84
C ALA A 183 39.77 35.73 -38.46
N ARG A 184 39.93 35.47 -37.15
CA ARG A 184 40.45 34.18 -36.71
C ARG A 184 39.47 33.05 -37.01
N ILE A 185 38.18 33.30 -36.83
CA ILE A 185 37.17 32.28 -37.12
C ILE A 185 37.11 31.99 -38.62
N LYS A 186 37.17 33.04 -39.45
CA LYS A 186 37.17 32.85 -40.91
C LYS A 186 38.45 32.14 -41.37
N THR A 187 39.59 32.46 -40.76
CA THR A 187 40.84 31.79 -41.09
C THR A 187 40.80 30.32 -40.71
N ARG A 188 40.24 30.00 -39.54
CA ARG A 188 40.15 28.61 -39.09
C ARG A 188 39.20 27.81 -39.97
N LEU A 189 38.08 28.42 -40.37
CA LEU A 189 37.15 27.72 -41.26
C LEU A 189 37.73 27.56 -42.67
N PHE A 190 38.51 28.53 -43.13
CA PHE A 190 39.14 28.40 -44.45
C PHE A 190 40.23 27.33 -44.44
N VAL A 191 41.01 27.26 -43.36
CA VAL A 191 42.04 26.22 -43.22
C VAL A 191 41.40 24.84 -43.10
N LEU A 192 40.27 24.75 -42.37
CA LEU A 192 39.58 23.47 -42.25
C LEU A 192 38.95 23.05 -43.58
N ARG A 193 38.45 24.01 -44.36
CA ARG A 193 37.90 23.70 -45.68
C ARG A 193 38.98 23.23 -46.64
N GLN A 194 40.15 23.89 -46.62
CA GLN A 194 41.24 23.47 -47.50
C GLN A 194 41.84 22.14 -47.06
N GLU A 195 41.84 21.85 -45.75
CA GLU A 195 42.31 20.54 -45.30
C GLU A 195 41.30 19.44 -45.62
N LEU A 196 40.01 19.76 -45.63
CA LEU A 196 39.01 18.82 -46.11
C LEU A 196 39.14 18.60 -47.62
N ALA A 197 39.58 19.63 -48.36
CA ALA A 197 39.81 19.47 -49.78
C ALA A 197 41.04 18.61 -50.06
N THR A 198 42.12 18.80 -49.29
CA THR A 198 43.31 17.98 -49.48
C THR A 198 43.11 16.55 -48.96
N ALA A 199 42.22 16.37 -47.98
CA ALA A 199 41.96 15.05 -47.41
C ALA A 199 40.92 14.26 -48.20
N GLY A 200 40.24 14.89 -49.16
CA GLY A 200 39.25 14.19 -49.94
C GLY A 200 37.94 13.93 -49.23
N LEU A 201 37.65 14.67 -48.16
CA LEU A 201 36.42 14.50 -47.40
C LEU A 201 35.46 15.66 -47.58
N TRP A 202 35.79 16.65 -48.42
CA TRP A 202 34.94 17.82 -48.58
C TRP A 202 33.70 17.50 -49.41
N ASP A 203 33.77 16.49 -50.29
CA ASP A 203 32.65 16.16 -51.15
C ASP A 203 31.48 15.55 -50.38
N SER A 204 31.77 14.85 -49.28
CA SER A 204 30.72 14.23 -48.48
C SER A 204 30.06 15.19 -47.50
N PHE A 205 30.65 16.37 -47.28
CA PHE A 205 30.13 17.29 -46.26
C PHE A 205 28.94 18.08 -46.77
N ARG A 206 29.03 18.62 -47.99
CA ARG A 206 27.95 19.45 -48.53
C ARG A 206 26.74 18.63 -48.95
N GLN A 207 26.92 17.33 -49.22
CA GLN A 207 25.79 16.50 -49.61
C GLN A 207 24.87 16.19 -48.43
N SER A 208 25.42 16.17 -47.21
CA SER A 208 24.65 15.84 -46.01
C SER A 208 23.94 17.04 -45.42
N GLU A 209 24.00 18.21 -46.06
CA GLU A 209 23.31 19.39 -45.59
C GLU A 209 21.81 19.28 -45.77
N GLU A 216 14.60 7.59 -35.93
CA GLU A 216 13.82 6.37 -36.05
C GLU A 216 14.04 5.46 -34.84
N GLU A 217 12.96 5.14 -34.14
CA GLU A 217 13.04 4.27 -32.97
C GLU A 217 13.25 2.82 -33.42
N GLU A 218 14.16 2.14 -32.76
CA GLU A 218 14.50 0.76 -33.09
C GLU A 218 14.50 -0.10 -31.84
N PHE A 219 14.15 -1.37 -32.02
CA PHE A 219 14.18 -2.34 -30.93
C PHE A 219 14.28 -3.72 -31.57
N SER A 220 15.46 -4.32 -31.50
CA SER A 220 15.74 -5.60 -32.12
C SER A 220 15.99 -6.67 -31.06
N TYR A 221 15.95 -7.93 -31.50
CA TYR A 221 16.17 -9.06 -30.62
C TYR A 221 17.58 -9.57 -30.77
N PRO A 222 18.36 -9.64 -29.70
CA PRO A 222 19.64 -10.35 -29.74
C PRO A 222 19.43 -11.84 -29.89
N PRO A 223 20.42 -12.60 -30.38
CA PRO A 223 20.15 -14.00 -30.80
C PRO A 223 19.77 -14.96 -29.69
N THR A 224 20.23 -14.74 -28.45
CA THR A 224 19.77 -15.56 -27.34
C THR A 224 18.28 -15.31 -27.06
N PHE A 225 17.87 -14.04 -27.05
CA PHE A 225 16.45 -13.76 -26.90
C PHE A 225 15.66 -14.10 -28.16
N GLN A 226 16.31 -14.15 -29.32
CA GLN A 226 15.62 -14.65 -30.52
C GLN A 226 15.33 -16.14 -30.40
N ARG A 227 16.27 -16.91 -29.87
CA ARG A 227 16.01 -18.32 -29.61
C ARG A 227 15.01 -18.52 -28.48
N LEU A 228 14.94 -17.58 -27.54
CA LEU A 228 13.86 -17.62 -26.55
C LEU A 228 12.51 -17.29 -27.17
N ALA A 229 12.50 -16.39 -28.16
CA ALA A 229 11.26 -16.01 -28.84
C ALA A 229 10.74 -17.15 -29.71
N ASN A 230 11.65 -17.93 -30.31
CA ASN A 230 11.23 -19.07 -31.13
C ASN A 230 10.65 -20.22 -30.31
N GLN A 231 10.76 -20.19 -28.98
CA GLN A 231 10.24 -21.23 -28.12
C GLN A 231 9.09 -20.75 -27.24
N SER A 232 8.43 -19.66 -27.62
CA SER A 232 7.32 -19.11 -26.85
C SER A 232 6.04 -19.07 -27.68
N LEU A 233 5.91 -19.98 -28.62
CA LEU A 233 4.88 -19.98 -29.64
C LEU A 233 3.91 -21.14 -29.45
N PRO A 234 2.78 -21.12 -30.16
CA PRO A 234 2.02 -22.36 -30.33
C PRO A 234 2.86 -23.41 -31.02
N PRO A 235 2.63 -24.70 -30.73
CA PRO A 235 3.58 -25.75 -31.15
C PRO A 235 3.59 -26.06 -32.64
N SER A 236 2.76 -25.41 -33.45
CA SER A 236 2.81 -25.57 -34.89
C SER A 236 3.63 -24.46 -35.57
N PHE A 237 4.49 -23.78 -34.82
CA PHE A 237 5.31 -22.71 -35.35
C PHE A 237 6.75 -22.89 -34.87
N LYS A 238 7.69 -22.63 -35.78
CA LYS A 238 9.11 -22.82 -35.49
C LYS A 238 9.86 -21.51 -35.29
N ASP A 239 9.41 -20.44 -35.93
CA ASP A 239 10.06 -19.14 -35.83
C ASP A 239 9.08 -18.09 -35.32
N TYR A 240 9.62 -17.09 -34.62
CA TYR A 240 8.79 -16.02 -34.06
C TYR A 240 8.23 -15.12 -35.16
N HIS A 241 9.01 -14.90 -36.23
CA HIS A 241 8.54 -14.04 -37.31
C HIS A 241 7.48 -14.73 -38.16
N GLN A 242 7.56 -16.06 -38.30
CA GLN A 242 6.52 -16.82 -38.98
C GLN A 242 5.19 -16.73 -38.25
N PHE A 243 5.23 -16.88 -36.92
CA PHE A 243 4.01 -16.75 -36.12
C PHE A 243 3.50 -15.31 -36.12
N LYS A 244 4.41 -14.33 -36.16
CA LYS A 244 4.00 -12.93 -36.23
C LYS A 244 3.32 -12.62 -37.55
N ALA A 245 3.83 -13.19 -38.65
CA ALA A 245 3.19 -13.02 -39.95
C ALA A 245 1.87 -13.78 -40.04
N TYR A 246 1.75 -14.88 -39.31
CA TYR A 246 0.47 -15.59 -39.24
C TYR A 246 -0.58 -14.77 -38.50
N VAL A 247 -0.19 -14.16 -37.37
CA VAL A 247 -1.13 -13.37 -36.58
C VAL A 247 -1.50 -12.09 -37.32
N SER A 248 -0.54 -11.49 -38.03
CA SER A 248 -0.82 -10.27 -38.79
C SER A 248 -1.73 -10.51 -39.99
N SER A 249 -1.83 -11.74 -40.48
CA SER A 249 -2.62 -12.05 -41.67
C SER A 249 -3.83 -12.92 -41.35
N PHE A 250 -4.26 -12.98 -40.10
CA PHE A 250 -5.35 -13.86 -39.71
C PHE A 250 -6.70 -13.25 -40.08
N LYS A 251 -7.59 -14.09 -40.59
CA LYS A 251 -8.98 -13.74 -40.82
C LYS A 251 -9.87 -14.79 -40.16
N ALA A 252 -10.91 -14.34 -39.47
CA ALA A 252 -11.82 -15.26 -38.81
C ALA A 252 -12.72 -15.92 -39.83
N ASN A 253 -12.79 -17.26 -39.78
CA ASN A 253 -13.60 -18.04 -40.70
C ASN A 253 -14.38 -19.10 -39.95
N GLY A 254 -15.03 -18.69 -38.86
CA GLY A 254 -15.81 -19.62 -38.06
C GLY A 254 -15.01 -20.63 -37.27
N ASN A 255 -13.90 -20.20 -36.66
CA ASN A 255 -13.07 -21.13 -35.89
C ASN A 255 -13.74 -21.51 -34.58
N ILE A 256 -14.44 -20.55 -33.96
CA ILE A 256 -15.13 -20.81 -32.70
C ILE A 256 -16.28 -21.79 -32.90
N GLU A 257 -17.06 -21.59 -33.98
CA GLU A 257 -18.20 -22.47 -34.24
C GLU A 257 -17.75 -23.88 -34.59
N ALA A 258 -16.64 -24.01 -35.34
CA ALA A 258 -16.12 -25.33 -35.66
C ALA A 258 -15.53 -26.01 -34.43
N LYS A 259 -14.85 -25.26 -33.57
CA LYS A 259 -14.30 -25.83 -32.35
C LYS A 259 -15.39 -26.20 -31.35
N LEU A 260 -16.54 -25.52 -31.40
CA LEU A 260 -17.65 -25.89 -30.53
C LEU A 260 -18.46 -27.04 -31.10
N GLY A 261 -18.49 -27.19 -32.42
CA GLY A 261 -19.05 -28.39 -33.01
C GLY A 261 -18.16 -29.61 -32.79
N ALA A 262 -16.86 -29.40 -32.65
CA ALA A 262 -15.92 -30.49 -32.42
C ALA A 262 -15.79 -30.88 -30.96
N MET A 263 -16.23 -30.05 -30.02
CA MET A 263 -16.06 -30.31 -28.60
C MET A 263 -17.21 -31.15 -28.06
N SER A 264 -16.92 -31.90 -27.00
CA SER A 264 -17.86 -32.85 -26.42
C SER A 264 -19.03 -32.12 -25.77
N GLU A 265 -20.17 -32.81 -25.72
CA GLU A 265 -21.37 -32.29 -25.08
C GLU A 265 -21.34 -32.40 -23.56
N LYS A 266 -20.35 -33.11 -23.00
CA LYS A 266 -20.22 -33.18 -21.55
C LYS A 266 -19.74 -31.86 -20.96
N VAL A 267 -19.03 -31.05 -21.75
CA VAL A 267 -18.58 -29.74 -21.32
C VAL A 267 -19.78 -28.79 -21.45
N ASN A 268 -20.49 -28.57 -20.35
CA ASN A 268 -21.66 -27.71 -20.35
C ASN A 268 -21.85 -27.14 -18.95
N ALA A 269 -22.64 -26.09 -18.87
CA ALA A 269 -23.00 -25.45 -17.61
C ALA A 269 -24.50 -25.60 -17.40
N GLN A 270 -24.92 -26.83 -17.08
CA GLN A 270 -26.34 -27.12 -16.89
C GLN A 270 -26.83 -26.49 -15.58
N ILE A 271 -27.93 -25.75 -15.67
CA ILE A 271 -28.49 -25.04 -14.53
C ILE A 271 -29.38 -25.98 -13.74
N GLU A 272 -28.97 -26.31 -12.52
CA GLU A 272 -29.82 -27.03 -11.59
C GLU A 272 -30.65 -26.01 -10.80
N SER A 273 -31.97 -26.20 -10.80
CA SER A 273 -32.86 -25.26 -10.15
C SER A 273 -32.71 -25.34 -8.63
N PHE A 274 -32.65 -24.17 -7.99
CA PHE A 274 -32.44 -24.09 -6.55
C PHE A 274 -33.79 -23.98 -5.85
N ASP A 275 -34.02 -24.89 -4.91
CA ASP A 275 -35.20 -24.85 -4.06
C ASP A 275 -34.77 -25.19 -2.64
N PRO A 276 -34.88 -24.25 -1.69
CA PRO A 276 -34.45 -24.53 -0.31
C PRO A 276 -35.31 -25.54 0.41
N ARG A 277 -36.52 -25.84 -0.08
CA ARG A 277 -37.32 -26.92 0.48
C ARG A 277 -36.74 -28.29 0.17
N THR A 278 -35.87 -28.40 -0.83
CA THR A 278 -35.30 -29.67 -1.24
C THR A 278 -33.82 -29.83 -0.90
N ILE A 279 -33.14 -28.76 -0.50
CA ILE A 279 -31.72 -28.89 -0.18
C ILE A 279 -31.56 -29.47 1.22
N ARG A 280 -30.39 -30.07 1.45
CA ARG A 280 -30.09 -30.69 2.73
C ARG A 280 -29.43 -29.68 3.67
N GLU A 281 -29.20 -30.12 4.90
CA GLU A 281 -28.51 -29.30 5.89
C GLU A 281 -27.01 -29.52 5.79
N LEU A 282 -26.26 -28.68 6.51
CA LEU A 282 -24.82 -28.83 6.58
C LEU A 282 -24.46 -30.03 7.46
N GLU A 283 -23.49 -30.80 7.00
CA GLU A 283 -23.04 -31.98 7.73
C GLU A 283 -21.96 -31.55 8.72
N LEU A 284 -22.32 -31.51 9.99
CA LEU A 284 -21.36 -31.17 11.03
C LEU A 284 -20.46 -32.37 11.32
N PRO A 285 -19.20 -32.14 11.66
CA PRO A 285 -18.28 -33.26 11.91
C PRO A 285 -18.60 -33.99 13.21
N GLU A 286 -17.98 -35.15 13.36
CA GLU A 286 -18.15 -36.01 14.52
C GLU A 286 -16.84 -36.06 15.31
N GLY A 287 -16.88 -36.82 16.41
CA GLY A 287 -15.71 -36.99 17.27
C GLY A 287 -15.98 -36.49 18.67
N LYS A 288 -14.92 -36.03 19.32
CA LYS A 288 -15.05 -35.46 20.65
C LYS A 288 -15.74 -34.11 20.59
N PHE A 289 -16.19 -33.63 21.75
CA PHE A 289 -16.87 -32.34 21.79
C PHE A 289 -15.86 -31.20 21.66
N CYS A 290 -16.36 -30.06 21.21
CA CYS A 290 -15.53 -28.87 21.07
C CYS A 290 -15.14 -28.32 22.44
N THR A 291 -13.98 -27.68 22.49
CA THR A 291 -13.38 -27.22 23.74
C THR A 291 -13.30 -25.70 23.77
N GLN A 292 -13.32 -25.17 24.99
CA GLN A 292 -13.14 -23.74 25.20
C GLN A 292 -11.71 -23.34 24.83
N ARG A 293 -11.58 -22.31 23.98
CA ARG A 293 -10.28 -21.85 23.54
C ARG A 293 -10.16 -20.33 23.61
N SER A 294 -10.94 -19.68 24.46
CA SER A 294 -10.80 -18.25 24.66
C SER A 294 -9.61 -17.96 25.58
N LYS A 295 -9.15 -16.71 25.54
CA LYS A 295 -8.02 -16.29 26.36
C LYS A 295 -8.42 -16.00 27.80
N PHE A 296 -9.72 -15.96 28.10
CA PHE A 296 -10.20 -15.73 29.45
C PHE A 296 -11.57 -16.37 29.57
N LEU A 297 -12.03 -16.53 30.81
CA LEU A 297 -13.35 -17.09 31.06
C LEU A 297 -14.43 -16.07 30.68
N LEU A 298 -15.60 -16.59 30.33
CA LEU A 298 -16.68 -15.72 29.89
C LEU A 298 -17.86 -15.79 30.85
N MET A 299 -18.76 -16.76 30.66
CA MET A 299 -19.91 -16.90 31.53
C MET A 299 -19.55 -17.45 32.90
N ASP A 300 -18.39 -18.08 33.04
CA ASP A 300 -17.96 -18.70 34.29
C ASP A 300 -16.94 -17.86 35.03
N ALA A 301 -16.74 -16.61 34.63
CA ALA A 301 -15.76 -15.76 35.28
C ALA A 301 -16.34 -15.17 36.56
N MET A 302 -15.57 -15.25 37.65
CA MET A 302 -15.89 -14.60 38.90
C MET A 302 -14.98 -13.38 39.07
N LYS A 303 -15.52 -12.31 39.65
CA LYS A 303 -14.76 -11.08 39.87
C LYS A 303 -14.85 -10.68 41.33
N LEU A 304 -13.69 -10.48 41.96
CA LEU A 304 -13.62 -9.84 43.26
C LEU A 304 -13.64 -8.33 43.04
N SER A 305 -14.60 -7.65 43.66
CA SER A 305 -14.88 -6.26 43.35
C SER A 305 -14.69 -5.37 44.56
N VAL A 306 -14.19 -4.17 44.33
CA VAL A 306 -14.17 -3.11 45.34
C VAL A 306 -15.07 -1.98 44.85
N LEU A 307 -15.94 -1.52 45.73
CA LEU A 307 -16.93 -0.48 45.43
C LEU A 307 -16.40 0.87 45.91
N ASN A 308 -16.34 1.84 44.98
CA ASN A 308 -15.77 3.18 45.14
C ASN A 308 -14.35 3.10 45.68
N PRO A 309 -13.36 2.73 44.87
CA PRO A 309 -12.00 2.53 45.39
C PRO A 309 -11.32 3.86 45.68
N ALA A 310 -10.59 3.88 46.80
CA ALA A 310 -9.88 5.07 47.23
C ALA A 310 -8.67 4.68 48.09
N HIS A 311 -7.93 3.68 47.64
CA HIS A 311 -6.76 3.21 48.37
C HIS A 311 -5.53 4.04 47.96
N GLU A 312 -4.34 3.55 48.29
CA GLU A 312 -3.11 4.32 48.10
C GLU A 312 -2.55 4.22 46.68
N GLY A 313 -3.25 3.55 45.77
CA GLY A 313 -2.82 3.48 44.38
C GLY A 313 -3.98 3.19 43.45
N GLU A 314 -4.98 4.07 43.46
CA GLU A 314 -6.20 3.89 42.67
C GLU A 314 -5.88 4.18 41.21
N GLY A 315 -5.44 3.14 40.50
CA GLY A 315 -5.04 3.29 39.12
C GLY A 315 -3.92 2.34 38.77
N ILE A 316 -3.08 2.05 39.75
CA ILE A 316 -2.01 1.05 39.57
C ILE A 316 -2.65 -0.34 39.53
N PRO A 317 -2.29 -1.19 38.56
CA PRO A 317 -2.99 -2.49 38.44
C PRO A 317 -2.72 -3.46 39.57
N MET A 318 -1.46 -3.56 40.04
CA MET A 318 -1.16 -4.51 41.11
C MET A 318 -1.72 -4.04 42.45
N LYS A 319 -1.80 -2.73 42.68
CA LYS A 319 -2.37 -2.24 43.94
C LYS A 319 -3.88 -2.43 43.97
N ASP A 320 -4.56 -2.22 42.82
CA ASP A 320 -5.97 -2.55 42.72
C ASP A 320 -6.21 -4.05 42.83
N ALA A 321 -5.27 -4.86 42.33
CA ALA A 321 -5.37 -6.31 42.47
C ALA A 321 -5.24 -6.74 43.92
N LYS A 322 -4.32 -6.12 44.67
CA LYS A 322 -4.19 -6.44 46.09
C LYS A 322 -5.39 -5.94 46.89
N ALA A 323 -5.95 -4.79 46.49
CA ALA A 323 -7.15 -4.28 47.15
C ALA A 323 -8.36 -5.17 46.87
N CYS A 324 -8.41 -5.81 45.70
CA CYS A 324 -9.49 -6.76 45.42
C CYS A 324 -9.25 -8.11 46.09
N LEU A 325 -7.99 -8.52 46.22
CA LEU A 325 -7.68 -9.78 46.90
C LEU A 325 -7.89 -9.66 48.41
N ASP A 326 -7.77 -8.46 48.96
CA ASP A 326 -8.03 -8.23 50.38
C ASP A 326 -9.50 -8.03 50.71
N THR A 327 -10.41 -8.52 49.86
CA THR A 327 -11.82 -8.61 50.19
C THR A 327 -12.29 -10.06 50.31
N PHE A 328 -11.44 -11.03 49.96
CA PHE A 328 -11.76 -12.45 50.06
C PHE A 328 -10.93 -13.04 51.20
N TRP A 329 -11.60 -13.56 52.22
CA TRP A 329 -10.95 -14.13 53.39
C TRP A 329 -11.11 -15.64 53.48
N GLY A 330 -11.72 -16.26 52.47
CA GLY A 330 -11.99 -17.68 52.52
C GLY A 330 -10.92 -18.53 51.88
N TRP A 331 -9.67 -18.09 51.95
CA TRP A 331 -8.57 -18.84 51.35
C TRP A 331 -8.28 -20.11 52.13
N LYS A 332 -7.98 -21.18 51.40
CA LYS A 332 -7.58 -22.46 51.99
C LYS A 332 -6.46 -23.04 51.15
N LYS A 333 -6.01 -24.24 51.51
CA LYS A 333 -4.97 -24.91 50.75
C LYS A 333 -5.55 -25.41 49.42
N ALA A 334 -4.88 -25.04 48.33
CA ALA A 334 -5.39 -25.37 47.01
C ALA A 334 -5.18 -26.84 46.70
N THR A 335 -6.24 -27.49 46.21
CA THR A 335 -6.21 -28.89 45.81
C THR A 335 -6.65 -29.02 44.37
N ILE A 336 -5.99 -29.89 43.63
CA ILE A 336 -6.31 -30.13 42.22
C ILE A 336 -7.58 -30.96 42.15
N ILE A 337 -8.66 -30.38 41.66
CA ILE A 337 -9.93 -31.08 41.51
C ILE A 337 -10.24 -31.43 40.07
N LYS A 338 -9.51 -30.89 39.10
CA LYS A 338 -9.70 -31.27 37.70
C LYS A 338 -8.36 -31.18 37.00
N LYS A 339 -7.85 -32.33 36.55
CA LYS A 339 -6.51 -32.39 36.00
C LYS A 339 -6.49 -31.98 34.52
N HIS A 340 -5.43 -31.28 34.13
CA HIS A 340 -5.07 -31.14 32.73
C HIS A 340 -4.39 -32.44 32.30
N GLU A 341 -5.02 -33.16 31.37
CA GLU A 341 -4.63 -34.54 31.11
C GLU A 341 -3.29 -34.66 30.39
N LYS A 342 -2.91 -33.65 29.60
CA LYS A 342 -1.66 -33.69 28.88
C LYS A 342 -0.50 -33.06 29.65
N GLY A 343 -0.76 -32.42 30.78
CA GLY A 343 0.29 -31.72 31.50
C GLY A 343 0.60 -32.25 32.88
N VAL A 344 1.45 -31.53 33.59
CA VAL A 344 1.83 -31.83 34.97
C VAL A 344 1.07 -30.86 35.86
N ASN A 345 0.10 -31.37 36.61
CA ASN A 345 -0.81 -30.51 37.37
C ASN A 345 -0.20 -30.02 38.68
N THR A 346 0.77 -30.75 39.22
CA THR A 346 1.50 -30.27 40.39
C THR A 346 2.29 -29.02 40.07
N ASN A 347 2.74 -28.87 38.82
CA ASN A 347 3.39 -27.65 38.38
C ASN A 347 2.41 -26.46 38.42
N TYR A 348 1.16 -26.67 38.01
CA TYR A 348 0.16 -25.61 38.10
C TYR A 348 -0.16 -25.25 39.55
N LEU A 349 -0.20 -26.27 40.42
CA LEU A 349 -0.42 -26.02 41.84
C LEU A 349 0.72 -25.21 42.46
N MET A 350 1.97 -25.56 42.13
CA MET A 350 3.11 -24.81 42.63
C MET A 350 3.21 -23.41 42.01
N ILE A 351 2.71 -23.26 40.78
CA ILE A 351 2.65 -21.93 40.14
C ILE A 351 1.67 -21.03 40.89
N TRP A 352 0.51 -21.56 41.27
CA TRP A 352 -0.44 -20.76 42.03
C TRP A 352 0.07 -20.45 43.44
N GLU A 353 0.79 -21.41 44.06
CA GLU A 353 1.39 -21.16 45.36
C GLU A 353 2.44 -20.05 45.29
N GLN A 354 3.30 -20.10 44.27
CA GLN A 354 4.32 -19.08 44.08
C GLN A 354 3.70 -17.72 43.78
N LEU A 355 2.64 -17.69 42.97
CA LEU A 355 1.98 -16.44 42.62
C LEU A 355 1.32 -15.80 43.84
N LEU A 356 0.60 -16.59 44.64
CA LEU A 356 -0.06 -16.04 45.82
C LEU A 356 0.96 -15.61 46.88
N GLU A 357 2.05 -16.36 47.03
CA GLU A 357 3.08 -15.97 47.99
C GLU A 357 3.81 -14.71 47.55
N SER A 358 4.07 -14.57 46.25
CA SER A 358 4.75 -13.37 45.76
C SER A 358 3.85 -12.15 45.77
N ILE A 359 2.53 -12.34 45.63
CA ILE A 359 1.60 -11.22 45.78
C ILE A 359 1.52 -10.80 47.25
N LYS A 360 1.58 -11.77 48.17
CA LYS A 360 1.42 -11.44 49.59
C LYS A 360 2.64 -10.72 50.17
N GLU A 361 3.78 -10.76 49.47
CA GLU A 361 4.99 -10.08 49.91
C GLU A 361 5.50 -9.06 48.89
N MET A 362 4.62 -8.64 47.98
CA MET A 362 5.02 -7.72 46.92
C MET A 362 5.20 -6.30 47.46
N GLU A 363 6.29 -5.66 47.07
CA GLU A 363 6.51 -4.25 47.33
C GLU A 363 6.90 -3.58 46.02
N GLY A 364 6.18 -2.52 45.65
CA GLY A 364 6.39 -1.82 44.41
C GLY A 364 5.10 -1.68 43.65
N LYS A 365 5.21 -1.38 42.36
CA LYS A 365 4.05 -1.20 41.49
C LYS A 365 3.91 -2.29 40.44
N PHE A 366 4.92 -3.15 40.26
CA PHE A 366 4.88 -4.27 39.35
C PHE A 366 5.34 -5.53 40.09
N LEU A 367 5.31 -6.66 39.39
CA LEU A 367 5.68 -7.93 40.01
C LEU A 367 6.28 -8.85 38.95
N ASN A 368 7.53 -9.24 39.15
CA ASN A 368 8.21 -10.19 38.28
C ASN A 368 8.51 -11.45 39.08
N LEU A 369 7.99 -12.58 38.61
CA LEU A 369 8.17 -13.83 39.32
C LEU A 369 9.55 -14.42 39.08
N LYS A 370 10.01 -15.21 40.06
CA LYS A 370 11.28 -15.90 39.92
C LYS A 370 11.13 -17.08 38.98
N LYS A 371 12.17 -17.34 38.19
CA LYS A 371 12.11 -18.39 37.19
C LYS A 371 12.33 -19.76 37.81
N THR A 372 11.29 -20.31 38.42
CA THR A 372 11.35 -21.65 39.00
C THR A 372 11.12 -22.70 37.91
N ASN A 373 11.29 -23.97 38.29
CA ASN A 373 11.20 -25.06 37.32
C ASN A 373 9.76 -25.29 36.86
N HIS A 374 8.80 -25.17 37.78
CA HIS A 374 7.40 -25.37 37.40
C HIS A 374 6.88 -24.21 36.55
N LEU A 375 7.33 -23.00 36.85
CA LEU A 375 6.96 -21.85 36.02
C LEU A 375 7.67 -21.88 34.68
N LYS A 376 8.87 -22.47 34.62
CA LYS A 376 9.53 -22.66 33.33
C LYS A 376 8.85 -23.75 32.52
N TRP A 377 8.25 -24.75 33.18
CA TRP A 377 7.48 -25.73 32.44
C TRP A 377 6.17 -25.13 31.92
N GLY A 378 5.49 -24.34 32.76
CA GLY A 378 4.20 -23.80 32.37
C GLY A 378 4.28 -22.72 31.30
N LEU A 379 5.42 -22.07 31.16
CA LEU A 379 5.60 -21.02 30.17
C LEU A 379 6.36 -21.49 28.93
N GLY A 380 6.69 -22.77 28.85
CA GLY A 380 7.36 -23.30 27.68
C GLY A 380 8.81 -22.88 27.54
N GLU A 381 9.51 -22.72 28.65
CA GLU A 381 10.91 -22.31 28.61
C GLU A 381 11.78 -23.47 28.16
N GLY A 382 12.45 -23.30 27.02
CA GLY A 382 13.33 -24.34 26.51
C GLY A 382 12.66 -25.42 25.71
N GLN A 383 11.43 -25.18 25.23
CA GLN A 383 10.74 -26.20 24.43
C GLN A 383 11.12 -26.15 22.96
N ALA A 384 11.63 -25.03 22.47
CA ALA A 384 12.07 -24.96 21.10
C ALA A 384 13.38 -25.72 20.92
N PRO A 385 13.56 -26.43 19.82
CA PRO A 385 14.89 -26.93 19.47
C PRO A 385 15.81 -25.76 19.11
N GLU A 386 17.10 -25.96 19.32
CA GLU A 386 18.08 -24.91 19.07
C GLU A 386 18.27 -24.73 17.56
N LYS A 387 18.02 -23.52 17.08
CA LYS A 387 18.13 -23.24 15.65
C LYS A 387 19.60 -23.08 15.27
N MET A 388 20.09 -23.98 14.41
CA MET A 388 21.43 -23.90 13.86
C MET A 388 21.36 -23.85 12.35
N ASP A 389 22.47 -23.44 11.73
CA ASP A 389 22.54 -23.38 10.28
C ASP A 389 22.72 -24.76 9.69
N PHE A 390 22.28 -24.92 8.44
CA PHE A 390 22.35 -26.20 7.76
C PHE A 390 23.79 -26.60 7.43
N GLU A 391 24.71 -25.63 7.31
CA GLU A 391 26.11 -25.93 7.03
C GLU A 391 26.78 -26.66 8.18
N ASP A 392 26.27 -26.52 9.41
CA ASP A 392 26.79 -27.24 10.56
C ASP A 392 25.93 -28.46 10.92
N CYS A 393 24.80 -28.66 10.25
CA CYS A 393 23.87 -29.74 10.58
C CYS A 393 23.77 -30.76 9.45
N LYS A 394 24.81 -30.87 8.63
CA LYS A 394 24.76 -31.81 7.51
C LYS A 394 24.98 -33.26 7.95
N GLU A 395 25.77 -33.48 8.99
CA GLU A 395 26.10 -34.83 9.44
C GLU A 395 25.10 -35.39 10.45
N VAL A 396 24.00 -34.69 10.69
CA VAL A 396 22.98 -35.19 11.61
C VAL A 396 22.14 -36.23 10.87
N PRO A 397 22.07 -37.47 11.36
CA PRO A 397 21.44 -38.54 10.58
C PRO A 397 19.96 -38.75 10.87
N ASP A 398 19.30 -37.76 11.46
CA ASP A 398 17.88 -37.90 11.80
C ASP A 398 17.17 -36.55 11.68
N LEU A 399 17.50 -35.78 10.66
CA LEU A 399 16.79 -34.53 10.38
C LEU A 399 15.51 -34.86 9.63
N PHE A 400 14.38 -34.68 10.28
CA PHE A 400 13.07 -34.90 9.67
C PHE A 400 12.32 -33.58 9.59
N GLN A 401 11.53 -33.45 8.52
CA GLN A 401 10.73 -32.25 8.29
C GLN A 401 9.65 -32.09 9.35
N TYR A 402 9.27 -30.85 9.62
CA TYR A 402 8.16 -30.56 10.52
C TYR A 402 6.85 -31.12 9.95
N LYS A 403 6.12 -31.85 10.78
CA LYS A 403 4.86 -32.45 10.36
C LYS A 403 3.78 -31.38 10.25
N SER A 404 3.00 -31.46 9.18
CA SER A 404 1.91 -30.53 8.93
C SER A 404 0.60 -31.32 8.88
N GLU A 405 0.18 -31.80 10.04
CA GLU A 405 -1.04 -32.58 10.11
C GLU A 405 -2.27 -31.66 10.17
N PRO A 406 -3.37 -32.06 9.55
CA PRO A 406 -4.61 -31.26 9.65
C PRO A 406 -5.18 -31.32 11.05
N PRO A 407 -5.98 -30.31 11.44
CA PRO A 407 -6.57 -30.33 12.79
C PRO A 407 -7.64 -31.39 12.94
N GLU A 408 -7.71 -31.97 14.12
CA GLU A 408 -8.68 -33.01 14.42
C GLU A 408 -10.09 -32.43 14.49
N LYS A 409 -11.04 -33.13 13.89
CA LYS A 409 -12.42 -32.67 13.89
C LYS A 409 -13.05 -32.82 15.28
N ARG A 410 -13.95 -31.90 15.60
CA ARG A 410 -14.65 -31.92 16.88
C ARG A 410 -16.14 -31.79 16.65
N LYS A 411 -16.92 -32.38 17.56
CA LYS A 411 -18.37 -32.30 17.53
C LYS A 411 -18.83 -31.05 18.26
N LEU A 412 -19.93 -30.47 17.78
CA LEU A 412 -20.52 -29.30 18.42
C LEU A 412 -21.12 -29.67 19.76
N ALA A 413 -20.70 -28.96 20.81
CA ALA A 413 -21.25 -29.12 22.15
C ALA A 413 -22.14 -27.93 22.49
N SER A 414 -22.99 -28.13 23.50
CA SER A 414 -24.03 -27.17 23.83
C SER A 414 -23.56 -26.03 24.72
N TRP A 415 -22.28 -26.00 25.11
CA TRP A 415 -21.83 -24.92 25.98
C TRP A 415 -21.69 -23.59 25.24
N ILE A 416 -21.36 -23.63 23.95
CA ILE A 416 -21.12 -22.39 23.20
C ILE A 416 -22.42 -21.65 22.93
N GLN A 417 -23.54 -22.38 22.80
CA GLN A 417 -24.84 -21.74 22.71
C GLN A 417 -25.23 -21.08 24.03
N SER A 418 -24.85 -21.71 25.15
CA SER A 418 -25.10 -21.10 26.46
C SER A 418 -24.23 -19.86 26.65
N GLU A 419 -22.99 -19.88 26.15
CA GLU A 419 -22.12 -18.71 26.19
C GLU A 419 -22.70 -17.57 25.37
N PHE A 420 -23.22 -17.87 24.18
CA PHE A 420 -23.82 -16.82 23.36
C PHE A 420 -25.14 -16.34 23.94
N ASN A 421 -25.87 -17.20 24.66
CA ASN A 421 -27.08 -16.75 25.34
C ASN A 421 -26.75 -15.81 26.49
N LYS A 422 -25.70 -16.13 27.25
CA LYS A 422 -25.31 -15.26 28.37
C LYS A 422 -24.68 -13.96 27.88
N ALA A 423 -24.01 -13.98 26.73
CA ALA A 423 -23.35 -12.79 26.23
C ALA A 423 -24.33 -11.76 25.66
N SER A 424 -25.54 -12.15 25.33
CA SER A 424 -26.54 -11.24 24.80
C SER A 424 -27.47 -10.68 25.88
N GLU A 425 -27.14 -10.88 27.15
CA GLU A 425 -27.99 -10.47 28.25
C GLU A 425 -27.51 -9.14 28.84
N LEU A 426 -28.46 -8.41 29.44
CA LEU A 426 -28.15 -7.17 30.11
C LEU A 426 -27.56 -7.43 31.50
N THR A 427 -26.61 -6.60 31.90
CA THR A 427 -26.04 -6.62 33.24
C THR A 427 -26.53 -5.41 34.02
N ASN A 428 -26.13 -5.34 35.29
CA ASN A 428 -26.42 -4.19 36.13
C ASN A 428 -25.25 -3.23 36.22
N SER A 429 -24.31 -3.32 35.30
CA SER A 429 -23.12 -2.49 35.30
C SER A 429 -22.92 -1.88 33.92
N ASN A 430 -22.50 -0.62 33.90
CA ASN A 430 -22.11 0.05 32.67
C ASN A 430 -20.63 -0.23 32.41
N TRP A 431 -20.33 -0.84 31.27
CA TRP A 431 -18.97 -1.26 30.98
C TRP A 431 -18.24 -0.35 29.99
N ILE A 432 -18.96 0.39 29.16
CA ILE A 432 -18.34 1.27 28.17
C ILE A 432 -18.58 2.71 28.61
N GLU A 433 -17.49 3.42 28.89
CA GLU A 433 -17.52 4.87 29.04
C GLU A 433 -17.13 5.50 27.71
N PHE A 434 -17.92 6.47 27.26
CA PHE A 434 -17.65 7.16 26.01
C PHE A 434 -17.10 8.55 26.28
N ASP A 435 -16.25 9.01 25.38
CA ASP A 435 -15.63 10.32 25.51
C ASP A 435 -16.62 11.42 25.13
N GLU A 436 -16.22 12.65 25.42
CA GLU A 436 -17.08 13.80 25.13
C GLU A 436 -17.08 14.09 23.63
N LEU A 437 -18.17 14.69 23.18
CA LEU A 437 -18.31 15.16 21.81
C LEU A 437 -18.27 16.68 21.79
N GLY A 438 -18.39 17.24 20.59
CA GLY A 438 -18.71 18.65 20.47
C GLY A 438 -20.19 18.88 20.73
N ASN A 439 -20.55 20.15 20.84
CA ASN A 439 -21.94 20.51 21.09
C ASN A 439 -22.76 20.34 19.81
N ASP A 440 -24.02 19.95 20.00
CA ASP A 440 -24.93 19.73 18.88
C ASP A 440 -25.48 21.08 18.41
N VAL A 441 -25.23 21.41 17.16
CA VAL A 441 -25.76 22.62 16.53
C VAL A 441 -26.78 22.28 15.46
N ALA A 442 -26.45 21.35 14.57
CA ALA A 442 -27.39 20.92 13.54
C ALA A 442 -28.49 20.06 14.15
N PRO A 443 -29.71 20.10 13.58
CA PRO A 443 -30.77 19.21 14.07
C PRO A 443 -30.48 17.74 13.82
N ILE A 444 -29.71 17.41 12.78
CA ILE A 444 -29.32 16.02 12.54
C ILE A 444 -28.35 15.56 13.63
N GLU A 445 -27.59 16.49 14.23
CA GLU A 445 -26.75 16.14 15.36
C GLU A 445 -27.58 15.84 16.61
N HIS A 446 -28.71 16.51 16.79
CA HIS A 446 -29.58 16.21 17.91
C HIS A 446 -30.30 14.88 17.71
N ILE A 447 -30.71 14.59 16.46
CA ILE A 447 -31.31 13.31 16.13
C ILE A 447 -30.32 12.17 16.36
N ALA A 448 -29.07 12.38 15.93
CA ALA A 448 -28.01 11.39 16.14
C ALA A 448 -27.67 11.24 17.62
N SER A 449 -27.78 12.32 18.40
CA SER A 449 -27.51 12.23 19.83
C SER A 449 -28.60 11.44 20.55
N ARG A 450 -29.87 11.63 20.15
CA ARG A 450 -30.94 10.82 20.72
C ARG A 450 -30.82 9.34 20.36
N ARG A 451 -30.49 9.05 19.10
CA ARG A 451 -30.34 7.67 18.67
C ARG A 451 -29.11 7.02 19.32
N ARG A 452 -28.04 7.78 19.50
CA ARG A 452 -26.85 7.29 20.18
C ARG A 452 -27.11 7.07 21.66
N ASN A 453 -27.96 7.90 22.27
CA ASN A 453 -28.33 7.69 23.67
C ASN A 453 -29.16 6.43 23.84
N PHE A 454 -30.06 6.15 22.88
CA PHE A 454 -30.79 4.89 22.90
C PHE A 454 -29.86 3.69 22.71
N PHE A 455 -28.90 3.81 21.78
CA PHE A 455 -27.92 2.74 21.55
C PHE A 455 -27.05 2.50 22.78
N THR A 456 -26.67 3.58 23.47
CA THR A 456 -25.84 3.45 24.66
C THR A 456 -26.63 2.86 25.83
N ALA A 457 -27.92 3.23 25.94
CA ALA A 457 -28.78 2.65 26.96
C ALA A 457 -29.07 1.17 26.69
N GLU A 458 -28.99 0.73 25.45
CA GLU A 458 -29.23 -0.68 25.15
C GLU A 458 -27.97 -1.52 25.01
N VAL A 459 -26.79 -0.92 24.89
CA VAL A 459 -25.60 -1.67 24.54
C VAL A 459 -24.49 -1.59 25.59
N SER A 460 -24.49 -0.59 26.48
CA SER A 460 -23.40 -0.46 27.43
C SER A 460 -23.50 -1.42 28.61
N GLN A 461 -24.71 -1.87 28.95
CA GLN A 461 -24.92 -2.81 30.04
C GLN A 461 -24.92 -4.25 29.58
N CYS A 462 -24.33 -4.54 28.43
CA CYS A 462 -24.32 -5.89 27.87
C CYS A 462 -23.11 -6.67 28.37
N ARG A 463 -23.26 -7.99 28.41
CA ARG A 463 -22.16 -8.86 28.82
C ARG A 463 -21.05 -8.90 27.78
N ALA A 464 -21.41 -8.71 26.50
CA ALA A 464 -20.40 -8.63 25.44
C ALA A 464 -19.55 -7.37 25.57
N SER A 465 -20.11 -6.29 26.14
CA SER A 465 -19.31 -5.10 26.42
C SER A 465 -18.28 -5.37 27.50
N GLU A 466 -18.65 -6.16 28.51
CA GLU A 466 -17.69 -6.59 29.52
C GLU A 466 -16.61 -7.47 28.92
N TYR A 467 -16.98 -8.33 27.96
CA TYR A 467 -15.97 -9.14 27.27
C TYR A 467 -15.05 -8.28 26.43
N ILE A 468 -15.59 -7.21 25.82
CA ILE A 468 -14.79 -6.23 25.08
C ILE A 468 -13.76 -5.58 26.00
N MET A 469 -14.21 -5.11 27.17
CA MET A 469 -13.30 -4.42 28.09
C MET A 469 -12.24 -5.36 28.65
N LYS A 470 -12.62 -6.61 28.95
CA LYS A 470 -11.65 -7.60 29.41
C LYS A 470 -10.60 -7.91 28.35
N ALA A 471 -11.04 -8.10 27.10
CA ALA A 471 -10.11 -8.42 26.03
C ALA A 471 -9.20 -7.26 25.70
N VAL A 472 -9.75 -6.03 25.70
CA VAL A 472 -8.95 -4.85 25.41
C VAL A 472 -7.90 -4.62 26.48
N TYR A 473 -8.28 -4.78 27.76
CA TYR A 473 -7.34 -4.62 28.86
C TYR A 473 -6.24 -5.68 28.82
N ILE A 474 -6.64 -6.94 28.62
CA ILE A 474 -5.69 -8.05 28.59
C ILE A 474 -4.71 -7.92 27.44
N ASN A 475 -5.22 -7.57 26.24
CA ASN A 475 -4.34 -7.47 25.08
C ASN A 475 -3.43 -6.25 25.15
N THR A 476 -3.93 -5.14 25.68
CA THR A 476 -3.11 -3.94 25.82
C THR A 476 -1.98 -4.15 26.83
N ALA A 477 -2.32 -4.71 28.00
CA ALA A 477 -1.31 -4.95 29.02
C ALA A 477 -0.33 -6.04 28.59
N LEU A 478 -0.81 -7.05 27.85
CA LEU A 478 0.07 -8.12 27.40
C LEU A 478 1.01 -7.64 26.31
N LEU A 479 0.54 -6.75 25.42
CA LEU A 479 1.41 -6.19 24.39
C LEU A 479 2.47 -5.26 24.99
N ASN A 480 2.06 -4.41 25.93
CA ASN A 480 3.02 -3.49 26.58
C ASN A 480 4.05 -4.26 27.39
N SER A 481 3.62 -5.31 28.10
CA SER A 481 4.57 -6.12 28.87
C SER A 481 5.44 -6.98 27.95
N SER A 482 4.92 -7.40 26.80
CA SER A 482 5.71 -8.21 25.88
C SER A 482 6.75 -7.37 25.16
N CYS A 483 6.49 -6.09 24.96
CA CYS A 483 7.44 -5.25 24.27
C CYS A 483 8.35 -4.46 25.20
N THR A 484 8.02 -4.34 26.48
CA THR A 484 8.91 -3.66 27.41
C THR A 484 9.71 -4.60 28.31
N ALA A 485 9.15 -5.74 28.69
CA ALA A 485 9.80 -6.69 29.60
C ALA A 485 9.85 -8.05 28.92
N MET A 486 10.80 -8.21 28.00
CA MET A 486 10.88 -9.42 27.19
C MET A 486 11.45 -10.61 27.93
N GLU A 487 12.25 -10.39 28.97
CA GLU A 487 12.88 -11.48 29.71
C GLU A 487 12.27 -11.70 31.08
N GLU A 488 11.32 -10.89 31.50
CA GLU A 488 10.75 -10.99 32.83
C GLU A 488 9.43 -11.77 32.82
N TYR A 489 9.19 -12.50 33.90
CA TYR A 489 7.92 -13.21 34.09
C TYR A 489 6.97 -12.27 34.82
N GLN A 490 6.36 -11.37 34.06
CA GLN A 490 5.52 -10.33 34.63
C GLN A 490 4.15 -10.87 35.00
N VAL A 491 3.60 -10.36 36.08
CA VAL A 491 2.25 -10.69 36.53
C VAL A 491 1.31 -9.60 36.04
N ILE A 492 0.30 -9.99 35.26
CA ILE A 492 -0.69 -9.05 34.77
C ILE A 492 -2.04 -9.40 35.37
N PRO A 493 -2.59 -8.56 36.24
CA PRO A 493 -3.94 -8.83 36.76
C PRO A 493 -5.00 -8.49 35.72
N ILE A 494 -6.13 -9.18 35.82
CA ILE A 494 -7.25 -8.98 34.92
C ILE A 494 -8.20 -8.02 35.63
N ILE A 495 -8.12 -6.74 35.29
CA ILE A 495 -8.82 -5.68 36.00
C ILE A 495 -9.74 -4.96 35.03
N THR A 496 -11.02 -4.87 35.39
CA THR A 496 -11.94 -3.97 34.71
C THR A 496 -12.48 -2.94 35.69
N LYS A 497 -13.07 -1.88 35.15
CA LYS A 497 -13.68 -0.83 35.94
C LYS A 497 -15.02 -0.48 35.33
N CYS A 498 -16.07 -0.56 36.14
CA CYS A 498 -17.43 -0.34 35.66
C CYS A 498 -18.14 0.67 36.56
N ARG A 499 -19.24 1.18 36.05
CA ARG A 499 -20.16 2.02 36.82
C ARG A 499 -21.40 1.20 37.16
N ASP A 500 -22.05 1.54 38.27
CA ASP A 500 -23.29 0.89 38.63
C ASP A 500 -24.45 1.55 37.90
N THR A 501 -25.67 1.13 38.23
CA THR A 501 -26.85 1.81 37.74
C THR A 501 -27.16 3.08 38.52
N SER A 502 -26.47 3.32 39.64
CA SER A 502 -26.57 4.56 40.38
C SER A 502 -25.42 5.53 40.09
N GLY A 503 -24.34 5.05 39.49
CA GLY A 503 -23.21 5.89 39.12
C GLY A 503 -21.96 5.71 39.94
N GLN A 504 -21.87 4.66 40.76
CA GLN A 504 -20.71 4.43 41.60
C GLN A 504 -19.67 3.60 40.87
N ARG A 505 -18.40 3.91 41.11
CA ARG A 505 -17.31 3.17 40.51
C ARG A 505 -17.17 1.79 41.15
N ARG A 506 -16.66 0.83 40.38
CA ARG A 506 -16.39 -0.50 40.90
C ARG A 506 -15.23 -1.11 40.12
N THR A 507 -14.21 -1.56 40.82
CA THR A 507 -13.06 -2.20 40.20
C THR A 507 -13.13 -3.70 40.43
N ASN A 508 -13.07 -4.46 39.34
CA ASN A 508 -13.24 -5.91 39.37
C ASN A 508 -11.95 -6.60 38.96
N LEU A 509 -11.59 -7.64 39.71
CA LEU A 509 -10.45 -8.50 39.41
C LEU A 509 -10.97 -9.88 39.05
N TYR A 510 -10.52 -10.41 37.91
CA TYR A 510 -10.94 -11.72 37.44
C TYR A 510 -9.87 -12.79 37.60
N GLY A 511 -8.64 -12.41 37.89
CA GLY A 511 -7.56 -13.35 37.99
C GLY A 511 -6.25 -12.71 37.57
N PHE A 512 -5.34 -13.54 37.10
CA PHE A 512 -3.98 -13.09 36.83
C PHE A 512 -3.44 -13.77 35.57
N ILE A 513 -2.49 -13.09 34.93
CA ILE A 513 -1.80 -13.59 33.75
C ILE A 513 -0.31 -13.46 34.01
N ILE A 514 0.40 -14.58 33.93
CA ILE A 514 1.85 -14.62 34.06
C ILE A 514 2.43 -14.73 32.67
N LYS A 515 3.06 -13.66 32.19
CA LYS A 515 3.64 -13.65 30.85
C LYS A 515 4.98 -14.37 30.85
N GLY A 516 5.21 -15.17 29.80
CA GLY A 516 6.49 -15.80 29.58
C GLY A 516 7.45 -14.90 28.83
N ARG A 517 8.53 -15.49 28.34
CA ARG A 517 9.50 -14.76 27.55
C ARG A 517 8.89 -14.37 26.20
N SER A 518 9.16 -13.14 25.77
CA SER A 518 8.49 -12.54 24.63
C SER A 518 9.50 -11.82 23.73
N HIS A 519 10.35 -12.60 23.06
CA HIS A 519 11.24 -12.06 22.04
C HIS A 519 10.59 -12.22 20.67
N LEU A 520 9.56 -11.41 20.47
CA LEU A 520 8.68 -11.54 19.30
C LEU A 520 9.28 -10.77 18.13
N ARG A 521 9.74 -11.50 17.12
CA ARG A 521 10.25 -10.90 15.89
C ARG A 521 9.27 -10.99 14.74
N ASN A 522 8.79 -12.19 14.43
CA ASN A 522 7.72 -12.33 13.47
C ASN A 522 6.39 -11.87 14.07
N ASP A 523 5.44 -11.55 13.19
CA ASP A 523 4.11 -11.16 13.66
C ASP A 523 3.31 -12.35 14.17
N THR A 524 3.62 -13.56 13.73
CA THR A 524 2.96 -14.76 14.21
C THR A 524 3.73 -15.46 15.32
N ASP A 525 4.76 -14.82 15.86
CA ASP A 525 5.53 -15.40 16.96
C ASP A 525 4.70 -15.40 18.23
N VAL A 526 4.75 -16.51 18.95
CA VAL A 526 3.86 -16.75 20.08
C VAL A 526 4.58 -16.39 21.37
N VAL A 527 3.99 -15.48 22.15
CA VAL A 527 4.32 -15.32 23.55
C VAL A 527 3.37 -16.18 24.37
N ASN A 528 3.94 -17.04 25.21
CA ASN A 528 3.17 -17.91 26.08
C ASN A 528 2.86 -17.20 27.40
N PHE A 529 1.68 -17.49 27.95
CA PHE A 529 1.31 -16.98 29.25
C PHE A 529 0.50 -18.04 29.99
N ILE A 530 0.38 -17.83 31.29
CA ILE A 530 -0.42 -18.69 32.16
C ILE A 530 -1.55 -17.85 32.72
N SER A 531 -2.79 -18.26 32.44
CA SER A 531 -3.96 -17.57 32.92
C SER A 531 -4.56 -18.33 34.09
N LEU A 532 -4.85 -17.61 35.17
CA LEU A 532 -5.42 -18.15 36.40
C LEU A 532 -6.65 -17.30 36.71
N GLU A 533 -7.84 -17.82 36.41
CA GLU A 533 -9.07 -17.05 36.52
C GLU A 533 -9.96 -17.61 37.63
N PHE A 534 -10.56 -16.72 38.41
CA PHE A 534 -11.50 -17.12 39.45
C PHE A 534 -12.80 -17.61 38.85
N SER A 535 -13.46 -18.52 39.55
CA SER A 535 -14.73 -19.07 39.08
C SER A 535 -15.52 -19.63 40.24
N LEU A 536 -16.83 -19.75 40.02
CA LEU A 536 -17.72 -20.49 40.91
C LEU A 536 -18.30 -21.72 40.23
N THR A 537 -17.83 -22.05 39.03
CA THR A 537 -18.40 -23.12 38.22
C THR A 537 -17.57 -24.38 38.41
N ASP A 538 -18.24 -25.45 38.81
CA ASP A 538 -17.60 -26.75 38.95
C ASP A 538 -17.30 -27.32 37.58
N PRO A 539 -16.04 -27.65 37.25
CA PRO A 539 -15.74 -28.22 35.93
C PRO A 539 -16.18 -29.66 35.75
N ARG A 540 -16.62 -30.34 36.81
CA ARG A 540 -17.08 -31.72 36.70
C ARG A 540 -18.41 -31.83 35.96
N ASN A 541 -19.22 -30.75 35.95
CA ASN A 541 -20.51 -30.77 35.30
C ASN A 541 -20.42 -30.67 33.78
N GLU A 542 -19.27 -30.29 33.25
CA GLU A 542 -19.08 -30.13 31.81
C GLU A 542 -17.60 -30.26 31.48
N ILE A 543 -17.03 -31.45 31.66
CA ILE A 543 -15.58 -31.60 31.65
C ILE A 543 -15.00 -31.51 30.24
N HIS A 544 -15.79 -31.77 29.20
CA HIS A 544 -15.31 -31.67 27.83
C HIS A 544 -15.05 -30.22 27.42
N LYS A 545 -15.66 -29.26 28.12
CA LYS A 545 -15.35 -27.86 27.92
C LYS A 545 -13.94 -27.51 28.41
N TRP A 546 -13.37 -28.30 29.32
CA TRP A 546 -12.15 -27.89 29.98
C TRP A 546 -10.99 -28.86 29.79
N GLU A 547 -10.69 -29.24 28.55
CA GLU A 547 -9.59 -30.16 28.31
C GLU A 547 -8.24 -29.49 28.55
N LYS A 548 -8.12 -28.21 28.23
CA LYS A 548 -6.87 -27.48 28.33
C LYS A 548 -6.62 -26.90 29.72
N TYR A 549 -7.60 -26.97 30.62
CA TYR A 549 -7.52 -26.32 31.92
C TYR A 549 -7.14 -27.32 33.00
N CYS A 550 -6.43 -26.81 34.02
CA CYS A 550 -6.21 -27.52 35.27
C CYS A 550 -6.88 -26.70 36.37
N VAL A 551 -7.99 -27.22 36.90
CA VAL A 551 -8.83 -26.49 37.82
C VAL A 551 -8.52 -26.92 39.24
N LEU A 552 -8.12 -25.95 40.06
CA LEU A 552 -7.90 -26.13 41.49
C LEU A 552 -9.09 -25.58 42.26
N GLU A 553 -9.19 -26.00 43.52
CA GLU A 553 -10.19 -25.46 44.44
C GLU A 553 -9.45 -24.63 45.48
N ILE A 554 -9.60 -23.31 45.40
CA ILE A 554 -8.78 -22.40 46.19
C ILE A 554 -9.52 -21.75 47.34
N GLY A 555 -10.85 -21.73 47.34
CA GLY A 555 -11.50 -21.01 48.40
C GLY A 555 -12.92 -21.45 48.68
N ASP A 556 -13.57 -20.74 49.61
CA ASP A 556 -14.97 -20.92 49.94
C ASP A 556 -15.59 -19.55 50.18
N MET A 557 -16.65 -19.24 49.45
CA MET A 557 -17.31 -17.95 49.53
C MET A 557 -18.75 -18.14 49.99
N GLU A 558 -19.16 -17.33 50.97
CA GLU A 558 -20.54 -17.35 51.45
C GLU A 558 -21.42 -16.66 50.40
N ILE A 559 -22.14 -17.45 49.62
CA ILE A 559 -23.04 -16.94 48.60
C ILE A 559 -24.39 -16.68 49.26
N ARG A 560 -24.75 -15.40 49.36
CA ARG A 560 -26.01 -14.98 49.96
C ARG A 560 -27.04 -14.84 48.84
N THR A 561 -27.94 -15.81 48.75
CA THR A 561 -29.01 -15.79 47.77
C THR A 561 -30.30 -15.28 48.41
N SER A 562 -31.39 -15.31 47.64
CA SER A 562 -32.66 -14.79 48.12
C SER A 562 -33.34 -15.76 49.08
N ILE A 563 -33.57 -16.99 48.64
CA ILE A 563 -34.27 -17.97 49.47
C ILE A 563 -33.37 -18.48 50.59
N SER A 564 -32.14 -18.86 50.25
CA SER A 564 -31.22 -19.39 51.23
C SER A 564 -29.88 -18.66 51.20
N THR A 565 -28.90 -19.16 51.95
CA THR A 565 -27.55 -18.60 51.98
C THR A 565 -26.58 -19.76 52.16
N ILE A 566 -25.79 -20.06 51.13
CA ILE A 566 -24.96 -21.26 51.15
C ILE A 566 -23.50 -20.87 51.11
N MET A 567 -22.61 -21.87 51.07
CA MET A 567 -21.17 -21.65 51.00
C MET A 567 -20.63 -22.39 49.78
N LYS A 568 -20.37 -21.66 48.71
CA LYS A 568 -19.92 -22.31 47.48
C LYS A 568 -18.41 -22.30 47.38
N PRO A 569 -17.81 -23.37 46.87
CA PRO A 569 -16.36 -23.38 46.67
C PRO A 569 -15.95 -22.50 45.50
N VAL A 570 -14.84 -21.79 45.69
CA VAL A 570 -14.26 -20.91 44.68
C VAL A 570 -13.12 -21.66 44.00
N TYR A 571 -13.24 -21.85 42.70
CA TYR A 571 -12.26 -22.55 41.90
C TYR A 571 -11.37 -21.57 41.16
N LEU A 572 -10.20 -22.06 40.75
CA LEU A 572 -9.26 -21.28 39.95
C LEU A 572 -8.93 -22.08 38.70
N TYR A 573 -9.37 -21.58 37.55
CA TYR A 573 -9.08 -22.22 36.27
C TYR A 573 -7.72 -21.75 35.79
N VAL A 574 -6.78 -22.68 35.68
CA VAL A 574 -5.39 -22.38 35.34
C VAL A 574 -5.06 -23.09 34.04
N ARG A 575 -4.57 -22.33 33.06
CA ARG A 575 -4.15 -22.97 31.81
C ARG A 575 -3.01 -22.19 31.18
N THR A 576 -2.22 -22.89 30.38
CA THR A 576 -1.21 -22.28 29.53
C THR A 576 -1.85 -21.91 28.20
N ASN A 577 -1.79 -20.63 27.86
CA ASN A 577 -2.30 -20.15 26.59
C ASN A 577 -1.19 -19.38 25.88
N GLY A 578 -1.45 -18.98 24.65
CA GLY A 578 -0.46 -18.26 23.87
C GLY A 578 -1.13 -17.25 22.98
N THR A 579 -0.39 -16.20 22.62
CA THR A 579 -0.92 -15.19 21.71
C THR A 579 0.22 -14.66 20.85
N SER A 580 -0.14 -13.85 19.87
CA SER A 580 0.83 -13.22 18.97
C SER A 580 0.58 -11.72 18.95
N LYS A 581 1.44 -11.00 18.23
CA LYS A 581 1.32 -9.54 18.19
C LYS A 581 0.13 -9.10 17.35
N ILE A 582 -0.19 -9.84 16.28
CA ILE A 582 -1.35 -9.49 15.46
C ILE A 582 -2.64 -9.84 16.20
N LYS A 583 -2.63 -10.92 16.98
CA LYS A 583 -3.80 -11.29 17.77
C LYS A 583 -4.03 -10.28 18.89
N MET A 584 -2.96 -9.82 19.53
CA MET A 584 -3.08 -8.76 20.54
C MET A 584 -3.50 -7.44 19.91
N LYS A 585 -3.05 -7.18 18.68
CA LYS A 585 -3.43 -5.96 17.97
C LYS A 585 -4.93 -5.95 17.68
N TRP A 586 -5.46 -7.07 17.19
CA TRP A 586 -6.90 -7.14 16.94
C TRP A 586 -7.72 -7.29 18.22
N GLY A 587 -7.11 -7.78 19.30
CA GLY A 587 -7.81 -7.79 20.57
C GLY A 587 -7.90 -6.43 21.22
N MET A 588 -6.92 -5.55 20.96
CA MET A 588 -6.99 -4.19 21.47
C MET A 588 -8.06 -3.36 20.80
N GLU A 589 -8.50 -3.76 19.60
CA GLU A 589 -9.47 -3.00 18.80
C GLU A 589 -10.81 -3.70 18.74
N MET A 590 -11.27 -4.25 19.85
CA MET A 590 -12.56 -4.93 19.90
C MET A 590 -13.74 -3.97 20.00
N ARG A 591 -13.49 -2.68 20.29
CA ARG A 591 -14.57 -1.70 20.34
C ARG A 591 -15.18 -1.44 18.95
N ARG A 592 -14.47 -1.80 17.88
CA ARG A 592 -15.04 -1.84 16.54
C ARG A 592 -16.24 -2.77 16.43
N CYS A 593 -16.34 -3.78 17.31
CA CYS A 593 -17.55 -4.59 17.39
C CYS A 593 -18.78 -3.74 17.69
N LEU A 594 -18.62 -2.73 18.56
CA LEU A 594 -19.69 -1.76 18.81
C LEU A 594 -20.06 -0.99 17.55
N LEU A 595 -19.10 -0.78 16.64
CA LEU A 595 -19.41 -0.18 15.36
C LEU A 595 -20.08 -1.14 14.40
N GLN A 596 -19.87 -2.45 14.54
CA GLN A 596 -20.45 -3.36 13.56
C GLN A 596 -21.92 -3.64 13.84
N SER A 597 -22.29 -3.71 15.11
CA SER A 597 -23.69 -3.94 15.47
C SER A 597 -24.53 -2.71 15.21
N LEU A 598 -24.15 -1.57 15.81
CA LEU A 598 -24.98 -0.38 15.83
C LEU A 598 -25.03 0.34 14.49
N GLN A 599 -24.15 0.02 13.54
CA GLN A 599 -24.34 0.50 12.18
C GLN A 599 -25.47 -0.27 11.50
N GLN A 600 -25.60 -1.56 11.79
CA GLN A 600 -26.61 -2.38 11.15
C GLN A 600 -28.00 -2.01 11.65
N VAL A 601 -28.16 -1.93 12.97
CA VAL A 601 -29.44 -1.62 13.61
C VAL A 601 -29.96 -0.25 13.15
N GLU A 602 -29.07 0.74 13.11
CA GLU A 602 -29.43 2.07 12.63
C GLU A 602 -29.87 2.05 11.18
N SER A 603 -29.25 1.18 10.36
CA SER A 603 -29.71 1.03 8.99
C SER A 603 -31.12 0.45 8.95
N MET A 604 -31.40 -0.53 9.82
CA MET A 604 -32.75 -1.04 9.96
C MET A 604 -33.69 0.00 10.56
N ILE A 605 -33.16 1.00 11.26
CA ILE A 605 -33.99 2.16 11.61
C ILE A 605 -34.20 3.04 10.39
N GLU A 606 -33.10 3.31 9.65
CA GLU A 606 -33.16 4.30 8.58
C GLU A 606 -33.96 3.80 7.40
N ALA A 607 -33.88 2.49 7.12
CA ALA A 607 -34.72 1.88 6.09
C ALA A 607 -36.19 1.95 6.46
N GLU A 608 -36.52 2.02 7.75
CA GLU A 608 -37.89 2.28 8.14
C GLU A 608 -38.20 3.78 8.03
N SER A 609 -37.21 4.62 8.34
CA SER A 609 -37.45 6.06 8.41
C SER A 609 -37.67 6.68 7.03
N ALA A 610 -37.16 6.05 5.97
CA ALA A 610 -37.46 6.49 4.62
C ALA A 610 -38.86 6.11 4.19
N VAL A 611 -39.50 5.15 4.85
CA VAL A 611 -40.84 4.72 4.47
C VAL A 611 -41.90 5.52 5.19
N LYS A 612 -41.76 5.70 6.50
CA LYS A 612 -42.74 6.42 7.29
C LYS A 612 -42.56 7.94 7.20
N GLU A 613 -41.48 8.40 6.56
CA GLU A 613 -41.16 9.82 6.38
C GLU A 613 -41.05 10.57 7.71
N LYS A 614 -40.53 9.89 8.72
CA LYS A 614 -40.32 10.46 10.04
C LYS A 614 -39.20 9.68 10.71
N ASP A 615 -38.69 10.24 11.81
CA ASP A 615 -37.68 9.55 12.59
C ASP A 615 -38.33 8.41 13.37
N MET A 616 -37.89 7.17 13.07
CA MET A 616 -38.49 5.98 13.66
C MET A 616 -37.64 5.40 14.78
N THR A 617 -36.80 6.21 15.42
CA THR A 617 -35.97 5.73 16.51
C THR A 617 -36.80 5.53 17.77
N GLU A 618 -37.55 6.55 18.17
CA GLU A 618 -38.41 6.51 19.35
C GLU A 618 -39.60 5.53 19.21
N PRO A 619 -40.24 5.36 18.05
CA PRO A 619 -41.17 4.21 17.94
C PRO A 619 -40.49 2.85 17.99
N PHE A 620 -39.21 2.75 17.63
CA PHE A 620 -38.53 1.47 17.73
C PHE A 620 -38.18 1.14 19.18
N PHE A 621 -37.65 2.10 19.92
CA PHE A 621 -37.11 1.80 21.25
C PHE A 621 -38.12 1.93 22.37
N ARG A 622 -39.18 2.72 22.20
CA ARG A 622 -40.15 2.93 23.27
C ARG A 622 -41.43 2.12 23.08
N ASN A 623 -41.46 1.21 22.10
CA ASN A 623 -42.63 0.38 21.85
C ASN A 623 -42.16 -1.07 21.72
N ARG A 624 -42.15 -1.79 22.84
CA ARG A 624 -41.76 -3.20 22.85
C ARG A 624 -42.89 -4.03 22.26
N GLU A 625 -42.86 -4.18 20.93
CA GLU A 625 -43.83 -4.98 20.22
C GLU A 625 -43.30 -6.37 19.86
N ASN A 626 -42.02 -6.64 20.13
CA ASN A 626 -41.30 -7.86 19.78
C ASN A 626 -41.41 -8.17 18.30
N ASP A 627 -40.55 -7.55 17.50
CA ASP A 627 -40.72 -7.55 16.04
C ASP A 627 -39.69 -8.37 15.29
N TRP A 628 -38.50 -8.62 15.85
CA TRP A 628 -37.49 -9.28 15.04
C TRP A 628 -37.23 -10.69 15.55
N PRO A 629 -37.23 -11.70 14.68
CA PRO A 629 -36.93 -13.07 15.12
C PRO A 629 -35.45 -13.23 15.46
N ILE A 630 -35.18 -13.73 16.66
CA ILE A 630 -33.79 -13.90 17.08
C ILE A 630 -33.61 -15.18 17.89
N GLY A 631 -34.72 -15.82 18.25
CA GLY A 631 -34.68 -16.93 19.17
C GLY A 631 -35.31 -18.18 18.60
N GLU A 632 -34.97 -19.31 19.23
CA GLU A 632 -35.54 -20.61 18.89
C GLU A 632 -35.80 -21.34 20.20
N SER A 633 -37.06 -21.42 20.57
CA SER A 633 -37.53 -22.13 21.75
C SER A 633 -38.14 -23.46 21.35
N PRO A 634 -38.44 -24.35 22.31
CA PRO A 634 -39.32 -25.49 22.00
C PRO A 634 -40.72 -25.09 21.55
N GLN A 635 -41.21 -23.90 21.92
CA GLN A 635 -42.47 -23.41 21.40
C GLN A 635 -42.35 -22.89 19.97
N GLY A 636 -41.15 -22.61 19.49
CA GLY A 636 -40.97 -22.14 18.13
C GLY A 636 -39.97 -21.01 17.98
N ILE A 637 -40.25 -20.08 17.08
CA ILE A 637 -39.36 -18.95 16.81
C ILE A 637 -39.73 -17.80 17.73
N GLU A 638 -38.75 -17.27 18.44
CA GLU A 638 -38.97 -16.19 19.39
C GLU A 638 -38.56 -14.85 18.78
N LYS A 639 -39.33 -13.82 19.09
CA LYS A 639 -39.08 -12.47 18.63
C LYS A 639 -38.62 -11.59 19.79
N GLY A 640 -37.87 -10.55 19.45
CA GLY A 640 -37.39 -9.58 20.40
C GLY A 640 -37.52 -8.18 19.85
N THR A 641 -37.20 -7.21 20.70
CA THR A 641 -37.25 -5.80 20.38
C THR A 641 -35.94 -5.38 19.71
N ILE A 642 -35.77 -4.08 19.47
CA ILE A 642 -34.62 -3.61 18.72
C ILE A 642 -33.36 -3.59 19.57
N GLY A 643 -33.48 -3.36 20.89
CA GLY A 643 -32.31 -3.41 21.75
C GLY A 643 -31.80 -4.82 21.98
N LYS A 644 -32.70 -5.81 21.95
CA LYS A 644 -32.29 -7.21 21.94
C LYS A 644 -31.48 -7.52 20.68
N VAL A 645 -31.90 -6.96 19.53
CA VAL A 645 -31.15 -7.13 18.29
C VAL A 645 -29.78 -6.46 18.37
N CYS A 646 -29.72 -5.29 19.04
CA CYS A 646 -28.45 -4.62 19.29
C CYS A 646 -27.49 -5.50 20.09
N ARG A 647 -27.99 -6.10 21.18
CA ARG A 647 -27.15 -6.95 22.01
C ARG A 647 -26.75 -8.25 21.31
N VAL A 648 -27.65 -8.80 20.48
CA VAL A 648 -27.34 -10.05 19.78
C VAL A 648 -26.29 -9.82 18.69
N LEU A 649 -26.44 -8.73 17.92
CA LEU A 649 -25.43 -8.41 16.91
C LEU A 649 -24.10 -8.01 17.53
N LEU A 650 -24.13 -7.34 18.69
CA LEU A 650 -22.90 -7.04 19.42
C LEU A 650 -22.20 -8.31 19.88
N ALA A 651 -22.96 -9.25 20.46
CA ALA A 651 -22.39 -10.52 20.90
C ALA A 651 -21.87 -11.34 19.73
N LYS A 652 -22.52 -11.26 18.57
CA LYS A 652 -22.02 -11.95 17.38
C LYS A 652 -20.69 -11.37 16.92
N SER A 653 -20.56 -10.04 16.93
CA SER A 653 -19.30 -9.41 16.55
C SER A 653 -18.20 -9.73 17.57
N VAL A 654 -18.55 -9.75 18.86
CA VAL A 654 -17.58 -10.06 19.92
C VAL A 654 -17.10 -11.50 19.80
N PHE A 655 -18.00 -12.44 19.53
CA PHE A 655 -17.60 -13.83 19.39
C PHE A 655 -16.87 -14.08 18.08
N ASN A 656 -17.14 -13.27 17.04
CA ASN A 656 -16.30 -13.31 15.84
C ASN A 656 -14.88 -12.84 16.14
N SER A 657 -14.75 -11.83 16.99
CA SER A 657 -13.43 -11.30 17.32
C SER A 657 -12.66 -12.24 18.24
N ILE A 658 -13.37 -12.89 19.17
CA ILE A 658 -12.71 -13.76 20.14
C ILE A 658 -12.30 -15.08 19.50
N TYR A 659 -13.23 -15.71 18.78
CA TYR A 659 -12.96 -17.00 18.13
C TYR A 659 -12.60 -16.82 16.66
N ALA A 660 -11.67 -15.91 16.37
CA ALA A 660 -11.26 -15.66 15.00
C ALA A 660 -10.35 -16.76 14.50
N SER A 661 -10.68 -17.33 13.34
CA SER A 661 -9.90 -18.41 12.75
C SER A 661 -10.11 -18.40 11.26
N ALA A 662 -9.32 -19.21 10.56
CA ALA A 662 -9.49 -19.36 9.11
C ALA A 662 -10.74 -20.14 8.78
N GLN A 663 -11.18 -21.01 9.69
CA GLN A 663 -12.41 -21.78 9.51
C GLN A 663 -13.62 -20.85 9.45
N LEU A 664 -13.64 -19.82 10.30
CA LEU A 664 -14.75 -18.86 10.32
C LEU A 664 -14.78 -18.03 9.04
N GLU A 665 -13.61 -17.61 8.56
CA GLU A 665 -13.52 -16.83 7.33
C GLU A 665 -14.00 -17.64 6.13
N GLY A 666 -13.52 -18.88 6.01
CA GLY A 666 -13.94 -19.74 4.92
C GLY A 666 -15.41 -20.09 4.98
N PHE A 667 -15.93 -20.35 6.19
CA PHE A 667 -17.34 -20.68 6.35
C PHE A 667 -18.24 -19.51 6.03
N SER A 668 -17.87 -18.29 6.47
CA SER A 668 -18.67 -17.11 6.17
C SER A 668 -18.68 -16.82 4.68
N ALA A 669 -17.50 -16.87 4.04
CA ALA A 669 -17.41 -16.56 2.62
C ALA A 669 -18.09 -17.62 1.75
N GLU A 670 -18.18 -18.86 2.23
CA GLU A 670 -18.84 -19.88 1.42
C GLU A 670 -20.33 -20.04 1.72
N SER A 671 -20.78 -19.71 2.94
CA SER A 671 -22.19 -19.78 3.26
C SER A 671 -22.94 -18.50 2.90
N ARG A 672 -22.21 -17.41 2.62
CA ARG A 672 -22.85 -16.20 2.10
C ARG A 672 -23.53 -16.45 0.76
N LYS A 673 -22.93 -17.31 -0.08
CA LYS A 673 -23.53 -17.65 -1.36
C LYS A 673 -24.83 -18.42 -1.20
N LEU A 674 -24.89 -19.34 -0.24
CA LEU A 674 -26.12 -20.07 0.00
C LEU A 674 -27.19 -19.19 0.62
N LEU A 675 -26.78 -18.24 1.47
CA LEU A 675 -27.72 -17.23 1.98
C LEU A 675 -28.31 -16.39 0.85
N LEU A 676 -27.46 -15.97 -0.10
CA LEU A 676 -27.94 -15.20 -1.24
C LEU A 676 -28.82 -16.04 -2.17
N LEU A 677 -28.57 -17.34 -2.25
CA LEU A 677 -29.44 -18.22 -3.04
C LEU A 677 -30.82 -18.36 -2.40
N ILE A 678 -30.86 -18.50 -1.07
CA ILE A 678 -32.13 -18.55 -0.36
C ILE A 678 -32.89 -17.23 -0.51
N GLN A 679 -32.15 -16.11 -0.45
CA GLN A 679 -32.78 -14.79 -0.63
C GLN A 679 -33.31 -14.61 -2.04
N ALA A 680 -32.57 -15.10 -3.05
CA ALA A 680 -33.03 -15.01 -4.43
C ALA A 680 -34.22 -15.91 -4.69
N PHE A 681 -34.35 -17.02 -3.96
CA PHE A 681 -35.57 -17.80 -4.05
C PHE A 681 -36.74 -17.06 -3.41
N ARG A 682 -36.51 -16.41 -2.27
CA ARG A 682 -37.61 -15.70 -1.60
C ARG A 682 -38.01 -14.42 -2.33
N ASP A 683 -37.18 -13.91 -3.23
CA ASP A 683 -37.50 -12.74 -4.02
C ASP A 683 -38.21 -13.07 -5.33
N ASN A 684 -38.54 -14.35 -5.54
CA ASN A 684 -39.15 -14.87 -6.78
C ASN A 684 -38.29 -14.53 -8.00
N LEU A 685 -36.98 -14.78 -7.87
CA LEU A 685 -36.03 -14.48 -8.94
C LEU A 685 -35.49 -15.74 -9.61
N ASP A 686 -36.08 -16.91 -9.29
CA ASP A 686 -35.81 -18.22 -9.90
C ASP A 686 -34.33 -18.58 -9.86
N PRO A 687 -33.77 -18.89 -8.69
CA PRO A 687 -32.33 -19.11 -8.61
C PRO A 687 -31.92 -20.48 -9.14
N GLY A 688 -30.70 -20.53 -9.65
CA GLY A 688 -30.14 -21.76 -10.16
C GLY A 688 -28.66 -21.84 -9.85
N THR A 689 -28.19 -23.07 -9.72
CA THR A 689 -26.77 -23.34 -9.46
C THR A 689 -26.19 -24.12 -10.63
N PHE A 690 -24.87 -24.29 -10.59
CA PHE A 690 -24.17 -25.15 -11.52
C PHE A 690 -23.48 -26.33 -10.85
N ASP A 691 -23.17 -26.22 -9.55
CA ASP A 691 -22.60 -27.31 -8.76
C ASP A 691 -22.87 -27.07 -7.29
N LEU A 692 -24.07 -27.44 -6.83
CA LEU A 692 -24.43 -27.23 -5.42
C LEU A 692 -23.70 -28.21 -4.51
N LYS A 693 -23.37 -29.40 -5.03
CA LYS A 693 -22.60 -30.37 -4.26
C LYS A 693 -21.20 -29.86 -3.95
N GLY A 694 -20.56 -29.22 -4.93
CA GLY A 694 -19.27 -28.61 -4.69
C GLY A 694 -19.33 -27.43 -3.74
N LEU A 695 -20.44 -26.69 -3.75
CA LEU A 695 -20.63 -25.61 -2.78
C LEU A 695 -20.79 -26.15 -1.38
N TYR A 696 -21.53 -27.25 -1.22
CA TYR A 696 -21.66 -27.88 0.08
C TYR A 696 -20.33 -28.46 0.56
N GLU A 697 -19.51 -28.98 -0.36
CA GLU A 697 -18.19 -29.46 0.00
C GLU A 697 -17.28 -28.31 0.44
N ALA A 698 -17.36 -27.17 -0.25
CA ALA A 698 -16.57 -26.01 0.14
C ALA A 698 -17.02 -25.41 1.47
N ILE A 699 -18.31 -25.53 1.79
CA ILE A 699 -18.78 -25.06 3.09
C ILE A 699 -18.32 -26.01 4.20
N GLU A 700 -18.54 -27.32 4.01
CA GLU A 700 -18.23 -28.29 5.05
C GLU A 700 -16.73 -28.59 5.17
N GLU A 701 -15.91 -28.10 4.24
CA GLU A 701 -14.47 -28.17 4.42
C GLU A 701 -13.99 -27.25 5.53
N CYS A 702 -14.70 -26.14 5.76
CA CYS A 702 -14.30 -25.14 6.74
C CYS A 702 -14.93 -25.36 8.11
N ILE A 703 -15.54 -26.53 8.33
CA ILE A 703 -16.16 -26.83 9.62
C ILE A 703 -15.38 -27.97 10.27
N ILE A 704 -14.37 -27.62 11.08
CA ILE A 704 -13.43 -28.61 11.60
C ILE A 704 -13.60 -28.77 13.10
N ASN A 705 -13.10 -27.80 13.88
CA ASN A 705 -13.11 -27.95 15.33
C ASN A 705 -13.37 -26.68 16.12
N ASP A 706 -13.52 -25.52 15.48
CA ASP A 706 -13.78 -24.31 16.25
C ASP A 706 -15.24 -24.29 16.68
N PRO A 707 -15.53 -24.02 17.97
CA PRO A 707 -16.91 -24.08 18.44
C PRO A 707 -17.81 -22.99 17.89
N TRP A 708 -17.23 -21.85 17.53
CA TRP A 708 -18.02 -20.75 16.97
C TRP A 708 -18.43 -21.06 15.53
N VAL A 709 -17.56 -21.73 14.78
CA VAL A 709 -17.91 -22.14 13.42
C VAL A 709 -18.94 -23.26 13.44
N LEU A 710 -18.83 -24.18 14.42
CA LEU A 710 -19.83 -25.22 14.59
C LEU A 710 -21.19 -24.63 15.00
N LEU A 711 -21.17 -23.62 15.86
CA LEU A 711 -22.40 -22.96 16.27
C LEU A 711 -23.02 -22.17 15.12
N ASN A 712 -22.19 -21.56 14.27
CA ASN A 712 -22.72 -20.85 13.11
C ASN A 712 -23.26 -21.81 12.06
N ALA A 713 -22.67 -23.00 11.93
CA ALA A 713 -23.22 -24.01 11.03
C ALA A 713 -24.56 -24.54 11.53
N SER A 714 -24.67 -24.78 12.84
CA SER A 714 -25.96 -25.16 13.42
C SER A 714 -26.99 -24.04 13.30
N TRP A 715 -26.54 -22.78 13.39
CA TRP A 715 -27.43 -21.64 13.20
C TRP A 715 -27.94 -21.54 11.77
N PHE A 716 -27.07 -21.83 10.79
CA PHE A 716 -27.52 -21.86 9.40
C PHE A 716 -28.49 -23.01 9.15
N ASN A 717 -28.27 -24.16 9.79
CA ASN A 717 -29.22 -25.27 9.66
C ASN A 717 -30.57 -24.92 10.28
N SER A 718 -30.56 -24.22 11.41
CA SER A 718 -31.81 -23.80 12.04
C SER A 718 -32.52 -22.74 11.20
N PHE A 719 -31.76 -21.84 10.57
CA PHE A 719 -32.36 -20.84 9.69
C PHE A 719 -32.94 -21.48 8.43
N LEU A 720 -32.28 -22.51 7.91
CA LEU A 720 -32.80 -23.23 6.75
C LEU A 720 -34.07 -23.99 7.09
N LYS A 721 -34.12 -24.61 8.26
CA LYS A 721 -35.34 -25.29 8.70
C LYS A 721 -36.47 -24.30 8.96
N ALA A 722 -36.15 -23.10 9.46
CA ALA A 722 -37.17 -22.08 9.65
C ALA A 722 -37.69 -21.54 8.32
N VAL A 723 -36.81 -21.42 7.33
CA VAL A 723 -37.23 -21.01 5.98
C VAL A 723 -38.13 -22.07 5.35
N GLN A 724 -37.77 -23.35 5.52
CA GLN A 724 -38.60 -24.44 5.01
C GLN A 724 -39.95 -24.51 5.72
N LEU A 725 -39.99 -24.22 7.03
CA LEU A 725 -41.27 -24.20 7.73
C LEU A 725 -42.09 -22.98 7.38
N SER A 726 -41.45 -21.89 6.93
CA SER A 726 -42.19 -20.71 6.52
C SER A 726 -42.91 -20.91 5.20
N MET A 727 -42.47 -21.88 4.39
CA MET A 727 -43.07 -22.16 3.09
C MET A 727 -43.74 -23.53 3.17
N GLY A 728 -45.04 -23.52 3.47
CA GLY A 728 -45.80 -24.75 3.58
C GLY A 728 -47.20 -24.65 3.00
N MET B 10 -34.73 -20.13 25.70
CA MET B 10 -34.64 -19.68 24.31
C MET B 10 -33.19 -19.62 23.83
N ASP B 11 -32.88 -20.38 22.79
CA ASP B 11 -31.57 -20.33 22.16
C ASP B 11 -31.54 -19.19 21.14
N VAL B 12 -30.55 -18.32 21.28
CA VAL B 12 -30.46 -17.11 20.46
C VAL B 12 -29.78 -17.46 19.13
N ASN B 13 -30.44 -17.11 18.03
CA ASN B 13 -29.91 -17.30 16.68
C ASN B 13 -29.89 -15.95 15.96
N PRO B 14 -28.71 -15.39 15.67
CA PRO B 14 -28.67 -14.13 14.90
C PRO B 14 -29.11 -14.31 13.45
N MET B 15 -28.87 -15.49 12.87
CA MET B 15 -29.21 -15.76 11.47
C MET B 15 -30.71 -15.78 11.21
N LEU B 16 -31.54 -15.87 12.26
CA LEU B 16 -32.98 -15.71 12.13
C LEU B 16 -33.40 -14.26 11.90
N ILE B 17 -32.48 -13.30 11.87
CA ILE B 17 -32.84 -11.95 11.46
C ILE B 17 -33.09 -11.87 9.97
N PHE B 18 -32.63 -12.86 9.19
CA PHE B 18 -32.85 -12.90 7.76
C PHE B 18 -34.25 -13.39 7.39
N LEU B 19 -35.05 -13.81 8.37
CA LEU B 19 -36.45 -14.13 8.10
C LEU B 19 -37.27 -12.87 7.86
N LYS B 20 -36.89 -11.76 8.50
CA LYS B 20 -37.59 -10.49 8.35
C LYS B 20 -36.84 -9.51 7.47
N VAL B 21 -35.51 -9.46 7.59
CA VAL B 21 -34.68 -8.54 6.82
C VAL B 21 -34.14 -9.30 5.60
N PRO B 22 -34.08 -8.68 4.42
CA PRO B 22 -33.36 -9.30 3.31
C PRO B 22 -31.87 -9.43 3.60
N VAL B 23 -31.23 -10.35 2.87
CA VAL B 23 -29.86 -10.72 3.17
C VAL B 23 -28.90 -9.60 2.80
N GLN B 24 -29.17 -8.90 1.69
CA GLN B 24 -28.31 -7.79 1.26
C GLN B 24 -28.43 -6.59 2.20
N ASN B 25 -29.59 -6.40 2.82
CA ASN B 25 -29.78 -5.30 3.76
C ASN B 25 -29.13 -5.57 5.11
N ALA B 26 -28.66 -6.79 5.37
CA ALA B 26 -27.94 -7.15 6.57
C ALA B 26 -26.71 -7.98 6.23
N ILE B 27 -26.06 -7.64 5.12
CA ILE B 27 -24.94 -8.44 4.62
C ILE B 27 -23.69 -8.24 5.46
N SER B 28 -23.58 -7.12 6.17
CA SER B 28 -22.40 -6.83 6.98
C SER B 28 -22.27 -7.74 8.19
N THR B 29 -23.37 -8.41 8.59
CA THR B 29 -23.28 -9.43 9.63
C THR B 29 -22.61 -10.70 9.13
N THR B 30 -22.55 -10.92 7.83
CA THR B 30 -21.89 -12.09 7.27
C THR B 30 -20.40 -11.92 7.09
N PHE B 31 -19.85 -10.75 7.45
CA PHE B 31 -18.42 -10.48 7.34
C PHE B 31 -17.82 -10.40 8.73
N PRO B 32 -17.15 -11.45 9.23
CA PRO B 32 -16.53 -11.41 10.56
C PRO B 32 -15.17 -10.71 10.55
N TYR B 33 -15.21 -9.40 10.32
CA TYR B 33 -14.01 -8.63 10.07
C TYR B 33 -13.51 -7.89 11.31
N THR B 34 -13.98 -8.27 12.49
CA THR B 34 -13.47 -7.71 13.74
C THR B 34 -12.35 -8.53 14.37
N GLY B 35 -12.19 -9.78 13.96
CA GLY B 35 -11.10 -10.62 14.43
C GLY B 35 -9.87 -10.50 13.55
N ASP B 36 -8.83 -11.20 13.96
CA ASP B 36 -7.60 -11.16 13.19
C ASP B 36 -7.72 -12.02 11.93
N PRO B 37 -7.20 -11.55 10.80
CA PRO B 37 -7.23 -12.35 9.58
C PRO B 37 -6.27 -13.53 9.67
N PRO B 38 -6.46 -14.56 8.83
CA PRO B 38 -5.52 -15.69 8.85
C PRO B 38 -4.16 -15.31 8.29
N TYR B 39 -3.11 -15.67 9.00
CA TYR B 39 -1.74 -15.49 8.56
C TYR B 39 -1.09 -16.83 8.29
N SER B 40 0.00 -16.80 7.54
CA SER B 40 0.77 -18.00 7.24
C SER B 40 1.99 -18.07 8.16
N HIS B 41 2.23 -19.26 8.70
CA HIS B 41 3.36 -19.49 9.60
C HIS B 41 4.44 -20.23 8.84
N GLY B 42 5.66 -19.70 8.87
CA GLY B 42 6.76 -20.36 8.20
C GLY B 42 6.82 -20.12 6.70
N THR B 43 7.20 -21.15 5.96
CA THR B 43 7.53 -21.02 4.55
C THR B 43 6.28 -21.00 3.67
N GLY B 44 6.50 -20.66 2.40
CA GLY B 44 5.47 -20.75 1.40
C GLY B 44 5.87 -21.66 0.27
N THR B 45 6.74 -22.64 0.58
CA THR B 45 7.27 -23.54 -0.44
C THR B 45 6.22 -24.56 -0.87
N GLY B 46 5.39 -25.03 0.06
CA GLY B 46 4.35 -25.97 -0.28
C GLY B 46 3.27 -25.38 -1.16
N TYR B 47 2.94 -24.10 -0.94
CA TYR B 47 1.96 -23.43 -1.80
C TYR B 47 2.53 -23.16 -3.18
N THR B 48 3.84 -22.88 -3.28
CA THR B 48 4.49 -22.73 -4.57
C THR B 48 4.49 -24.05 -5.34
N MET B 49 4.81 -25.15 -4.65
CA MET B 49 4.76 -26.47 -5.28
C MET B 49 3.35 -26.86 -5.69
N ASP B 50 2.35 -26.48 -4.87
CA ASP B 50 0.96 -26.70 -5.23
C ASP B 50 0.57 -25.92 -6.48
N THR B 51 1.06 -24.68 -6.59
CA THR B 51 0.77 -23.87 -7.77
C THR B 51 1.38 -24.47 -9.02
N VAL B 52 2.64 -24.93 -8.94
CA VAL B 52 3.30 -25.51 -10.11
C VAL B 52 2.66 -26.84 -10.49
N ILE B 53 2.26 -27.64 -9.49
CA ILE B 53 1.63 -28.94 -9.77
C ILE B 53 0.24 -28.75 -10.37
N ARG B 54 -0.54 -27.79 -9.87
CA ARG B 54 -1.85 -27.53 -10.47
C ARG B 54 -1.73 -26.88 -11.84
N THR B 55 -0.67 -26.11 -12.08
CA THR B 55 -0.48 -25.50 -13.39
C THR B 55 -0.07 -26.56 -14.42
N HIS B 56 0.74 -27.53 -14.01
CA HIS B 56 1.12 -28.60 -14.93
C HIS B 56 0.10 -29.73 -14.97
N ASP B 57 -0.90 -29.72 -14.09
CA ASP B 57 -1.95 -30.74 -14.14
C ASP B 57 -3.14 -30.30 -14.99
N TYR B 58 -3.44 -29.00 -15.03
CA TYR B 58 -4.47 -28.48 -15.90
C TYR B 58 -4.02 -28.37 -17.35
N SER B 59 -2.73 -28.59 -17.61
CA SER B 59 -2.14 -28.47 -18.94
C SER B 59 -1.42 -29.75 -19.35
N SER B 60 -1.73 -30.87 -18.70
CA SER B 60 -0.89 -32.06 -18.75
C SER B 60 -0.92 -32.77 -20.11
N ARG B 61 -1.94 -32.54 -20.93
CA ARG B 61 -2.01 -33.15 -22.25
C ARG B 61 -1.37 -32.29 -23.33
N GLY B 62 -0.29 -31.57 -23.00
CA GLY B 62 0.41 -30.74 -23.95
C GLY B 62 1.71 -31.35 -24.42
N ILE B 63 2.51 -30.52 -25.08
CA ILE B 63 3.80 -30.91 -25.62
C ILE B 63 4.90 -30.50 -24.66
N TRP B 64 5.81 -31.42 -24.36
CA TRP B 64 6.97 -31.14 -23.52
C TRP B 64 8.17 -30.85 -24.39
N LYS B 65 8.79 -29.68 -24.18
CA LYS B 65 9.97 -29.26 -24.91
C LYS B 65 11.06 -28.90 -23.92
N THR B 66 12.30 -29.27 -24.25
CA THR B 66 13.46 -28.84 -23.48
C THR B 66 13.98 -27.54 -24.06
N ASN B 67 14.10 -26.52 -23.21
CA ASN B 67 14.56 -25.21 -23.67
C ASN B 67 16.06 -25.25 -23.97
N SER B 68 16.43 -24.68 -25.11
CA SER B 68 17.81 -24.71 -25.56
C SER B 68 18.69 -23.67 -24.87
N GLU B 69 18.10 -22.76 -24.10
CA GLU B 69 18.85 -21.69 -23.44
C GLU B 69 18.97 -21.87 -21.95
N THR B 70 17.93 -22.38 -21.28
CA THR B 70 17.95 -22.57 -19.84
C THR B 70 17.93 -24.03 -19.43
N GLY B 71 17.62 -24.95 -20.34
CA GLY B 71 17.55 -26.36 -20.01
C GLY B 71 16.33 -26.77 -19.23
N ALA B 72 15.32 -25.91 -19.12
CA ALA B 72 14.14 -26.19 -18.33
C ALA B 72 13.12 -26.96 -19.15
N GLN B 73 12.41 -27.88 -18.49
CA GLN B 73 11.33 -28.63 -19.12
C GLN B 73 10.10 -27.72 -19.22
N GLN B 74 9.67 -27.44 -20.44
CA GLN B 74 8.57 -26.52 -20.69
C GLN B 74 7.40 -27.25 -21.32
N LEU B 75 6.21 -26.95 -20.83
CA LEU B 75 4.98 -27.61 -21.25
C LEU B 75 4.14 -26.65 -22.09
N ASN B 76 3.74 -27.11 -23.27
CA ASN B 76 2.99 -26.28 -24.21
C ASN B 76 1.59 -26.86 -24.40
N PRO B 77 0.57 -26.31 -23.74
CA PRO B 77 -0.80 -26.83 -23.88
C PRO B 77 -1.64 -26.14 -24.95
N ILE B 78 -1.08 -25.20 -25.70
CA ILE B 78 -1.86 -24.42 -26.66
C ILE B 78 -2.12 -25.28 -27.89
N ASP B 79 -3.35 -25.22 -28.40
CA ASP B 79 -3.86 -26.02 -29.51
C ASP B 79 -3.72 -27.52 -29.23
N GLY B 80 -3.96 -27.89 -27.96
CA GLY B 80 -3.95 -29.26 -27.57
C GLY B 80 -5.31 -29.90 -27.81
N PRO B 81 -5.58 -31.01 -27.12
CA PRO B 81 -6.89 -31.63 -27.25
C PRO B 81 -7.97 -30.81 -26.57
N LEU B 82 -9.16 -30.84 -27.15
CA LEU B 82 -10.30 -30.13 -26.58
C LEU B 82 -10.70 -30.77 -25.25
N PRO B 83 -11.22 -29.98 -24.30
CA PRO B 83 -11.63 -30.56 -23.01
C PRO B 83 -12.81 -31.50 -23.16
N GLU B 84 -12.78 -32.57 -22.37
CA GLU B 84 -13.82 -33.59 -22.40
C GLU B 84 -14.71 -33.57 -21.17
N ASP B 85 -14.37 -32.78 -20.15
CA ASP B 85 -15.17 -32.69 -18.93
C ASP B 85 -15.20 -31.24 -18.48
N ASN B 86 -15.79 -31.00 -17.32
CA ASN B 86 -15.93 -29.67 -16.75
C ASN B 86 -14.80 -29.32 -15.79
N GLU B 87 -13.70 -30.07 -15.83
CA GLU B 87 -12.54 -29.75 -15.01
C GLU B 87 -11.81 -28.54 -15.60
N PRO B 88 -11.02 -27.83 -14.79
CA PRO B 88 -10.26 -26.69 -15.32
C PRO B 88 -9.19 -27.13 -16.31
N SER B 89 -9.12 -26.44 -17.44
CA SER B 89 -8.22 -26.78 -18.52
C SER B 89 -7.46 -25.54 -18.98
N GLY B 90 -6.23 -25.77 -19.43
CA GLY B 90 -5.43 -24.69 -19.98
C GLY B 90 -5.10 -24.91 -21.45
N TYR B 91 -6.02 -25.55 -22.17
CA TYR B 91 -5.83 -25.80 -23.60
C TYR B 91 -6.60 -24.76 -24.40
N ALA B 92 -6.06 -23.55 -24.40
CA ALA B 92 -6.64 -22.46 -25.16
C ALA B 92 -6.26 -22.59 -26.62
N GLN B 93 -7.24 -22.45 -27.51
CA GLN B 93 -7.00 -22.49 -28.95
C GLN B 93 -6.67 -21.09 -29.43
N THR B 94 -5.56 -20.95 -30.17
CA THR B 94 -5.10 -19.62 -30.55
C THR B 94 -5.97 -19.02 -31.65
N ASP B 95 -6.62 -19.85 -32.47
CA ASP B 95 -7.47 -19.34 -33.54
C ASP B 95 -8.76 -18.73 -32.96
N CYS B 96 -9.29 -19.33 -31.89
CA CYS B 96 -10.46 -18.77 -31.24
C CYS B 96 -10.11 -17.49 -30.48
N VAL B 97 -8.91 -17.41 -29.92
CA VAL B 97 -8.43 -16.19 -29.29
C VAL B 97 -8.30 -15.07 -30.31
N LEU B 98 -7.71 -15.38 -31.47
CA LEU B 98 -7.57 -14.38 -32.53
C LEU B 98 -8.92 -13.98 -33.10
N GLU B 99 -9.88 -14.90 -33.18
CA GLU B 99 -11.22 -14.57 -33.63
C GLU B 99 -11.94 -13.65 -32.64
N LEU B 100 -11.75 -13.89 -31.34
CA LEU B 100 -12.37 -13.01 -30.34
C LEU B 100 -11.74 -11.62 -30.32
N ILE B 101 -10.42 -11.54 -30.50
CA ILE B 101 -9.78 -10.23 -30.56
C ILE B 101 -10.15 -9.50 -31.85
N GLU B 102 -10.33 -10.24 -32.96
CA GLU B 102 -10.79 -9.63 -34.21
C GLU B 102 -12.23 -9.13 -34.08
N GLY B 103 -13.09 -9.87 -33.39
CA GLY B 103 -14.44 -9.39 -33.14
C GLY B 103 -14.49 -8.21 -32.20
N LEU B 104 -13.56 -8.16 -31.23
CA LEU B 104 -13.47 -7.01 -30.34
C LEU B 104 -12.98 -5.77 -31.08
N ASP B 105 -12.09 -5.96 -32.06
CA ASP B 105 -11.66 -4.84 -32.90
C ASP B 105 -12.76 -4.40 -33.85
N ARG B 106 -13.56 -5.35 -34.35
CA ARG B 106 -14.65 -5.02 -35.27
C ARG B 106 -15.79 -4.32 -34.55
N SER B 107 -16.03 -4.66 -33.28
CA SER B 107 -17.07 -3.99 -32.51
C SER B 107 -16.64 -2.61 -32.03
N HIS B 108 -15.35 -2.32 -32.00
CA HIS B 108 -14.82 -1.03 -31.57
C HIS B 108 -13.79 -0.57 -32.58
N PRO B 109 -14.21 0.11 -33.65
CA PRO B 109 -13.24 0.59 -34.66
C PRO B 109 -12.43 1.76 -34.14
N GLY B 110 -11.12 1.69 -34.32
CA GLY B 110 -10.22 2.72 -33.86
C GLY B 110 -9.76 2.59 -32.43
N LEU B 111 -10.18 1.54 -31.72
CA LEU B 111 -9.78 1.37 -30.32
C LEU B 111 -8.32 0.94 -30.21
N PHE B 112 -7.94 -0.08 -30.98
CA PHE B 112 -6.59 -0.63 -30.88
C PHE B 112 -5.55 0.36 -31.39
N GLU B 113 -5.89 1.12 -32.43
CA GLU B 113 -4.95 2.10 -32.98
C GLU B 113 -4.74 3.26 -32.01
N THR B 114 -5.81 3.72 -31.36
CA THR B 114 -5.68 4.79 -30.37
C THR B 114 -4.91 4.32 -29.14
N ALA B 115 -5.15 3.08 -28.69
CA ALA B 115 -4.44 2.54 -27.54
C ALA B 115 -2.96 2.35 -27.85
N CYS B 116 -2.64 1.85 -29.05
CA CYS B 116 -1.25 1.71 -29.46
C CYS B 116 -0.57 3.05 -29.64
N GLN B 117 -1.29 4.07 -30.09
CA GLN B 117 -0.69 5.40 -30.25
C GLN B 117 -0.39 6.03 -28.90
N GLU B 118 -1.29 5.86 -27.92
CA GLU B 118 -1.02 6.36 -26.58
C GLU B 118 0.12 5.59 -25.92
N THR B 119 0.21 4.28 -26.18
CA THR B 119 1.32 3.50 -25.63
C THR B 119 2.65 3.89 -26.26
N ILE B 120 2.66 4.19 -27.56
CA ILE B 120 3.87 4.66 -28.23
C ILE B 120 4.29 6.02 -27.71
N ASP B 121 3.32 6.92 -27.48
CA ASP B 121 3.63 8.23 -26.91
C ASP B 121 4.15 8.14 -25.48
N ALA B 122 3.65 7.17 -24.70
CA ALA B 122 4.13 7.02 -23.34
C ALA B 122 5.42 6.22 -23.24
N ILE B 123 5.78 5.47 -24.28
CA ILE B 123 7.06 4.76 -24.27
C ILE B 123 8.22 5.73 -24.42
N GLN B 124 8.06 6.75 -25.26
CA GLN B 124 9.12 7.74 -25.50
C GLN B 124 9.37 8.64 -24.31
N GLN B 125 8.43 8.72 -23.36
CA GLN B 125 8.54 9.64 -22.24
C GLN B 125 8.85 8.95 -20.91
N THR B 126 8.80 7.62 -20.85
CA THR B 126 9.00 6.91 -19.59
C THR B 126 10.49 6.81 -19.27
N ARG B 127 10.82 7.04 -18.00
CA ARG B 127 12.19 6.96 -17.52
C ARG B 127 12.43 5.66 -16.76
N VAL B 128 13.67 5.46 -16.31
CA VAL B 128 14.02 4.23 -15.62
C VAL B 128 13.46 4.23 -14.20
N ASP B 129 13.38 5.39 -13.54
CA ASP B 129 12.94 5.48 -12.16
C ASP B 129 11.46 5.19 -11.97
N LYS B 130 10.69 5.09 -13.07
CA LYS B 130 9.34 4.53 -13.01
C LYS B 130 9.34 3.12 -12.44
N LEU B 131 10.40 2.34 -12.71
CA LEU B 131 10.56 1.03 -12.11
C LEU B 131 10.78 1.06 -10.60
N THR B 132 11.02 2.24 -10.01
CA THR B 132 11.04 2.34 -8.55
C THR B 132 9.65 2.47 -7.95
N GLN B 133 8.59 2.42 -8.77
CA GLN B 133 7.23 2.47 -8.23
C GLN B 133 6.84 1.17 -7.51
N GLY B 134 7.58 0.08 -7.71
CA GLY B 134 7.23 -1.19 -7.13
C GLY B 134 7.59 -1.30 -5.66
N ARG B 135 7.29 -2.47 -5.10
CA ARG B 135 7.53 -2.73 -3.69
C ARG B 135 8.71 -3.68 -3.51
N GLN B 136 8.47 -4.84 -2.90
CA GLN B 136 9.54 -5.83 -2.73
C GLN B 136 9.78 -6.54 -4.05
N THR B 137 10.98 -6.37 -4.59
CA THR B 137 11.37 -6.92 -5.88
C THR B 137 12.43 -8.00 -5.66
N TYR B 138 12.31 -9.10 -6.39
CA TYR B 138 13.36 -10.12 -6.40
C TYR B 138 14.62 -9.54 -7.02
N ASP B 139 15.70 -9.51 -6.25
CA ASP B 139 16.99 -9.00 -6.71
C ASP B 139 17.84 -10.19 -7.12
N TRP B 140 18.15 -10.28 -8.41
CA TRP B 140 18.95 -11.38 -8.94
C TRP B 140 20.42 -11.26 -8.56
N THR B 141 20.88 -10.09 -8.13
CA THR B 141 22.27 -9.94 -7.71
C THR B 141 22.48 -10.49 -6.29
N LEU B 142 21.44 -10.43 -5.46
CA LEU B 142 21.53 -10.88 -4.08
C LEU B 142 20.76 -12.17 -3.82
N ASN B 143 20.02 -12.67 -4.82
CA ASN B 143 19.19 -13.88 -4.74
C ASN B 143 18.15 -13.81 -3.63
N ARG B 144 17.67 -12.60 -3.38
CA ARG B 144 16.65 -12.38 -2.32
C ARG B 144 15.81 -11.15 -2.69
N ASN B 145 14.78 -10.87 -1.90
CA ASN B 145 13.92 -9.74 -2.14
C ASN B 145 14.52 -8.45 -1.57
N GLN B 146 14.50 -7.40 -2.38
CA GLN B 146 14.92 -6.07 -1.99
C GLN B 146 13.80 -5.10 -2.38
N PRO B 147 13.82 -3.87 -1.88
CA PRO B 147 12.97 -2.84 -2.46
C PRO B 147 13.33 -2.55 -3.90
N ALA B 148 12.35 -1.98 -4.63
CA ALA B 148 12.44 -1.85 -6.08
C ALA B 148 13.56 -0.91 -6.50
N ALA B 149 13.75 0.18 -5.75
CA ALA B 149 14.84 1.10 -6.06
C ALA B 149 16.20 0.47 -5.78
N THR B 150 16.31 -0.33 -4.72
CA THR B 150 17.56 -0.98 -4.39
C THR B 150 17.93 -2.04 -5.43
N ALA B 151 16.95 -2.85 -5.84
CA ALA B 151 17.20 -3.87 -6.85
C ALA B 151 17.49 -3.25 -8.22
N LEU B 152 16.81 -2.15 -8.55
CA LEU B 152 17.07 -1.46 -9.81
C LEU B 152 18.45 -0.82 -9.81
N ALA B 153 18.86 -0.24 -8.69
CA ALA B 153 20.20 0.37 -8.60
C ALA B 153 21.29 -0.68 -8.66
N ASN B 154 21.07 -1.85 -8.05
CA ASN B 154 22.02 -2.94 -8.14
C ASN B 154 22.11 -3.49 -9.57
N THR B 155 20.96 -3.60 -10.25
CA THR B 155 20.94 -4.07 -11.63
C THR B 155 21.66 -3.10 -12.56
N ILE B 156 21.44 -1.78 -12.37
CA ILE B 156 22.08 -0.77 -13.20
C ILE B 156 23.58 -0.73 -12.93
N GLU B 157 23.99 -0.91 -11.67
CA GLU B 157 25.41 -0.93 -11.33
C GLU B 157 26.12 -2.15 -11.93
N VAL B 158 25.48 -3.32 -11.90
CA VAL B 158 26.08 -4.50 -12.52
C VAL B 158 26.12 -4.38 -14.04
N PHE B 159 25.09 -3.77 -14.64
CA PHE B 159 25.08 -3.56 -16.09
C PHE B 159 26.16 -2.59 -16.53
N ARG B 160 26.40 -1.54 -15.72
CA ARG B 160 27.46 -0.60 -16.05
C ARG B 160 28.84 -1.16 -15.76
N LYS B 161 28.94 -2.06 -14.77
CA LYS B 161 30.22 -2.71 -14.50
C LYS B 161 30.56 -3.75 -15.56
N ASN B 162 29.54 -4.30 -16.24
CA ASN B 162 29.76 -5.28 -17.29
C ASN B 162 29.74 -4.69 -18.69
N GLY B 163 29.34 -3.43 -18.85
CA GLY B 163 29.44 -2.76 -20.13
C GLY B 163 28.15 -2.65 -20.90
N TYR B 164 27.07 -2.24 -20.22
CA TYR B 164 25.77 -2.01 -20.85
C TYR B 164 25.28 -0.65 -20.37
N LYS B 165 25.61 0.40 -21.12
CA LYS B 165 25.45 1.77 -20.67
C LYS B 165 24.47 2.56 -21.53
N LEU B 166 23.50 1.88 -22.15
CA LEU B 166 22.42 2.61 -22.82
C LEU B 166 21.49 3.25 -21.79
N ASN B 167 21.34 2.63 -20.63
CA ASN B 167 20.49 3.14 -19.55
C ASN B 167 21.04 4.42 -18.90
N GLU B 168 22.25 4.85 -19.27
CA GLU B 168 22.73 6.19 -18.91
C GLU B 168 21.97 7.30 -19.63
N SER B 169 21.23 6.97 -20.70
CA SER B 169 20.41 7.97 -21.36
C SER B 169 19.19 8.38 -20.53
N GLY B 170 18.79 7.55 -19.56
CA GLY B 170 17.72 7.88 -18.66
C GLY B 170 16.35 7.37 -19.06
N ARG B 171 16.21 6.86 -20.27
CA ARG B 171 14.93 6.34 -20.74
C ARG B 171 14.79 4.87 -20.37
N LEU B 172 13.54 4.43 -20.21
CA LEU B 172 13.27 3.04 -19.82
C LEU B 172 13.59 2.08 -20.95
N ILE B 173 13.33 2.48 -22.20
CA ILE B 173 13.51 1.59 -23.34
C ILE B 173 15.00 1.30 -23.58
N ASP B 174 15.88 2.24 -23.24
CA ASP B 174 17.31 1.96 -23.33
C ASP B 174 17.77 1.00 -22.25
N PHE B 175 17.17 1.07 -21.06
CA PHE B 175 17.42 0.07 -20.04
C PHE B 175 16.91 -1.30 -20.47
N LEU B 176 15.80 -1.34 -21.21
CA LEU B 176 15.27 -2.60 -21.70
C LEU B 176 16.16 -3.18 -22.81
N LYS B 177 16.74 -2.31 -23.64
CA LYS B 177 17.74 -2.75 -24.60
C LYS B 177 18.98 -3.30 -23.89
N ASP B 178 19.38 -2.67 -22.78
CA ASP B 178 20.49 -3.21 -21.99
C ASP B 178 20.13 -4.56 -21.37
N VAL B 179 18.86 -4.74 -20.99
CA VAL B 179 18.39 -6.01 -20.44
C VAL B 179 18.48 -7.11 -21.49
N LEU B 180 18.01 -6.84 -22.70
CA LEU B 180 18.08 -7.84 -23.76
C LEU B 180 19.50 -8.08 -24.24
N LEU B 181 20.38 -7.07 -24.18
CA LEU B 181 21.76 -7.25 -24.58
C LEU B 181 22.61 -7.95 -23.52
N SER B 182 22.19 -7.89 -22.24
CA SER B 182 22.93 -8.57 -21.19
C SER B 182 22.82 -10.09 -21.25
N PHE B 183 21.87 -10.62 -22.01
CA PHE B 183 21.74 -12.07 -22.16
C PHE B 183 22.85 -12.65 -23.03
N GLU B 184 23.56 -11.82 -23.80
CA GLU B 184 24.68 -12.28 -24.62
C GLU B 184 25.97 -12.42 -23.81
N ASN B 185 26.01 -11.87 -22.60
CA ASN B 185 27.19 -11.98 -21.76
C ASN B 185 27.32 -13.40 -21.23
N ASP B 186 28.51 -13.97 -21.37
CA ASP B 186 28.78 -15.33 -20.89
C ASP B 186 29.34 -15.35 -19.47
N SER B 187 29.67 -14.19 -18.91
CA SER B 187 30.24 -14.12 -17.56
C SER B 187 29.81 -12.80 -16.93
N MET B 188 28.77 -12.84 -16.11
CA MET B 188 28.29 -11.65 -15.42
C MET B 188 28.96 -11.55 -14.06
N GLU B 189 29.66 -10.45 -13.81
CA GLU B 189 30.33 -10.21 -12.54
C GLU B 189 29.42 -9.35 -11.67
N VAL B 190 28.89 -9.95 -10.61
CA VAL B 190 27.94 -9.27 -9.72
C VAL B 190 28.56 -9.14 -8.34
N THR B 191 27.93 -8.30 -7.52
CA THR B 191 28.32 -8.13 -6.12
C THR B 191 27.21 -8.73 -5.24
N THR B 192 27.55 -9.75 -4.48
CA THR B 192 26.62 -10.43 -3.60
C THR B 192 26.84 -10.01 -2.15
N HIS B 193 26.01 -10.55 -1.27
CA HIS B 193 26.13 -10.34 0.17
C HIS B 193 26.46 -11.69 0.81
N PHE B 194 27.70 -11.85 1.25
CA PHE B 194 28.11 -13.05 1.96
C PHE B 194 28.08 -12.79 3.47
N GLN B 195 28.36 -13.82 4.24
CA GLN B 195 28.13 -13.79 5.68
C GLN B 195 29.29 -14.45 6.41
N LYS B 196 29.86 -13.73 7.38
CA LYS B 196 30.86 -14.29 8.29
C LYS B 196 30.21 -14.51 9.66
N LYS B 197 30.52 -15.65 10.27
CA LYS B 197 29.92 -16.05 11.53
C LYS B 197 31.00 -16.26 12.58
N LYS B 198 30.70 -15.85 13.81
CA LYS B 198 31.58 -16.07 14.95
C LYS B 198 30.74 -16.41 16.17
N ARG B 199 31.29 -17.26 17.03
CA ARG B 199 30.60 -17.72 18.25
C ARG B 199 31.08 -16.86 19.42
N ILE B 200 30.31 -15.80 19.70
CA ILE B 200 30.59 -14.97 20.86
C ILE B 200 29.65 -15.37 21.99
N ARG B 201 29.68 -14.64 23.10
CA ARG B 201 28.83 -14.89 24.25
C ARG B 201 28.04 -13.64 24.58
N ASP B 202 26.71 -13.78 24.67
CA ASP B 202 25.86 -12.68 25.06
C ASP B 202 26.02 -12.42 26.56
N ASN B 203 26.19 -11.15 26.92
CA ASN B 203 26.43 -10.81 28.32
C ASN B 203 25.13 -10.67 29.11
N HIS B 204 23.99 -10.51 28.44
CA HIS B 204 22.72 -10.38 29.15
C HIS B 204 22.17 -11.72 29.62
N SER B 205 22.65 -12.84 29.06
CA SER B 205 22.10 -14.14 29.39
C SER B 205 23.14 -15.25 29.51
N LYS B 206 24.43 -14.94 29.40
CA LYS B 206 25.56 -15.89 29.50
C LYS B 206 25.44 -17.03 28.49
N LYS B 207 24.95 -16.71 27.30
CA LYS B 207 24.65 -17.72 26.28
C LYS B 207 25.51 -17.50 25.05
N MET B 208 26.02 -18.60 24.50
CA MET B 208 26.81 -18.56 23.28
C MET B 208 25.88 -18.41 22.08
N ILE B 209 26.04 -17.32 21.33
CA ILE B 209 25.24 -17.06 20.14
C ILE B 209 26.17 -16.96 18.94
N THR B 210 25.56 -16.91 17.76
CA THR B 210 26.28 -16.72 16.51
C THR B 210 26.13 -15.25 16.08
N GLN B 211 27.25 -14.53 16.03
CA GLN B 211 27.26 -13.15 15.57
C GLN B 211 27.57 -13.14 14.08
N ARG B 212 26.62 -12.64 13.29
CA ARG B 212 26.73 -12.65 11.84
C ARG B 212 27.21 -11.28 11.35
N THR B 213 28.13 -11.29 10.39
CA THR B 213 28.66 -10.06 9.82
C THR B 213 28.46 -10.11 8.31
N ILE B 214 27.66 -9.18 7.80
CA ILE B 214 27.31 -9.15 6.39
C ILE B 214 28.32 -8.30 5.64
N GLY B 215 28.94 -8.88 4.62
CA GLY B 215 29.88 -8.15 3.79
C GLY B 215 29.51 -8.20 2.32
N LYS B 216 30.38 -7.70 1.46
CA LYS B 216 30.16 -7.72 0.02
C LYS B 216 31.21 -8.59 -0.66
N LYS B 217 30.79 -9.32 -1.68
CA LYS B 217 31.63 -10.30 -2.33
C LYS B 217 31.35 -10.29 -3.83
N ARG B 218 32.40 -10.32 -4.63
CA ARG B 218 32.27 -10.39 -6.08
C ARG B 218 32.25 -11.85 -6.53
N VAL B 219 31.29 -12.21 -7.36
CA VAL B 219 31.15 -13.56 -7.89
C VAL B 219 30.82 -13.48 -9.37
N LYS B 220 31.11 -14.56 -10.09
CA LYS B 220 30.90 -14.64 -11.53
C LYS B 220 29.74 -15.60 -11.81
N LEU B 221 28.71 -15.10 -12.48
CA LEU B 221 27.64 -15.96 -12.95
C LEU B 221 27.96 -16.47 -14.35
N THR B 222 27.44 -17.65 -14.68
CA THR B 222 27.56 -18.16 -16.03
C THR B 222 26.43 -17.57 -16.88
N LYS B 223 26.36 -18.00 -18.15
CA LYS B 223 25.32 -17.51 -19.04
C LYS B 223 23.97 -18.10 -18.68
N LYS B 224 23.94 -19.41 -18.43
CA LYS B 224 22.69 -20.09 -18.10
C LYS B 224 22.19 -19.68 -16.71
N ASN B 225 23.11 -19.49 -15.77
CA ASN B 225 22.72 -19.06 -14.42
C ASN B 225 22.15 -17.65 -14.42
N TYR B 226 22.75 -16.75 -15.22
CA TYR B 226 22.22 -15.40 -15.33
C TYR B 226 20.87 -15.39 -16.03
N LEU B 227 20.69 -16.26 -17.05
CA LEU B 227 19.40 -16.30 -17.73
C LEU B 227 18.32 -16.93 -16.86
N ILE B 228 18.69 -17.85 -15.97
CA ILE B 228 17.73 -18.43 -15.05
C ILE B 228 17.35 -17.42 -13.96
N ARG B 229 18.33 -16.64 -13.48
CA ARG B 229 18.03 -15.61 -12.50
C ARG B 229 17.21 -14.46 -13.10
N ALA B 230 17.41 -14.17 -14.39
CA ALA B 230 16.66 -13.09 -15.04
C ALA B 230 15.21 -13.48 -15.32
N LEU B 231 14.92 -14.77 -15.41
CA LEU B 231 13.57 -15.26 -15.61
C LEU B 231 12.93 -15.78 -14.33
N THR B 232 13.49 -15.41 -13.17
CA THR B 232 13.05 -15.96 -11.90
C THR B 232 12.00 -15.06 -11.26
N LEU B 233 10.88 -15.67 -10.88
CA LEU B 233 9.88 -15.03 -10.04
C LEU B 233 10.00 -15.63 -8.65
N ASN B 234 10.41 -14.82 -7.67
CA ASN B 234 10.47 -15.26 -6.30
C ASN B 234 9.08 -15.37 -5.70
N THR B 235 8.81 -16.45 -4.99
CA THR B 235 7.43 -16.68 -4.49
C THR B 235 7.35 -16.69 -2.96
N MET B 236 6.43 -15.89 -2.43
CA MET B 236 6.13 -15.86 -1.00
C MET B 236 4.75 -16.47 -0.79
N THR B 237 4.10 -16.14 0.32
CA THR B 237 2.73 -16.56 0.56
C THR B 237 1.95 -15.34 1.04
N LYS B 238 0.71 -15.22 0.57
CA LYS B 238 -0.11 -14.06 0.87
C LYS B 238 -0.62 -14.12 2.31
N ASP B 239 -0.39 -13.06 3.06
CA ASP B 239 -0.79 -12.95 4.45
C ASP B 239 -1.98 -12.02 4.60
N ALA B 240 -2.71 -12.19 5.71
CA ALA B 240 -3.87 -11.39 6.10
C ALA B 240 -4.96 -11.40 5.04
N GLU B 241 -5.26 -12.58 4.52
CA GLU B 241 -6.24 -12.75 3.46
C GLU B 241 -7.56 -13.21 4.06
N ARG B 242 -8.63 -12.47 3.79
CA ARG B 242 -9.95 -12.79 4.31
C ARG B 242 -10.68 -13.76 3.39
N GLY B 243 -11.61 -14.51 3.98
CA GLY B 243 -12.53 -15.33 3.22
C GLY B 243 -11.98 -16.65 2.73
N LYS B 244 -10.78 -17.04 3.13
CA LYS B 244 -10.17 -18.29 2.69
C LYS B 244 -9.82 -19.15 3.90
N LEU B 245 -9.83 -20.47 3.68
CA LEU B 245 -9.38 -21.41 4.70
C LEU B 245 -7.90 -21.77 4.50
N LYS B 246 -7.50 -22.02 3.27
CA LYS B 246 -6.13 -22.37 2.92
C LYS B 246 -5.40 -21.14 2.38
N ARG B 247 -4.08 -21.15 2.53
CA ARG B 247 -3.24 -20.09 2.01
C ARG B 247 -2.83 -20.39 0.57
N ARG B 248 -2.30 -19.37 -0.10
CA ARG B 248 -1.82 -19.52 -1.46
C ARG B 248 -0.56 -18.67 -1.64
N ALA B 249 0.13 -18.91 -2.75
CA ALA B 249 1.41 -18.28 -3.00
C ALA B 249 1.27 -17.08 -3.93
N ILE B 250 1.99 -16.02 -3.61
CA ILE B 250 2.14 -14.86 -4.49
C ILE B 250 3.52 -14.92 -5.11
N ALA B 251 3.76 -14.04 -6.09
CA ALA B 251 5.03 -14.05 -6.81
C ALA B 251 5.46 -12.64 -7.15
N THR B 252 6.77 -12.40 -7.11
CA THR B 252 7.34 -11.12 -7.52
C THR B 252 8.43 -11.36 -8.55
N PRO B 253 8.42 -10.63 -9.66
CA PRO B 253 9.47 -10.82 -10.66
C PRO B 253 10.72 -9.99 -10.37
N GLY B 254 11.75 -10.14 -11.18
CA GLY B 254 12.93 -9.32 -11.08
C GLY B 254 12.83 -8.07 -11.93
N MET B 255 13.95 -7.34 -12.01
CA MET B 255 13.97 -6.08 -12.72
C MET B 255 14.12 -6.23 -14.23
N GLN B 256 14.50 -7.41 -14.71
CA GLN B 256 14.58 -7.65 -16.15
C GLN B 256 13.22 -7.89 -16.80
N ILE B 257 12.16 -8.00 -16.01
CA ILE B 257 10.84 -8.38 -16.51
C ILE B 257 9.88 -7.20 -16.32
N ARG B 258 10.13 -6.40 -15.28
CA ARG B 258 9.14 -5.43 -14.80
C ARG B 258 8.91 -4.28 -15.78
N GLY B 259 9.94 -3.87 -16.54
CA GLY B 259 9.73 -2.81 -17.52
C GLY B 259 8.86 -3.24 -18.68
N PHE B 260 9.10 -4.45 -19.20
CA PHE B 260 8.27 -4.98 -20.27
C PHE B 260 6.85 -5.26 -19.78
N VAL B 261 6.71 -5.73 -18.54
CA VAL B 261 5.39 -5.96 -17.96
C VAL B 261 4.66 -4.64 -17.77
N TYR B 262 5.39 -3.58 -17.42
CA TYR B 262 4.81 -2.25 -17.29
C TYR B 262 4.30 -1.74 -18.64
N PHE B 263 5.06 -1.97 -19.71
CA PHE B 263 4.63 -1.50 -21.03
C PHE B 263 3.42 -2.29 -21.54
N VAL B 264 3.41 -3.61 -21.32
CA VAL B 264 2.27 -4.43 -21.75
C VAL B 264 1.02 -4.08 -20.94
N GLU B 265 1.16 -3.86 -19.63
CA GLU B 265 0.02 -3.48 -18.82
C GLU B 265 -0.44 -2.06 -19.11
N LEU B 266 0.47 -1.19 -19.57
CA LEU B 266 0.08 0.15 -20.01
C LEU B 266 -0.78 0.09 -21.27
N LEU B 267 -0.37 -0.73 -22.24
CA LEU B 267 -1.18 -0.92 -23.45
C LEU B 267 -2.55 -1.52 -23.12
N ALA B 268 -2.56 -2.56 -22.27
CA ALA B 268 -3.82 -3.21 -21.94
C ALA B 268 -4.71 -2.32 -21.07
N ARG B 269 -4.13 -1.42 -20.29
CA ARG B 269 -4.91 -0.43 -19.55
C ARG B 269 -5.53 0.59 -20.50
N ASN B 270 -4.77 1.02 -21.52
CA ASN B 270 -5.31 1.92 -22.54
C ASN B 270 -6.44 1.27 -23.34
N ILE B 271 -6.38 -0.06 -23.51
CA ILE B 271 -7.50 -0.76 -24.14
C ILE B 271 -8.69 -0.82 -23.18
N CYS B 272 -8.45 -1.17 -21.91
CA CYS B 272 -9.53 -1.37 -20.96
C CYS B 272 -10.24 -0.08 -20.56
N GLU B 273 -9.61 1.09 -20.77
CA GLU B 273 -10.22 2.35 -20.39
C GLU B 273 -11.40 2.72 -21.28
N ARG B 274 -11.46 2.20 -22.50
CA ARG B 274 -12.49 2.56 -23.47
C ARG B 274 -13.49 1.45 -23.72
N LEU B 275 -13.39 0.32 -23.02
CA LEU B 275 -14.34 -0.77 -23.15
C LEU B 275 -15.46 -0.59 -22.12
N GLU B 276 -16.71 -0.66 -22.60
CA GLU B 276 -17.85 -0.50 -21.71
C GLU B 276 -18.11 -1.70 -20.84
N GLN B 277 -17.61 -2.88 -21.23
CA GLN B 277 -17.83 -4.12 -20.49
C GLN B 277 -16.65 -4.47 -19.60
N SER B 278 -15.74 -3.52 -19.35
CA SER B 278 -14.58 -3.74 -18.52
C SER B 278 -14.83 -3.20 -17.11
N GLY B 279 -14.32 -3.91 -16.12
CA GLY B 279 -14.43 -3.46 -14.75
C GLY B 279 -13.15 -2.78 -14.28
N LEU B 280 -12.10 -2.90 -15.09
CA LEU B 280 -10.80 -2.26 -14.90
C LEU B 280 -10.58 -1.20 -15.96
N PRO B 281 -9.93 -0.07 -15.63
CA PRO B 281 -9.38 0.30 -14.32
C PRO B 281 -10.26 1.23 -13.50
N VAL B 282 -11.58 1.05 -13.55
CA VAL B 282 -12.47 1.85 -12.73
C VAL B 282 -12.68 1.16 -11.39
N GLY B 283 -13.03 1.95 -10.38
CA GLY B 283 -13.23 1.42 -9.05
C GLY B 283 -13.99 2.39 -8.17
N GLY B 284 -14.56 1.84 -7.10
CA GLY B 284 -15.27 2.68 -6.15
C GLY B 284 -16.67 2.99 -6.65
N ASN B 285 -17.02 4.28 -6.63
CA ASN B 285 -18.35 4.70 -7.07
C ASN B 285 -18.49 4.69 -8.58
N GLU B 286 -17.38 4.85 -9.31
CA GLU B 286 -17.43 4.82 -10.77
C GLU B 286 -17.74 3.43 -11.29
N LYS B 287 -17.17 2.40 -10.64
CA LYS B 287 -17.46 1.01 -11.00
C LYS B 287 -18.91 0.66 -10.68
N LYS B 288 -19.43 1.18 -9.56
CA LYS B 288 -20.82 0.92 -9.21
C LYS B 288 -21.78 1.62 -10.17
N ALA B 289 -21.44 2.84 -10.60
CA ALA B 289 -22.26 3.53 -11.59
C ALA B 289 -22.21 2.84 -12.94
N LYS B 290 -21.05 2.27 -13.29
CA LYS B 290 -20.93 1.50 -14.54
C LYS B 290 -21.77 0.22 -14.49
N LEU B 291 -21.73 -0.50 -13.36
CA LEU B 291 -22.55 -1.70 -13.20
C LEU B 291 -24.04 -1.37 -13.21
N ALA B 292 -24.43 -0.26 -12.56
CA ALA B 292 -25.84 0.14 -12.55
C ALA B 292 -26.32 0.56 -13.92
N ASN B 293 -25.45 1.23 -14.70
CA ASN B 293 -25.81 1.61 -16.06
C ASN B 293 -25.94 0.39 -16.97
N VAL B 294 -25.05 -0.59 -16.81
CA VAL B 294 -25.15 -1.83 -17.60
C VAL B 294 -26.42 -2.60 -17.26
N ILE B 295 -26.76 -2.66 -15.96
CA ILE B 295 -27.96 -3.38 -15.53
C ILE B 295 -29.23 -2.66 -16.00
N LYS B 296 -29.21 -1.31 -15.99
CA LYS B 296 -30.38 -0.57 -16.46
C LYS B 296 -30.55 -0.67 -17.97
N LYS B 297 -29.44 -0.65 -18.73
CA LYS B 297 -29.53 -0.82 -20.17
C LYS B 297 -29.98 -2.22 -20.56
N MET B 298 -29.57 -3.23 -19.78
CA MET B 298 -29.97 -4.59 -20.09
C MET B 298 -31.37 -4.93 -19.59
N MET B 299 -31.88 -4.21 -18.59
CA MET B 299 -33.22 -4.44 -18.09
C MET B 299 -34.27 -3.59 -18.79
N ALA B 300 -33.86 -2.48 -19.40
CA ALA B 300 -34.79 -1.62 -20.12
C ALA B 300 -34.98 -2.07 -21.57
N LYS B 301 -33.87 -2.36 -22.26
CA LYS B 301 -33.93 -2.81 -23.65
C LYS B 301 -34.46 -4.23 -23.75
N SER B 302 -35.79 -4.39 -23.67
CA SER B 302 -36.42 -5.69 -23.69
C SER B 302 -37.78 -5.56 -24.36
N THR B 303 -38.51 -6.67 -24.39
CA THR B 303 -39.88 -6.71 -24.87
C THR B 303 -40.81 -7.13 -23.73
N ASP B 304 -42.05 -7.47 -24.07
CA ASP B 304 -43.03 -7.86 -23.07
C ASP B 304 -42.83 -9.29 -22.57
N GLU B 305 -42.21 -10.14 -23.37
CA GLU B 305 -42.06 -11.56 -23.03
C GLU B 305 -40.61 -11.97 -22.83
N GLU B 306 -39.69 -11.02 -22.74
CA GLU B 306 -38.27 -11.33 -22.72
C GLU B 306 -37.79 -11.66 -21.32
N LEU B 307 -37.14 -12.81 -21.17
CA LEU B 307 -36.55 -13.21 -19.91
C LEU B 307 -35.11 -12.71 -19.81
N SER B 308 -34.71 -12.33 -18.60
CA SER B 308 -33.36 -11.84 -18.34
C SER B 308 -32.83 -12.49 -17.09
N TYR B 309 -31.64 -13.08 -17.18
CA TYR B 309 -31.02 -13.78 -16.07
C TYR B 309 -29.60 -13.27 -15.87
N THR B 310 -29.20 -13.11 -14.62
CA THR B 310 -27.86 -12.67 -14.28
C THR B 310 -27.10 -13.80 -13.61
N ILE B 311 -25.90 -14.07 -14.11
CA ILE B 311 -24.92 -14.94 -13.47
C ILE B 311 -23.95 -14.07 -12.69
N THR B 312 -23.89 -14.29 -11.39
CA THR B 312 -22.77 -13.89 -10.57
C THR B 312 -21.70 -14.96 -10.72
N GLY B 313 -20.58 -14.63 -11.36
CA GLY B 313 -19.63 -15.64 -11.80
C GLY B 313 -18.21 -15.36 -11.39
N ASP B 314 -17.54 -16.40 -10.92
CA ASP B 314 -16.12 -16.45 -10.66
C ASP B 314 -15.49 -17.44 -11.63
N ASN B 315 -14.16 -17.55 -11.58
CA ASN B 315 -13.42 -18.50 -12.40
C ASN B 315 -12.47 -19.31 -11.53
N THR B 316 -12.34 -20.60 -11.86
CA THR B 316 -11.47 -21.50 -11.12
C THR B 316 -10.05 -21.39 -11.63
N LYS B 317 -9.14 -20.93 -10.76
CA LYS B 317 -7.69 -20.83 -11.02
C LYS B 317 -7.41 -19.98 -12.26
N TRP B 318 -7.65 -18.69 -12.09
CA TRP B 318 -7.56 -17.75 -13.21
C TRP B 318 -6.12 -17.59 -13.68
N ASN B 319 -5.19 -17.39 -12.74
CA ASN B 319 -3.79 -17.22 -13.11
C ASN B 319 -3.14 -18.52 -13.54
N GLU B 320 -3.65 -19.67 -13.09
CA GLU B 320 -3.07 -20.95 -13.47
C GLU B 320 -3.42 -21.33 -14.90
N ASN B 321 -4.54 -20.86 -15.43
CA ASN B 321 -5.04 -21.31 -16.72
C ASN B 321 -4.83 -20.30 -17.83
N GLN B 322 -4.42 -19.07 -17.51
CA GLN B 322 -3.96 -18.17 -18.56
C GLN B 322 -2.63 -18.66 -19.11
N ASN B 323 -2.33 -18.27 -20.34
CA ASN B 323 -1.08 -18.72 -20.93
C ASN B 323 -0.33 -17.55 -21.54
N PRO B 324 0.99 -17.50 -21.35
CA PRO B 324 1.78 -16.41 -21.97
C PRO B 324 1.83 -16.46 -23.49
N ARG B 325 1.64 -17.63 -24.11
CA ARG B 325 1.60 -17.69 -25.56
C ARG B 325 0.30 -17.09 -26.11
N ILE B 326 -0.80 -17.26 -25.38
CA ILE B 326 -2.05 -16.60 -25.72
C ILE B 326 -1.92 -15.09 -25.57
N PHE B 327 -1.21 -14.65 -24.53
CA PHE B 327 -0.92 -13.22 -24.37
C PHE B 327 -0.01 -12.71 -25.48
N LEU B 328 0.90 -13.54 -25.99
CA LEU B 328 1.73 -13.16 -27.12
C LEU B 328 0.91 -12.99 -28.38
N ALA B 329 -0.03 -13.92 -28.64
CA ALA B 329 -0.92 -13.80 -29.79
C ALA B 329 -1.83 -12.59 -29.67
N MET B 330 -2.31 -12.29 -28.46
CA MET B 330 -3.15 -11.12 -28.24
C MET B 330 -2.37 -9.82 -28.44
N VAL B 331 -1.12 -9.79 -27.99
CA VAL B 331 -0.27 -8.62 -28.16
C VAL B 331 0.04 -8.40 -29.64
N LEU B 332 0.36 -9.47 -30.36
CA LEU B 332 0.66 -9.34 -31.79
C LEU B 332 -0.58 -9.06 -32.63
N ARG B 333 -1.77 -9.39 -32.13
CA ARG B 333 -3.00 -9.09 -32.87
C ARG B 333 -3.52 -7.68 -32.59
N ILE B 334 -3.38 -7.21 -31.35
CA ILE B 334 -3.82 -5.86 -31.01
C ILE B 334 -2.93 -4.82 -31.68
N THR B 335 -1.61 -5.05 -31.69
CA THR B 335 -0.67 -4.13 -32.30
C THR B 335 -0.50 -4.36 -33.81
N ALA B 336 -1.59 -4.66 -34.52
CA ALA B 336 -1.51 -4.91 -35.96
C ALA B 336 -1.41 -3.59 -36.72
N GLY B 337 -0.49 -3.53 -37.67
CA GLY B 337 -0.23 -2.32 -38.43
C GLY B 337 0.74 -1.35 -37.76
N GLN B 338 1.13 -1.62 -36.52
CA GLN B 338 2.06 -0.79 -35.78
C GLN B 338 3.48 -1.03 -36.24
N PRO B 339 4.43 -0.14 -35.91
CA PRO B 339 5.84 -0.42 -36.20
C PRO B 339 6.36 -1.64 -35.46
N GLU B 340 7.31 -2.33 -36.10
CA GLU B 340 7.74 -3.64 -35.63
C GLU B 340 8.55 -3.58 -34.36
N TRP B 341 9.23 -2.46 -34.08
CA TRP B 341 9.94 -2.31 -32.82
C TRP B 341 8.97 -2.29 -31.65
N PHE B 342 7.81 -1.67 -31.85
CA PHE B 342 6.76 -1.63 -30.83
C PHE B 342 6.16 -3.01 -30.59
N ARG B 343 5.98 -3.78 -31.66
CA ARG B 343 5.46 -5.14 -31.54
C ARG B 343 6.46 -6.04 -30.83
N ASP B 344 7.75 -5.91 -31.13
CA ASP B 344 8.76 -6.72 -30.45
C ASP B 344 8.90 -6.33 -28.98
N LEU B 345 8.85 -5.02 -28.69
CA LEU B 345 8.96 -4.54 -27.31
C LEU B 345 7.78 -4.98 -26.46
N LEU B 346 6.57 -4.99 -27.03
CA LEU B 346 5.44 -5.51 -26.29
C LEU B 346 5.37 -7.03 -26.33
N ALA B 347 6.11 -7.68 -27.22
CA ALA B 347 6.13 -9.13 -27.29
C ALA B 347 7.13 -9.75 -26.33
N VAL B 348 8.09 -8.96 -25.80
CA VAL B 348 9.12 -9.49 -24.91
C VAL B 348 8.50 -10.11 -23.65
N ALA B 349 7.59 -9.39 -22.99
CA ALA B 349 7.00 -9.84 -21.72
C ALA B 349 6.19 -11.14 -21.79
N PRO B 350 5.37 -11.42 -22.82
CA PRO B 350 4.83 -12.78 -22.93
C PRO B 350 5.87 -13.83 -23.22
N ILE B 351 6.94 -13.48 -23.94
CA ILE B 351 8.02 -14.43 -24.21
C ILE B 351 8.82 -14.70 -22.93
N MET B 352 9.03 -13.66 -22.11
CA MET B 352 9.70 -13.86 -20.83
C MET B 352 8.84 -14.64 -19.84
N PHE B 353 7.52 -14.46 -19.90
CA PHE B 353 6.65 -15.24 -19.03
C PHE B 353 6.41 -16.66 -19.52
N SER B 354 6.62 -16.92 -20.81
CA SER B 354 6.54 -18.29 -21.31
C SER B 354 7.76 -19.10 -20.91
N ASN B 355 8.88 -18.42 -20.64
CA ASN B 355 10.14 -19.11 -20.23
C ASN B 355 10.47 -18.76 -18.77
N LYS B 356 9.45 -18.44 -17.97
CA LYS B 356 9.65 -18.05 -16.55
C LYS B 356 9.90 -19.28 -15.67
N VAL B 357 10.53 -19.06 -14.51
CA VAL B 357 10.83 -20.11 -13.50
C VAL B 357 10.34 -19.58 -12.14
N ALA B 358 9.96 -20.47 -11.23
CA ALA B 358 9.46 -20.00 -9.91
C ALA B 358 10.42 -20.39 -8.79
N ARG B 359 10.91 -19.41 -8.05
CA ARG B 359 11.79 -19.69 -6.88
C ARG B 359 10.90 -20.33 -5.83
N LEU B 360 11.28 -21.53 -5.34
CA LEU B 360 10.44 -22.23 -4.39
C LEU B 360 10.40 -21.59 -3.01
N GLY B 361 11.35 -20.71 -2.69
CA GLY B 361 11.29 -20.00 -1.43
C GLY B 361 12.37 -20.37 -0.44
N ARG B 362 12.02 -20.43 0.84
CA ARG B 362 12.98 -20.71 1.90
C ARG B 362 13.20 -22.19 2.16
N GLY B 363 12.53 -23.07 1.44
CA GLY B 363 12.66 -24.49 1.71
C GLY B 363 11.77 -24.91 2.84
N TYR B 364 12.29 -25.74 3.74
CA TYR B 364 11.52 -26.22 4.87
C TYR B 364 12.40 -26.30 6.11
N MET B 365 11.76 -26.37 7.26
CA MET B 365 12.46 -26.55 8.52
C MET B 365 12.52 -28.05 8.85
N PHE B 366 13.70 -28.50 9.26
CA PHE B 366 13.92 -29.89 9.63
C PHE B 366 14.33 -29.96 11.09
N GLU B 367 13.95 -31.05 11.74
CA GLU B 367 14.12 -31.21 13.17
C GLU B 367 14.81 -32.52 13.49
N SER B 368 15.81 -32.46 14.36
CA SER B 368 16.47 -33.65 14.90
C SER B 368 16.17 -33.73 16.39
N LYS B 369 15.51 -34.80 16.81
CA LYS B 369 15.09 -34.97 18.20
C LYS B 369 16.17 -35.59 19.07
N SER B 370 17.07 -36.40 18.49
CA SER B 370 18.16 -36.93 19.28
C SER B 370 19.20 -35.86 19.59
N MET B 371 19.31 -34.84 18.73
CA MET B 371 20.20 -33.72 18.97
C MET B 371 19.46 -32.48 19.44
N HIS B 372 18.12 -32.48 19.37
CA HIS B 372 17.24 -31.38 19.77
C HIS B 372 17.59 -30.09 19.03
N LEU B 373 17.66 -30.18 17.70
N LEU B 373 17.68 -30.17 17.71
CA LEU B 373 18.03 -29.07 16.85
CA LEU B 373 17.99 -28.99 16.91
C LEU B 373 16.98 -28.88 15.76
C LEU B 373 16.99 -28.87 15.77
N ARG B 374 16.94 -27.66 15.22
CA ARG B 374 16.10 -27.34 14.07
C ARG B 374 16.95 -26.53 13.10
N THR B 375 16.69 -26.71 11.81
CA THR B 375 17.48 -26.02 10.79
C THR B 375 16.61 -25.75 9.56
N GLN B 376 16.78 -24.56 9.00
CA GLN B 376 16.07 -24.17 7.79
C GLN B 376 16.89 -24.62 6.58
N ILE B 377 16.42 -25.66 5.89
CA ILE B 377 17.05 -26.10 4.66
C ILE B 377 16.39 -25.34 3.51
N SER B 378 17.21 -24.65 2.71
CA SER B 378 16.72 -23.86 1.61
C SER B 378 16.24 -24.76 0.47
N ALA B 379 15.59 -24.14 -0.52
CA ALA B 379 15.06 -24.88 -1.65
C ALA B 379 16.19 -25.43 -2.52
N GLU B 380 17.28 -24.68 -2.66
CA GLU B 380 18.42 -25.10 -3.47
C GLU B 380 19.13 -26.31 -2.88
N ASN B 381 18.96 -26.59 -1.59
CA ASN B 381 19.46 -27.79 -0.96
C ASN B 381 18.39 -28.86 -0.80
N LEU B 382 17.17 -28.62 -1.28
CA LEU B 382 16.10 -29.61 -1.11
C LEU B 382 16.25 -30.81 -2.03
N SER B 383 16.97 -30.66 -3.15
CA SER B 383 17.11 -31.76 -4.09
C SER B 383 18.11 -32.82 -3.63
N ASP B 384 18.99 -32.48 -2.69
CA ASP B 384 20.00 -33.41 -2.20
C ASP B 384 19.60 -34.08 -0.89
N ILE B 385 18.31 -34.13 -0.59
CA ILE B 385 17.80 -34.79 0.61
C ILE B 385 17.06 -36.03 0.19
N ASN B 386 17.23 -37.12 0.95
CA ASN B 386 16.49 -38.34 0.70
C ASN B 386 15.01 -38.15 1.01
N LEU B 387 14.17 -38.93 0.33
CA LEU B 387 12.72 -38.72 0.40
C LEU B 387 12.12 -39.15 1.72
N ARG B 388 12.82 -39.98 2.50
CA ARG B 388 12.26 -40.47 3.75
C ARG B 388 12.28 -39.44 4.87
N TYR B 389 12.96 -38.31 4.68
CA TYR B 389 13.02 -37.28 5.70
C TYR B 389 11.87 -36.28 5.61
N PHE B 390 11.18 -36.23 4.48
CA PHE B 390 10.02 -35.36 4.33
C PHE B 390 8.77 -36.06 4.86
N ASN B 391 7.71 -35.27 5.07
CA ASN B 391 6.41 -35.86 5.35
C ASN B 391 5.76 -36.31 4.05
N GLU B 392 4.52 -36.80 4.14
CA GLU B 392 3.90 -37.48 3.00
C GLU B 392 3.52 -36.50 1.89
N ASP B 393 2.91 -35.37 2.25
CA ASP B 393 2.48 -34.39 1.26
C ASP B 393 3.67 -33.77 0.55
N THR B 394 4.73 -33.44 1.29
CA THR B 394 5.92 -32.86 0.67
C THR B 394 6.66 -33.89 -0.18
N LYS B 395 6.63 -35.17 0.20
CA LYS B 395 7.25 -36.21 -0.61
C LYS B 395 6.51 -36.38 -1.93
N LYS B 396 5.17 -36.35 -1.89
CA LYS B 396 4.40 -36.40 -3.14
C LYS B 396 4.63 -35.17 -4.00
N LYS B 397 4.74 -33.99 -3.36
CA LYS B 397 5.01 -32.76 -4.10
C LYS B 397 6.38 -32.80 -4.77
N ILE B 398 7.39 -33.31 -4.07
CA ILE B 398 8.74 -33.35 -4.64
C ILE B 398 8.83 -34.41 -5.74
N GLU B 399 8.12 -35.53 -5.57
CA GLU B 399 8.09 -36.53 -6.63
C GLU B 399 7.36 -36.04 -7.88
N LYS B 400 6.37 -35.15 -7.72
CA LYS B 400 5.77 -34.53 -8.89
C LYS B 400 6.60 -33.37 -9.43
N ILE B 401 7.48 -32.79 -8.62
CA ILE B 401 8.19 -31.56 -8.99
C ILE B 401 9.56 -31.84 -9.63
N ARG B 402 10.17 -33.00 -9.33
CA ARG B 402 11.60 -33.26 -9.54
C ARG B 402 12.06 -33.03 -10.98
N HIS B 403 11.24 -33.39 -11.96
CA HIS B 403 11.63 -33.21 -13.36
C HIS B 403 11.56 -31.76 -13.83
N LEU B 404 11.07 -30.84 -12.99
CA LEU B 404 10.99 -29.42 -13.35
C LEU B 404 12.04 -28.58 -12.63
N MET B 405 12.96 -29.20 -11.91
CA MET B 405 13.92 -28.46 -11.09
C MET B 405 15.09 -28.01 -11.94
N VAL B 406 15.43 -26.71 -11.84
CA VAL B 406 16.57 -26.13 -12.53
C VAL B 406 17.26 -25.12 -11.63
N GLU B 407 18.33 -25.57 -10.96
CA GLU B 407 19.21 -24.74 -10.14
C GLU B 407 18.47 -24.04 -8.99
N GLY B 408 17.72 -24.82 -8.22
CA GLY B 408 16.99 -24.30 -7.09
C GLY B 408 15.63 -23.73 -7.41
N THR B 409 15.25 -23.66 -8.67
CA THR B 409 13.96 -23.14 -9.10
C THR B 409 13.17 -24.22 -9.80
N ALA B 410 11.89 -23.95 -10.02
CA ALA B 410 10.98 -24.87 -10.67
C ALA B 410 10.49 -24.26 -11.98
N SER B 411 10.62 -25.02 -13.07
CA SER B 411 10.18 -24.55 -14.38
C SER B 411 8.66 -24.45 -14.42
N LEU B 412 8.17 -23.29 -14.89
CA LEU B 412 6.72 -22.99 -14.89
C LEU B 412 6.39 -22.28 -16.21
N SER B 413 6.32 -23.05 -17.29
CA SER B 413 6.02 -22.46 -18.58
C SER B 413 4.54 -22.15 -18.80
N PRO B 414 3.56 -22.98 -18.41
CA PRO B 414 2.18 -22.49 -18.41
C PRO B 414 1.90 -21.60 -17.21
N GLY B 415 0.76 -20.93 -17.26
CA GLY B 415 0.36 -20.04 -16.19
C GLY B 415 0.99 -18.66 -16.30
N MET B 416 0.38 -17.70 -15.64
CA MET B 416 0.89 -16.35 -15.58
C MET B 416 1.22 -15.87 -14.17
N MET B 417 0.90 -16.66 -13.15
CA MET B 417 1.00 -16.36 -11.72
C MET B 417 0.15 -15.17 -11.28
N MET B 418 0.14 -14.89 -9.98
CA MET B 418 -0.90 -14.08 -9.35
C MET B 418 -0.78 -12.61 -9.75
N GLY B 419 -1.72 -12.15 -10.57
CA GLY B 419 -1.89 -10.73 -10.85
C GLY B 419 -0.84 -10.09 -11.74
N MET B 420 -0.16 -10.88 -12.57
CA MET B 420 0.90 -10.31 -13.40
C MET B 420 0.36 -9.65 -14.66
N PHE B 421 -0.76 -10.15 -15.21
CA PHE B 421 -1.40 -9.58 -16.39
C PHE B 421 -2.90 -9.44 -16.11
N ASN B 422 -3.27 -8.47 -15.29
CA ASN B 422 -4.66 -8.29 -14.91
C ASN B 422 -5.49 -7.72 -16.07
N MET B 423 -5.00 -6.64 -16.68
CA MET B 423 -5.76 -5.95 -17.71
C MET B 423 -5.81 -6.76 -19.01
N LEU B 424 -4.76 -7.51 -19.33
CA LEU B 424 -4.77 -8.31 -20.56
C LEU B 424 -5.75 -9.48 -20.45
N SER B 425 -5.79 -10.13 -19.28
CA SER B 425 -6.79 -11.15 -19.01
C SER B 425 -8.20 -10.55 -18.97
N THR B 426 -8.32 -9.30 -18.51
CA THR B 426 -9.59 -8.60 -18.58
C THR B 426 -10.03 -8.36 -20.02
N VAL B 427 -9.08 -8.02 -20.90
CA VAL B 427 -9.37 -7.88 -22.33
C VAL B 427 -9.84 -9.21 -22.92
N LEU B 428 -9.20 -10.31 -22.51
CA LEU B 428 -9.57 -11.64 -22.99
C LEU B 428 -10.98 -12.03 -22.54
N GLY B 429 -11.36 -11.69 -21.30
CA GLY B 429 -12.72 -11.95 -20.86
C GLY B 429 -13.75 -11.02 -21.49
N VAL B 430 -13.37 -9.76 -21.73
CA VAL B 430 -14.26 -8.78 -22.35
C VAL B 430 -14.54 -9.15 -23.80
N SER B 431 -13.61 -9.83 -24.47
CA SER B 431 -13.87 -10.32 -25.83
C SER B 431 -14.97 -11.38 -25.85
N VAL B 432 -14.98 -12.29 -24.86
CA VAL B 432 -16.05 -13.28 -24.76
C VAL B 432 -17.36 -12.62 -24.37
N LEU B 433 -17.30 -11.56 -23.55
CA LEU B 433 -18.51 -10.79 -23.27
C LEU B 433 -19.02 -10.05 -24.51
N ASN B 434 -18.12 -9.62 -25.37
CA ASN B 434 -18.45 -8.86 -26.56
C ASN B 434 -19.00 -9.74 -27.68
N LEU B 435 -18.67 -11.04 -27.65
CA LEU B 435 -19.21 -11.99 -28.63
C LEU B 435 -20.74 -12.06 -28.60
N GLY B 436 -21.35 -11.89 -27.43
CA GLY B 436 -22.78 -12.07 -27.30
C GLY B 436 -23.67 -10.90 -27.68
N GLN B 437 -23.28 -10.12 -28.68
CA GLN B 437 -24.13 -9.06 -29.21
C GLN B 437 -25.19 -9.67 -30.12
N ARG B 438 -26.44 -9.21 -29.97
CA ARG B 438 -27.55 -9.82 -30.68
C ARG B 438 -27.59 -9.47 -32.16
N GLU B 439 -26.91 -8.42 -32.59
CA GLU B 439 -26.80 -8.10 -34.01
C GLU B 439 -25.63 -8.81 -34.68
N ILE B 440 -24.99 -9.76 -34.00
CA ILE B 440 -23.83 -10.47 -34.51
C ILE B 440 -24.01 -11.96 -34.23
N LEU B 441 -24.53 -12.29 -33.04
CA LEU B 441 -24.75 -13.68 -32.67
C LEU B 441 -25.87 -14.32 -33.49
N LYS B 442 -26.92 -13.54 -33.79
CA LYS B 442 -28.02 -13.93 -34.67
C LYS B 442 -28.76 -15.16 -34.18
N ARG B 443 -29.02 -15.22 -32.88
CA ARG B 443 -29.70 -16.36 -32.27
C ARG B 443 -30.87 -15.91 -31.43
N THR B 444 -31.46 -16.83 -30.66
CA THR B 444 -32.58 -16.51 -29.78
C THR B 444 -32.13 -15.99 -28.43
N TYR B 445 -30.83 -15.85 -28.20
CA TYR B 445 -30.31 -15.35 -26.94
C TYR B 445 -29.20 -14.34 -27.23
N TRP B 446 -28.91 -13.52 -26.22
CA TRP B 446 -27.74 -12.64 -26.27
C TRP B 446 -27.30 -12.36 -24.85
N TRP B 447 -26.10 -11.81 -24.70
CA TRP B 447 -25.62 -11.52 -23.36
C TRP B 447 -24.80 -10.24 -23.33
N ASP B 448 -24.86 -9.56 -22.19
CA ASP B 448 -24.03 -8.41 -21.89
C ASP B 448 -23.45 -8.58 -20.50
N GLY B 449 -22.81 -7.57 -19.96
CA GLY B 449 -22.35 -7.64 -18.59
C GLY B 449 -21.01 -6.96 -18.43
N LEU B 450 -20.35 -7.29 -17.32
CA LEU B 450 -19.11 -6.64 -16.94
C LEU B 450 -18.10 -7.67 -16.47
N GLN B 451 -16.83 -7.42 -16.79
CA GLN B 451 -15.72 -8.31 -16.47
C GLN B 451 -14.64 -7.51 -15.77
N SER B 452 -14.16 -8.02 -14.63
CA SER B 452 -13.05 -7.41 -13.90
C SER B 452 -12.19 -8.55 -13.37
N SER B 453 -10.99 -8.68 -13.94
CA SER B 453 -10.09 -9.82 -13.75
C SER B 453 -10.81 -11.13 -14.02
N ASP B 454 -11.13 -11.88 -12.97
CA ASP B 454 -11.89 -13.12 -13.13
C ASP B 454 -13.34 -12.99 -12.71
N ASP B 455 -13.73 -11.92 -12.03
CA ASP B 455 -15.12 -11.72 -11.65
C ASP B 455 -15.92 -11.26 -12.87
N PHE B 456 -17.13 -11.77 -13.00
CA PHE B 456 -17.99 -11.29 -14.07
C PHE B 456 -19.44 -11.32 -13.63
N ALA B 457 -20.18 -10.31 -14.10
CA ALA B 457 -21.63 -10.27 -14.00
C ALA B 457 -22.15 -10.40 -15.42
N LEU B 458 -22.79 -11.52 -15.72
CA LEU B 458 -23.18 -11.86 -17.08
C LEU B 458 -24.70 -11.90 -17.18
N ILE B 459 -25.27 -11.02 -18.00
CA ILE B 459 -26.72 -10.94 -18.16
C ILE B 459 -27.08 -11.57 -19.50
N ILE B 460 -27.72 -12.74 -19.43
CA ILE B 460 -28.26 -13.42 -20.61
C ILE B 460 -29.72 -13.04 -20.76
N ASN B 461 -30.07 -12.48 -21.91
CA ASN B 461 -31.46 -12.22 -22.26
C ASN B 461 -31.89 -13.18 -23.35
N GLY B 462 -33.10 -13.70 -23.21
CA GLY B 462 -33.69 -14.60 -24.18
C GLY B 462 -35.19 -14.54 -24.17
N HIS B 463 -35.86 -15.49 -24.83
CA HIS B 463 -37.31 -15.55 -24.85
C HIS B 463 -37.88 -16.65 -23.97
N PHE B 464 -37.17 -17.75 -23.81
CA PHE B 464 -37.57 -18.83 -22.92
C PHE B 464 -36.38 -19.20 -22.04
N LYS B 465 -36.63 -20.08 -21.07
CA LYS B 465 -35.55 -20.54 -20.20
C LYS B 465 -34.60 -21.47 -20.94
N GLU B 466 -35.06 -22.14 -22.00
CA GLU B 466 -34.18 -22.95 -22.83
C GLU B 466 -33.20 -22.09 -23.61
N ASP B 467 -33.64 -20.88 -24.02
CA ASP B 467 -32.72 -19.94 -24.66
C ASP B 467 -31.68 -19.44 -23.67
N ILE B 468 -32.07 -19.24 -22.41
CA ILE B 468 -31.13 -18.86 -21.37
C ILE B 468 -30.12 -19.97 -21.12
N GLN B 469 -30.58 -21.22 -21.12
CA GLN B 469 -29.68 -22.36 -20.94
C GLN B 469 -28.71 -22.51 -22.10
N GLN B 470 -29.20 -22.28 -23.33
CA GLN B 470 -28.32 -22.32 -24.50
C GLN B 470 -27.30 -21.19 -24.47
N GLY B 471 -27.69 -20.02 -23.98
CA GLY B 471 -26.75 -18.91 -23.86
C GLY B 471 -25.69 -19.15 -22.80
N VAL B 472 -26.09 -19.72 -21.66
CA VAL B 472 -25.14 -20.06 -20.61
C VAL B 472 -24.16 -21.13 -21.09
N ASN B 473 -24.67 -22.15 -21.81
CA ASN B 473 -23.81 -23.18 -22.37
C ASN B 473 -22.86 -22.63 -23.43
N HIS B 474 -23.35 -21.70 -24.26
CA HIS B 474 -22.51 -21.11 -25.30
C HIS B 474 -21.40 -20.25 -24.70
N PHE B 475 -21.72 -19.45 -23.68
CA PHE B 475 -20.71 -18.65 -23.00
C PHE B 475 -19.69 -19.51 -22.28
N TYR B 476 -20.16 -20.58 -21.62
CA TYR B 476 -19.28 -21.48 -20.89
C TYR B 476 -18.32 -22.21 -21.83
N ARG B 477 -18.83 -22.69 -22.96
CA ARG B 477 -17.99 -23.42 -23.90
C ARG B 477 -17.04 -22.49 -24.67
N THR B 478 -17.48 -21.26 -24.96
CA THR B 478 -16.58 -20.29 -25.58
C THR B 478 -15.48 -19.85 -24.62
N CYS B 479 -15.79 -19.75 -23.32
CA CYS B 479 -14.76 -19.50 -22.34
C CYS B 479 -13.81 -20.68 -22.21
N LYS B 480 -14.34 -21.90 -22.33
CA LYS B 480 -13.51 -23.10 -22.28
C LYS B 480 -12.57 -23.19 -23.49
N LEU B 481 -12.97 -22.61 -24.62
CA LEU B 481 -12.09 -22.57 -25.79
C LEU B 481 -10.84 -21.72 -25.56
N VAL B 482 -10.93 -20.69 -24.71
CA VAL B 482 -9.84 -19.75 -24.52
C VAL B 482 -9.19 -19.90 -23.14
N GLY B 483 -9.38 -21.05 -22.49
CA GLY B 483 -8.72 -21.29 -21.22
C GLY B 483 -9.35 -20.60 -20.02
N ILE B 484 -10.61 -20.19 -20.12
CA ILE B 484 -11.33 -19.55 -19.03
C ILE B 484 -12.32 -20.57 -18.48
N ASN B 485 -12.12 -20.99 -17.24
CA ASN B 485 -12.91 -22.05 -16.64
C ASN B 485 -13.80 -21.43 -15.56
N MET B 486 -15.11 -21.37 -15.84
CA MET B 486 -16.05 -20.81 -14.90
C MET B 486 -16.22 -21.74 -13.70
N SER B 487 -16.20 -21.16 -12.50
CA SER B 487 -16.34 -21.94 -11.27
C SER B 487 -17.79 -22.35 -11.11
N GLN B 488 -18.09 -23.64 -11.29
CA GLN B 488 -19.47 -24.11 -11.24
C GLN B 488 -20.01 -24.15 -9.81
N LYS B 489 -19.14 -24.18 -8.80
CA LYS B 489 -19.59 -24.18 -7.42
C LYS B 489 -19.57 -22.80 -6.78
N LYS B 490 -18.96 -21.81 -7.42
CA LYS B 490 -18.95 -20.45 -6.90
C LYS B 490 -19.80 -19.48 -7.70
N SER B 491 -20.30 -19.88 -8.86
CA SER B 491 -21.17 -19.04 -9.67
C SER B 491 -22.62 -19.47 -9.50
N TYR B 492 -23.53 -18.52 -9.67
CA TYR B 492 -24.95 -18.86 -9.66
C TYR B 492 -25.68 -17.90 -10.58
N ILE B 493 -26.95 -18.21 -10.81
CA ILE B 493 -27.78 -17.48 -11.77
C ILE B 493 -29.16 -17.27 -11.15
N ASN B 494 -29.68 -16.06 -11.30
CA ASN B 494 -31.06 -15.75 -10.90
C ASN B 494 -31.63 -14.78 -11.93
N LYS B 495 -32.82 -14.27 -11.68
CA LYS B 495 -33.36 -13.24 -12.56
C LYS B 495 -32.66 -11.92 -12.30
N THR B 496 -32.74 -11.03 -13.29
CA THR B 496 -32.01 -9.77 -13.23
C THR B 496 -32.65 -8.83 -12.21
N GLY B 497 -31.84 -8.33 -11.29
CA GLY B 497 -32.30 -7.44 -10.26
C GLY B 497 -31.50 -7.62 -8.98
N THR B 498 -30.68 -8.67 -8.94
CA THR B 498 -29.90 -9.01 -7.77
C THR B 498 -28.67 -9.80 -8.21
N PHE B 499 -27.48 -9.30 -7.88
CA PHE B 499 -26.24 -10.00 -8.19
C PHE B 499 -25.17 -9.54 -7.22
N GLU B 500 -23.95 -10.03 -7.42
CA GLU B 500 -22.79 -9.66 -6.63
C GLU B 500 -21.60 -9.50 -7.57
N PHE B 501 -20.77 -8.48 -7.32
CA PHE B 501 -19.62 -8.21 -8.18
C PHE B 501 -18.52 -7.59 -7.33
N THR B 502 -17.49 -8.41 -7.02
CA THR B 502 -16.34 -8.02 -6.19
C THR B 502 -16.77 -7.46 -4.84
N SER B 503 -17.61 -8.24 -4.14
CA SER B 503 -18.19 -7.91 -2.84
C SER B 503 -19.00 -6.61 -2.86
N PHE B 504 -19.60 -6.29 -4.00
CA PHE B 504 -20.61 -5.24 -4.10
C PHE B 504 -21.94 -5.92 -4.33
N PHE B 505 -22.84 -5.82 -3.35
CA PHE B 505 -24.09 -6.54 -3.38
C PHE B 505 -25.20 -5.63 -3.91
N TYR B 506 -26.00 -6.16 -4.82
CA TYR B 506 -27.00 -5.41 -5.54
C TYR B 506 -28.39 -5.94 -5.23
N ARG B 507 -29.33 -5.02 -4.99
CA ARG B 507 -30.73 -5.39 -4.74
C ARG B 507 -31.57 -4.19 -5.17
N TYR B 508 -31.78 -4.09 -6.49
CA TYR B 508 -32.40 -2.92 -7.15
C TYR B 508 -31.68 -1.63 -6.75
N GLY B 509 -30.36 -1.68 -6.77
CA GLY B 509 -29.52 -0.62 -6.25
C GLY B 509 -28.49 -1.25 -5.33
N PHE B 510 -27.30 -0.65 -5.30
CA PHE B 510 -26.22 -1.19 -4.49
C PHE B 510 -26.44 -0.90 -3.01
N VAL B 511 -26.39 -1.94 -2.19
CA VAL B 511 -26.50 -1.79 -0.75
C VAL B 511 -25.11 -1.54 -0.18
N ALA B 512 -25.04 -1.23 1.11
CA ALA B 512 -23.78 -0.90 1.75
C ALA B 512 -23.20 -2.12 2.46
N ASN B 513 -21.87 -2.14 2.54
CA ASN B 513 -21.14 -3.17 3.28
C ASN B 513 -20.12 -2.42 4.14
N PHE B 514 -20.53 -2.09 5.37
CA PHE B 514 -19.70 -1.26 6.25
C PHE B 514 -18.56 -2.04 6.88
N SER B 515 -18.73 -3.36 7.05
CA SER B 515 -17.74 -4.18 7.74
C SER B 515 -16.43 -4.26 6.98
N MET B 516 -16.47 -4.20 5.64
CA MET B 516 -15.27 -4.23 4.83
C MET B 516 -14.37 -3.03 5.09
N GLU B 517 -14.95 -1.88 5.40
CA GLU B 517 -14.19 -0.70 5.75
C GLU B 517 -13.92 -0.59 7.24
N LEU B 518 -14.26 -1.63 8.01
CA LEU B 518 -14.05 -1.64 9.46
C LEU B 518 -12.60 -1.67 9.94
N PRO B 519 -11.63 -2.33 9.27
CA PRO B 519 -10.23 -2.17 9.71
C PRO B 519 -9.63 -0.78 9.51
N SER B 520 -10.26 0.10 8.73
CA SER B 520 -9.73 1.44 8.55
C SER B 520 -10.06 2.37 9.72
N PHE B 521 -10.91 1.95 10.65
CA PHE B 521 -11.28 2.76 11.80
C PHE B 521 -10.30 2.49 12.93
N GLY B 522 -9.47 3.46 13.23
CA GLY B 522 -8.52 3.32 14.32
C GLY B 522 -7.47 4.41 14.27
N VAL B 523 -6.33 4.11 14.89
CA VAL B 523 -5.19 5.03 14.90
C VAL B 523 -4.18 4.53 13.87
N ALA B 524 -3.77 5.43 12.97
CA ALA B 524 -2.94 5.02 11.84
C ALA B 524 -1.51 4.73 12.27
N GLY B 525 -0.97 5.55 13.18
CA GLY B 525 0.36 5.30 13.68
C GLY B 525 1.46 6.06 12.95
N ASN B 526 1.24 7.34 12.72
CA ASN B 526 2.25 8.21 12.12
C ASN B 526 2.80 9.17 13.16
N ASN B 527 2.05 10.20 13.53
CA ASN B 527 2.36 11.06 14.66
C ASN B 527 1.04 11.53 15.25
N GLU B 528 1.11 12.50 16.16
CA GLU B 528 -0.10 12.98 16.81
C GLU B 528 -0.93 13.90 15.92
N SER B 529 -0.33 14.53 14.91
CA SER B 529 -1.06 15.45 14.06
C SER B 529 -1.77 14.75 12.91
N ALA B 530 -1.08 13.80 12.25
CA ALA B 530 -1.66 13.18 11.06
C ALA B 530 -2.78 12.21 11.41
N ASP B 531 -2.70 11.56 12.57
CA ASP B 531 -3.65 10.50 12.91
C ASP B 531 -5.03 11.06 13.24
N MET B 532 -5.10 12.26 13.82
CA MET B 532 -6.39 12.90 14.10
C MET B 532 -7.14 13.22 12.82
N SER B 533 -6.42 13.79 11.84
CA SER B 533 -7.03 14.10 10.54
C SER B 533 -7.40 12.83 9.78
N ILE B 534 -6.57 11.78 9.91
CA ILE B 534 -6.86 10.51 9.25
C ILE B 534 -8.12 9.88 9.84
N GLY B 535 -8.27 9.92 11.16
CA GLY B 535 -9.46 9.36 11.79
C GLY B 535 -10.73 10.11 11.45
N THR B 536 -10.67 11.45 11.51
CA THR B 536 -11.85 12.25 11.18
C THR B 536 -12.23 12.11 9.70
N THR B 537 -11.23 12.02 8.81
CA THR B 537 -11.54 11.87 7.40
C THR B 537 -12.02 10.47 7.07
N VAL B 538 -11.58 9.44 7.82
CA VAL B 538 -12.11 8.10 7.64
C VAL B 538 -13.58 8.05 8.03
N ILE B 539 -13.94 8.71 9.15
CA ILE B 539 -15.33 8.77 9.58
C ILE B 539 -16.18 9.55 8.58
N LYS B 540 -15.66 10.65 8.04
CA LYS B 540 -16.39 11.44 7.05
C LYS B 540 -16.58 10.69 5.73
N THR B 541 -15.53 10.01 5.26
CA THR B 541 -15.61 9.25 4.03
C THR B 541 -16.55 8.06 4.16
N ASN B 542 -16.63 7.45 5.34
CA ASN B 542 -17.60 6.37 5.53
C ASN B 542 -19.02 6.90 5.68
N MET B 543 -19.19 8.11 6.21
CA MET B 543 -20.50 8.74 6.21
C MET B 543 -20.97 9.03 4.79
N ILE B 544 -20.05 9.44 3.93
CA ILE B 544 -20.43 9.80 2.56
C ILE B 544 -20.67 8.56 1.72
N ASN B 545 -19.73 7.62 1.71
CA ASN B 545 -19.74 6.53 0.74
C ASN B 545 -20.38 5.24 1.26
N ASN B 546 -20.10 4.85 2.51
CA ASN B 546 -20.45 3.52 2.99
C ASN B 546 -21.67 3.51 3.91
N ASP B 547 -22.51 4.55 3.83
CA ASP B 547 -23.81 4.64 4.52
C ASP B 547 -23.66 4.53 6.05
N LEU B 548 -22.60 5.10 6.58
CA LEU B 548 -22.43 5.18 8.03
C LEU B 548 -23.41 6.18 8.59
N GLY B 549 -24.32 5.72 9.44
CA GLY B 549 -25.33 6.57 10.03
C GLY B 549 -24.74 7.57 11.00
N PRO B 550 -25.48 8.65 11.26
CA PRO B 550 -24.90 9.75 12.06
C PRO B 550 -24.70 9.42 13.53
N ALA B 551 -25.57 8.60 14.13
CA ALA B 551 -25.35 8.18 15.52
C ALA B 551 -24.16 7.24 15.63
N THR B 552 -24.03 6.30 14.68
CA THR B 552 -22.85 5.46 14.65
C THR B 552 -21.60 6.25 14.27
N ALA B 553 -21.77 7.36 13.54
CA ALA B 553 -20.62 8.23 13.26
C ALA B 553 -20.18 8.97 14.51
N GLN B 554 -21.12 9.43 15.34
CA GLN B 554 -20.76 10.05 16.61
C GLN B 554 -20.09 9.04 17.54
N MET B 555 -20.56 7.80 17.48
CA MET B 555 -19.97 6.70 18.30
C MET B 555 -18.56 6.42 17.77
N ALA B 556 -18.35 6.53 16.45
CA ALA B 556 -17.03 6.32 15.86
C ALA B 556 -16.08 7.44 16.26
N ILE B 557 -16.58 8.67 16.35
CA ILE B 557 -15.78 9.79 16.84
C ILE B 557 -15.36 9.55 18.28
N GLN B 558 -16.30 9.08 19.12
CA GLN B 558 -16.00 8.81 20.52
C GLN B 558 -14.98 7.68 20.68
N LEU B 559 -15.15 6.59 19.91
CA LEU B 559 -14.21 5.48 19.99
C LEU B 559 -12.84 5.84 19.42
N PHE B 560 -12.79 6.71 18.40
CA PHE B 560 -11.51 7.16 17.88
C PHE B 560 -10.80 8.07 18.87
N ILE B 561 -11.55 8.93 19.57
CA ILE B 561 -10.93 9.79 20.58
C ILE B 561 -10.42 8.96 21.75
N LYS B 562 -11.16 7.91 22.11
CA LYS B 562 -10.70 6.95 23.13
C LYS B 562 -9.41 6.25 22.70
N ASP B 563 -9.38 5.74 21.47
CA ASP B 563 -8.20 5.04 20.96
C ASP B 563 -7.01 5.97 20.79
N TYR B 564 -7.26 7.23 20.42
CA TYR B 564 -6.19 8.20 20.25
C TYR B 564 -5.61 8.63 21.58
N ARG B 565 -6.46 8.81 22.60
CA ARG B 565 -5.97 9.18 23.92
C ARG B 565 -5.25 8.01 24.60
N TYR B 566 -5.67 6.77 24.35
CA TYR B 566 -4.97 5.64 24.93
C TYR B 566 -3.73 5.24 24.15
N THR B 567 -3.64 5.62 22.87
CA THR B 567 -2.48 5.25 22.07
C THR B 567 -1.29 6.16 22.36
N TYR B 568 -1.50 7.47 22.29
CA TYR B 568 -0.44 8.44 22.48
C TYR B 568 -0.31 8.91 23.93
N ARG B 569 -1.08 8.30 24.84
CA ARG B 569 -1.06 8.59 26.28
C ARG B 569 -1.39 10.05 26.57
N CYS B 570 -2.27 10.65 25.78
CA CYS B 570 -2.62 12.06 25.92
C CYS B 570 -4.04 12.21 26.43
N HIS B 571 -4.29 11.73 27.65
CA HIS B 571 -5.60 11.90 28.26
C HIS B 571 -5.79 13.35 28.71
N ARG B 572 -7.02 13.68 29.08
CA ARG B 572 -7.35 15.05 29.45
C ARG B 572 -6.69 15.43 30.77
N GLY B 573 -6.51 16.74 30.96
CA GLY B 573 -5.83 17.27 32.13
C GLY B 573 -6.58 17.14 33.43
N ASP B 574 -7.89 16.83 33.39
CA ASP B 574 -8.68 16.63 34.59
C ASP B 574 -9.02 15.16 34.80
N THR B 575 -8.14 14.27 34.35
CA THR B 575 -8.33 12.83 34.51
C THR B 575 -7.44 12.29 35.61
N ASN B 576 -7.72 11.05 36.02
CA ASN B 576 -7.01 10.41 37.11
C ASN B 576 -6.08 9.30 36.65
N LEU B 577 -5.99 9.04 35.35
CA LEU B 577 -5.06 8.05 34.84
C LEU B 577 -3.63 8.56 34.96
N GLU B 578 -2.70 7.64 35.21
CA GLU B 578 -1.29 7.98 35.41
C GLU B 578 -0.45 7.25 34.38
N THR B 579 0.14 8.01 33.46
CA THR B 579 1.08 7.48 32.48
C THR B 579 2.44 8.15 32.66
N ARG B 580 3.30 8.07 31.64
CA ARG B 580 4.55 8.82 31.66
C ARG B 580 4.37 10.28 31.28
N ARG B 581 3.18 10.67 30.82
CA ARG B 581 2.93 12.03 30.34
C ARG B 581 1.89 12.78 31.17
N THR B 582 1.49 12.24 32.32
CA THR B 582 0.37 12.82 33.06
C THR B 582 0.76 14.15 33.72
N LYS B 583 1.96 14.23 34.27
CA LYS B 583 2.36 15.40 35.04
C LYS B 583 2.58 16.62 34.16
N SER B 584 3.20 16.45 32.99
CA SER B 584 3.44 17.58 32.11
C SER B 584 2.16 18.05 31.44
N ILE B 585 1.27 17.13 31.09
CA ILE B 585 -0.03 17.49 30.53
C ILE B 585 -0.89 18.19 31.57
N LYS B 586 -0.78 17.76 32.83
CA LYS B 586 -1.50 18.45 33.92
C LYS B 586 -0.93 19.83 34.19
N ARG B 587 0.39 19.99 34.06
CA ARG B 587 1.01 21.32 34.17
C ARG B 587 0.54 22.24 33.04
N LEU B 588 0.44 21.72 31.81
CA LEU B 588 -0.07 22.50 30.71
C LEU B 588 -1.56 22.81 30.88
N TRP B 589 -2.31 21.90 31.48
CA TRP B 589 -3.73 22.11 31.73
C TRP B 589 -3.97 23.17 32.80
N THR B 590 -3.09 23.25 33.80
CA THR B 590 -3.34 24.16 34.93
C THR B 590 -3.05 25.61 34.55
N GLU B 591 -1.97 25.85 33.80
CA GLU B 591 -1.58 27.21 33.46
C GLU B 591 -2.22 27.73 32.19
N THR B 592 -3.22 27.03 31.66
CA THR B 592 -3.93 27.45 30.47
C THR B 592 -5.28 28.04 30.88
N ILE B 593 -5.56 29.26 30.42
CA ILE B 593 -6.81 29.92 30.77
C ILE B 593 -7.95 29.33 29.96
N SER B 594 -7.84 29.38 28.64
CA SER B 594 -8.85 28.80 27.74
C SER B 594 -8.41 27.38 27.43
N LYS B 595 -8.93 26.43 28.21
CA LYS B 595 -8.57 25.03 28.06
C LYS B 595 -9.26 24.36 26.89
N ALA B 596 -10.29 24.99 26.30
CA ALA B 596 -10.95 24.43 25.13
C ALA B 596 -10.10 24.53 23.88
N GLY B 597 -9.12 25.42 23.86
CA GLY B 597 -8.23 25.55 22.72
C GLY B 597 -7.07 24.59 22.69
N LEU B 598 -6.85 23.84 23.77
CA LEU B 598 -5.79 22.85 23.79
C LEU B 598 -6.15 21.66 22.92
N LEU B 599 -5.17 21.14 22.20
CA LEU B 599 -5.39 19.99 21.34
C LEU B 599 -5.57 18.72 22.18
N VAL B 600 -6.15 17.69 21.54
CA VAL B 600 -6.36 16.41 22.20
C VAL B 600 -5.02 15.74 22.53
N ALA B 601 -4.01 15.94 21.68
CA ALA B 601 -2.66 15.46 21.98
C ALA B 601 -2.03 16.25 23.13
N ASP B 602 -2.50 17.45 23.41
CA ASP B 602 -2.03 18.24 24.55
C ASP B 602 -2.96 18.12 25.75
N GLY B 603 -3.84 17.12 25.75
CA GLY B 603 -4.74 16.92 26.88
C GLY B 603 -5.98 17.78 26.86
N GLY B 604 -6.37 18.30 25.70
CA GLY B 604 -7.56 19.11 25.60
C GLY B 604 -8.78 18.30 25.22
N PRO B 605 -9.96 18.91 25.27
CA PRO B 605 -11.18 18.18 24.96
C PRO B 605 -11.37 17.96 23.47
N ASN B 606 -12.21 16.99 23.15
CA ASN B 606 -12.52 16.68 21.76
C ASN B 606 -13.54 17.69 21.24
N PRO B 607 -13.26 18.36 20.12
CA PRO B 607 -14.21 19.34 19.56
C PRO B 607 -15.11 18.81 18.46
N TYR B 608 -14.97 17.56 18.06
CA TYR B 608 -15.59 17.06 16.84
C TYR B 608 -16.98 16.53 17.10
N ASN B 609 -17.95 17.04 16.35
CA ASN B 609 -19.26 16.41 16.22
C ASN B 609 -19.42 16.02 14.76
N LEU B 610 -20.65 16.05 14.25
CA LEU B 610 -20.88 15.64 12.87
C LEU B 610 -20.54 16.74 11.88
N ARG B 611 -20.84 17.99 12.23
CA ARG B 611 -20.79 19.08 11.26
C ARG B 611 -19.38 19.54 10.91
N ASN B 612 -18.38 19.21 11.74
CA ASN B 612 -17.04 19.77 11.57
C ASN B 612 -15.97 18.70 11.35
N LEU B 613 -16.36 17.57 10.74
CA LEU B 613 -15.40 16.50 10.49
C LEU B 613 -14.45 16.81 9.34
N HIS B 614 -14.79 17.77 8.48
CA HIS B 614 -13.97 18.14 7.34
C HIS B 614 -12.96 19.22 7.66
N ILE B 615 -12.91 19.69 8.90
CA ILE B 615 -12.04 20.79 9.31
C ILE B 615 -10.98 20.22 10.26
N PRO B 616 -9.70 20.51 10.05
CA PRO B 616 -8.66 19.97 10.93
C PRO B 616 -8.72 20.58 12.33
N GLU B 617 -7.99 19.93 13.25
CA GLU B 617 -8.14 20.22 14.66
C GLU B 617 -7.45 21.52 15.06
N VAL B 618 -6.34 21.86 14.42
CA VAL B 618 -5.63 23.10 14.75
C VAL B 618 -6.43 24.32 14.29
N CYS B 619 -7.07 24.20 13.12
CA CYS B 619 -7.91 25.28 12.62
C CYS B 619 -9.19 25.41 13.43
N LEU B 620 -9.77 24.29 13.85
CA LEU B 620 -11.02 24.30 14.58
C LEU B 620 -10.87 24.88 15.98
N LYS B 621 -9.69 24.77 16.57
CA LYS B 621 -9.42 25.28 17.91
C LYS B 621 -8.62 26.57 17.90
N TRP B 622 -8.45 27.20 16.73
CA TRP B 622 -7.53 28.32 16.62
C TRP B 622 -8.07 29.58 17.28
N SER B 623 -9.39 29.79 17.22
CA SER B 623 -9.97 30.96 17.86
C SER B 623 -10.10 30.82 19.38
N LEU B 624 -9.91 29.62 19.92
CA LEU B 624 -10.03 29.36 21.34
C LEU B 624 -8.69 29.20 22.03
N MET B 625 -7.58 29.30 21.29
CA MET B 625 -6.27 29.11 21.88
C MET B 625 -5.82 30.36 22.63
N ASP B 626 -4.95 30.14 23.62
CA ASP B 626 -4.19 31.24 24.17
C ASP B 626 -3.16 31.70 23.15
N PRO B 627 -2.79 32.99 23.15
CA PRO B 627 -1.72 33.43 22.26
C PRO B 627 -0.37 32.83 22.59
N ASP B 628 -0.11 32.57 23.87
CA ASP B 628 1.13 31.90 24.26
C ASP B 628 1.15 30.45 23.80
N TYR B 629 0.02 29.75 23.93
CA TYR B 629 -0.05 28.35 23.53
C TYR B 629 0.02 28.19 22.01
N ARG B 630 -0.62 29.09 21.27
CA ARG B 630 -0.53 29.04 19.82
C ARG B 630 0.79 29.59 19.30
N GLY B 631 1.51 30.37 20.12
CA GLY B 631 2.85 30.78 19.74
C GLY B 631 3.88 29.70 19.98
N ARG B 632 3.67 28.88 21.01
CA ARG B 632 4.57 27.76 21.26
C ARG B 632 4.24 26.58 20.34
N LEU B 633 2.97 26.35 20.06
CA LEU B 633 2.55 25.18 19.30
C LEU B 633 2.90 25.32 17.82
N CYS B 634 2.63 26.48 17.24
CA CYS B 634 2.96 26.77 15.85
C CYS B 634 4.20 27.66 15.75
N ASN B 635 5.22 27.36 16.54
CA ASN B 635 6.45 28.14 16.51
C ASN B 635 7.22 27.83 15.23
N PRO B 636 7.71 28.83 14.51
CA PRO B 636 8.49 28.56 13.29
C PRO B 636 9.89 28.02 13.56
N ASN B 637 10.36 28.05 14.80
CA ASN B 637 11.59 27.38 15.20
C ASN B 637 11.29 26.01 15.81
N ASN B 638 10.49 25.23 15.10
CA ASN B 638 10.04 23.93 15.57
C ASN B 638 11.18 22.93 15.54
N PRO B 639 11.61 22.39 16.69
CA PRO B 639 12.76 21.47 16.69
C PRO B 639 12.39 20.02 16.37
N PHE B 640 11.11 19.70 16.21
CA PHE B 640 10.69 18.33 15.98
C PHE B 640 10.55 17.97 14.51
N VAL B 641 10.49 18.97 13.63
CA VAL B 641 10.27 18.72 12.20
C VAL B 641 11.55 19.03 11.43
N HIS B 642 11.48 18.92 10.11
CA HIS B 642 12.62 19.22 9.25
C HIS B 642 12.55 20.65 8.73
N HIS B 643 13.69 21.32 8.76
CA HIS B 643 13.80 22.70 8.28
C HIS B 643 14.71 22.73 7.07
N MET B 644 14.20 23.25 5.95
CA MET B 644 14.98 23.40 4.75
C MET B 644 15.92 24.58 4.88
N GLU B 645 17.17 24.40 4.43
CA GLU B 645 18.13 25.49 4.43
C GLU B 645 17.75 26.55 3.41
N VAL B 646 18.06 27.80 3.72
CA VAL B 646 17.73 28.91 2.83
C VAL B 646 18.64 28.87 1.61
N GLU B 647 18.03 28.97 0.42
CA GLU B 647 18.76 28.88 -0.84
C GLU B 647 19.60 30.14 -1.06
N SER B 648 20.39 30.10 -2.14
CA SER B 648 21.25 31.24 -2.51
C SER B 648 20.45 32.24 -3.34
N THR B 649 19.50 32.89 -2.66
CA THR B 649 18.63 33.88 -3.28
C THR B 649 18.45 35.10 -2.38
N SER B 663 23.10 26.74 8.71
CA SER B 663 23.01 28.20 8.73
C SER B 663 21.58 28.65 8.93
N LEU B 664 21.18 29.70 8.20
CA LEU B 664 19.81 30.20 8.27
C LEU B 664 18.86 29.22 7.59
N GLU B 665 17.78 28.88 8.27
CA GLU B 665 16.79 27.93 7.78
C GLU B 665 15.45 28.62 7.58
N TYR B 666 14.59 27.99 6.78
CA TYR B 666 13.25 28.51 6.56
C TYR B 666 12.36 28.29 7.78
N ASP B 667 11.25 29.01 7.82
CA ASP B 667 10.29 28.87 8.91
C ASP B 667 9.46 27.61 8.74
N ALA B 668 9.23 26.92 9.85
CA ALA B 668 8.37 25.74 9.86
C ALA B 668 6.93 26.16 10.04
N VAL B 669 6.02 25.42 9.42
CA VAL B 669 4.59 25.72 9.48
C VAL B 669 3.86 24.74 10.38
N ALA B 670 4.22 23.46 10.31
CA ALA B 670 3.52 22.41 11.04
C ALA B 670 3.74 22.54 12.54
N THR B 671 2.80 21.98 13.29
CA THR B 671 2.82 22.05 14.74
C THR B 671 3.88 21.10 15.30
N THR B 672 4.05 21.13 16.62
CA THR B 672 5.02 20.28 17.29
C THR B 672 4.57 18.84 17.40
N HIS B 673 3.32 18.53 17.06
CA HIS B 673 2.81 17.17 17.07
C HIS B 673 3.06 16.44 15.76
N SER B 674 3.71 17.08 14.80
CA SER B 674 4.12 16.44 13.54
C SER B 674 5.52 15.87 13.64
N TRP B 675 5.85 15.22 14.75
CA TRP B 675 7.18 14.71 14.99
C TRP B 675 7.40 13.41 14.22
N THR B 676 8.63 12.91 14.29
CA THR B 676 9.04 11.73 13.55
C THR B 676 9.23 10.56 14.50
N PRO B 677 8.56 9.44 14.25
CA PRO B 677 8.77 8.26 15.12
C PRO B 677 10.13 7.64 14.90
N LYS B 678 10.68 7.10 16.00
CA LYS B 678 11.97 6.45 15.96
C LYS B 678 11.90 5.13 15.20
N ARG B 679 12.79 4.97 14.22
CA ARG B 679 12.82 3.78 13.39
C ARG B 679 13.85 2.80 13.92
N ASN B 680 13.53 1.50 13.83
CA ASN B 680 14.42 0.44 14.25
C ASN B 680 14.57 -0.55 13.10
N ARG B 681 15.79 -0.66 12.58
CA ARG B 681 16.08 -1.52 11.43
C ARG B 681 17.13 -2.57 11.75
N SER B 682 17.31 -2.91 13.02
CA SER B 682 18.35 -3.83 13.43
C SER B 682 17.90 -5.27 13.28
N ILE B 683 18.81 -6.12 12.80
CA ILE B 683 18.61 -7.55 12.74
C ILE B 683 19.29 -8.17 13.95
N LEU B 684 18.66 -9.20 14.52
CA LEU B 684 19.19 -9.85 15.72
C LEU B 684 20.51 -10.55 15.45
N ASN B 685 21.54 -10.19 16.23
CA ASN B 685 22.89 -10.77 16.18
C ASN B 685 23.54 -10.61 14.80
N THR B 686 23.34 -9.44 14.19
CA THR B 686 23.80 -9.21 12.83
C THR B 686 24.43 -7.84 12.72
N ASN B 687 25.69 -7.80 12.28
CA ASN B 687 26.38 -6.55 11.97
C ASN B 687 26.12 -6.22 10.50
N GLN B 688 25.42 -5.12 10.25
CA GLN B 688 25.03 -4.72 8.91
C GLN B 688 25.76 -3.48 8.41
N ARG B 689 26.80 -3.03 9.10
CA ARG B 689 27.47 -1.79 8.75
C ARG B 689 28.30 -1.89 7.47
N GLY B 690 28.56 -3.10 6.97
CA GLY B 690 29.24 -3.24 5.69
C GLY B 690 28.35 -2.99 4.49
N ILE B 691 27.04 -3.07 4.65
CA ILE B 691 26.10 -2.81 3.57
C ILE B 691 25.23 -1.59 3.82
N LEU B 692 25.23 -1.04 5.02
CA LEU B 692 24.48 0.17 5.34
C LEU B 692 25.27 1.45 5.04
N GLU B 693 26.46 1.32 4.45
CA GLU B 693 27.30 2.50 4.21
C GLU B 693 26.87 3.25 2.97
N ASP B 694 26.63 2.53 1.86
CA ASP B 694 26.36 3.15 0.57
C ASP B 694 25.01 3.88 0.57
N GLU B 695 24.07 3.43 1.41
CA GLU B 695 22.82 4.18 1.58
C GLU B 695 23.08 5.55 2.18
N ARG B 696 23.97 5.63 3.19
CA ARG B 696 24.31 6.91 3.79
C ARG B 696 25.10 7.80 2.83
N ILE B 697 25.97 7.21 2.00
CA ILE B 697 26.69 8.02 1.02
C ILE B 697 25.74 8.54 -0.06
N TYR B 698 24.76 7.73 -0.46
CA TYR B 698 23.73 8.18 -1.40
C TYR B 698 22.91 9.32 -0.81
N GLN B 699 22.58 9.23 0.48
CA GLN B 699 21.81 10.29 1.12
C GLN B 699 22.63 11.58 1.25
N LYS B 700 23.93 11.46 1.51
CA LYS B 700 24.79 12.65 1.56
C LYS B 700 24.91 13.30 0.19
N CYS B 701 24.99 12.49 -0.87
CA CYS B 701 25.05 13.04 -2.23
C CYS B 701 23.74 13.71 -2.63
N CYS B 702 22.61 13.12 -2.23
CA CYS B 702 21.32 13.75 -2.53
C CYS B 702 21.12 15.03 -1.73
N GLN B 703 21.59 15.05 -0.48
CA GLN B 703 21.49 16.27 0.33
C GLN B 703 22.38 17.38 -0.19
N VAL B 704 23.57 17.05 -0.72
CA VAL B 704 24.39 18.09 -1.33
C VAL B 704 23.87 18.47 -2.71
N PHE B 705 23.07 17.62 -3.36
CA PHE B 705 22.43 18.02 -4.61
C PHE B 705 21.28 18.99 -4.35
N GLU B 706 20.56 18.81 -3.23
CA GLU B 706 19.40 19.65 -2.96
C GLU B 706 19.76 21.10 -2.63
N LYS B 707 21.02 21.37 -2.28
CA LYS B 707 21.42 22.75 -2.00
C LYS B 707 21.55 23.58 -3.27
N PHE B 708 21.80 22.92 -4.41
CA PHE B 708 21.90 23.61 -5.68
C PHE B 708 20.61 23.61 -6.47
N PHE B 709 19.70 22.69 -6.19
CA PHE B 709 18.45 22.54 -6.92
C PHE B 709 17.33 22.39 -5.89
N PRO B 710 16.67 23.49 -5.51
CA PRO B 710 15.73 23.46 -4.40
C PRO B 710 14.37 22.86 -4.75
N SER B 711 14.13 22.51 -6.01
CA SER B 711 12.86 21.93 -6.42
C SER B 711 12.94 20.41 -6.59
N SER B 712 14.08 19.80 -6.26
CA SER B 712 14.26 18.37 -6.50
C SER B 712 13.41 17.50 -5.57
N THR B 713 13.05 18.00 -4.40
CA THR B 713 12.13 17.27 -3.53
C THR B 713 10.68 17.46 -3.95
N TYR B 714 10.35 18.64 -4.48
CA TYR B 714 8.97 18.91 -4.90
C TYR B 714 8.65 18.18 -6.20
N ARG B 715 9.55 18.24 -7.18
CA ARG B 715 9.39 17.52 -8.43
C ARG B 715 10.68 16.80 -8.77
N ARG B 716 10.55 15.67 -9.44
CA ARG B 716 11.71 14.85 -9.80
C ARG B 716 12.54 15.53 -10.87
N PRO B 717 13.81 15.84 -10.61
CA PRO B 717 14.63 16.49 -11.63
C PRO B 717 15.08 15.52 -12.69
N ILE B 718 15.23 16.04 -13.91
CA ILE B 718 15.63 15.23 -15.06
C ILE B 718 16.94 15.77 -15.61
N GLY B 719 17.63 14.92 -16.37
CA GLY B 719 18.88 15.30 -16.97
C GLY B 719 19.83 14.14 -17.20
N MET B 720 20.49 14.13 -18.36
CA MET B 720 21.43 13.07 -18.69
C MET B 720 22.83 13.33 -18.16
N ALA B 721 23.15 14.57 -17.81
CA ALA B 721 24.46 14.89 -17.27
C ALA B 721 24.57 14.41 -15.83
N SER B 722 25.82 14.34 -15.35
CA SER B 722 26.08 13.86 -14.01
C SER B 722 25.64 14.90 -12.97
N MET B 723 25.58 14.46 -11.72
CA MET B 723 25.18 15.35 -10.63
C MET B 723 26.21 16.45 -10.40
N LEU B 724 27.50 16.10 -10.51
CA LEU B 724 28.57 17.07 -10.25
C LEU B 724 28.61 18.14 -11.34
N ASP B 725 28.40 17.77 -12.60
CA ASP B 725 28.39 18.74 -13.68
C ASP B 725 27.20 19.70 -13.57
N ALA B 726 26.03 19.17 -13.19
CA ALA B 726 24.86 20.02 -12.99
C ALA B 726 25.05 20.97 -11.82
N MET B 727 25.65 20.48 -10.72
CA MET B 727 25.89 21.33 -9.56
C MET B 727 26.92 22.41 -9.86
N LEU B 728 27.98 22.08 -10.60
CA LEU B 728 29.00 23.07 -10.93
C LEU B 728 28.47 24.11 -11.90
N SER B 729 27.66 23.69 -12.89
CA SER B 729 27.07 24.64 -13.82
C SER B 729 26.06 25.55 -13.14
N ARG B 730 25.26 25.00 -12.21
CA ARG B 730 24.31 25.81 -11.46
C ARG B 730 25.04 26.79 -10.54
N ALA B 731 26.15 26.36 -9.92
CA ALA B 731 26.94 27.24 -9.07
C ALA B 731 27.57 28.38 -9.88
N ARG B 732 28.08 28.07 -11.08
CA ARG B 732 28.68 29.11 -11.91
C ARG B 732 27.65 30.11 -12.41
N ILE B 733 26.48 29.63 -12.85
CA ILE B 733 25.49 30.57 -13.37
C ILE B 733 24.85 31.37 -12.24
N ASP B 734 24.72 30.78 -11.03
CA ASP B 734 24.18 31.55 -9.92
C ASP B 734 25.19 32.56 -9.39
N ALA B 735 26.48 32.24 -9.44
CA ALA B 735 27.50 33.21 -9.07
C ALA B 735 27.55 34.36 -10.07
N ARG B 736 27.37 34.07 -11.36
CA ARG B 736 27.37 35.13 -12.36
C ARG B 736 26.13 36.01 -12.26
N ILE B 737 24.97 35.41 -11.95
CA ILE B 737 23.75 36.19 -11.78
C ILE B 737 23.82 37.04 -10.52
N ASP B 738 24.36 36.49 -9.43
CA ASP B 738 24.52 37.27 -8.20
C ASP B 738 25.60 38.35 -8.33
N LEU B 739 26.56 38.15 -9.23
CA LEU B 739 27.52 39.23 -9.51
C LEU B 739 26.88 40.33 -10.34
N GLU B 740 26.07 39.96 -11.34
CA GLU B 740 25.41 40.92 -12.21
C GLU B 740 24.10 41.46 -11.63
N SER B 741 23.96 41.48 -10.30
CA SER B 741 22.76 41.99 -9.66
C SER B 741 23.04 42.73 -8.36
N GLY B 742 24.29 42.87 -7.95
CA GLY B 742 24.61 43.58 -6.73
C GLY B 742 24.43 42.79 -5.46
N ARG B 743 24.36 41.46 -5.55
CA ARG B 743 24.17 40.62 -4.37
C ARG B 743 25.42 39.86 -3.97
N ILE B 744 26.50 39.96 -4.74
CA ILE B 744 27.76 39.31 -4.41
C ILE B 744 28.90 40.15 -4.99
N SER B 745 30.08 40.03 -4.39
CA SER B 745 31.23 40.82 -4.80
C SER B 745 31.94 40.15 -5.96
N SER B 746 32.98 40.82 -6.48
CA SER B 746 33.77 40.25 -7.55
C SER B 746 34.77 39.21 -7.04
N GLN B 747 35.31 39.42 -5.83
CA GLN B 747 36.20 38.43 -5.23
C GLN B 747 35.45 37.18 -4.82
N ASP B 748 34.19 37.34 -4.39
CA ASP B 748 33.35 36.16 -4.10
C ASP B 748 33.08 35.37 -5.37
N PHE B 749 32.83 36.06 -6.48
CA PHE B 749 32.64 35.40 -7.77
C PHE B 749 33.90 34.67 -8.20
N SER B 750 35.06 35.31 -8.01
CA SER B 750 36.33 34.69 -8.37
C SER B 750 36.63 33.48 -7.49
N GLU B 751 36.26 33.54 -6.21
CA GLU B 751 36.50 32.41 -5.31
C GLU B 751 35.57 31.25 -5.62
N ILE B 752 34.30 31.54 -5.98
CA ILE B 752 33.37 30.48 -6.36
C ILE B 752 33.82 29.82 -7.67
N THR B 753 34.25 30.62 -8.65
CA THR B 753 34.72 30.04 -9.92
C THR B 753 36.03 29.28 -9.75
N ASN B 754 36.92 29.74 -8.85
CA ASN B 754 38.15 28.99 -8.59
C ASN B 754 37.87 27.69 -7.86
N THR B 755 36.88 27.69 -6.96
CA THR B 755 36.47 26.46 -6.29
C THR B 755 35.87 25.47 -7.29
N CYS B 756 35.06 25.97 -8.23
CA CYS B 756 34.49 25.10 -9.26
C CYS B 756 35.57 24.56 -10.19
N LYS B 757 36.56 25.39 -10.53
CA LYS B 757 37.69 24.94 -11.36
C LYS B 757 38.54 23.91 -10.64
N ALA B 758 38.73 24.05 -9.33
CA ALA B 758 39.49 23.05 -8.59
C ALA B 758 38.70 21.76 -8.41
N ILE B 759 37.37 21.84 -8.31
CA ILE B 759 36.55 20.64 -8.27
C ILE B 759 36.61 19.91 -9.61
N GLU B 760 36.58 20.66 -10.72
CA GLU B 760 36.74 20.06 -12.04
C GLU B 760 38.14 19.49 -12.24
N ALA B 761 39.14 20.08 -11.61
CA ALA B 761 40.49 19.52 -11.69
C ALA B 761 40.65 18.28 -10.81
N LEU B 762 39.86 18.17 -9.74
CA LEU B 762 39.99 17.01 -8.86
C LEU B 762 39.39 15.75 -9.47
N LYS B 763 38.40 15.88 -10.34
CA LYS B 763 37.73 14.73 -10.93
C LYS B 763 38.46 14.17 -12.15
N ARG B 764 39.61 14.74 -12.52
CA ARG B 764 40.36 14.28 -13.68
C ARG B 764 41.73 13.72 -13.32
N GLN B 765 42.35 14.20 -12.24
CA GLN B 765 43.63 13.65 -11.79
C GLN B 765 43.40 12.51 -10.80
N SER C 8 24.91 34.09 -0.19
CA SER C 8 26.14 34.18 -0.98
C SER C 8 26.21 33.05 -2.00
N GLY C 9 26.74 31.90 -1.56
CA GLY C 9 26.85 30.75 -2.43
C GLY C 9 28.22 30.10 -2.39
N MET C 10 29.04 30.48 -1.42
CA MET C 10 30.38 29.93 -1.27
C MET C 10 30.40 28.73 -0.33
N GLU C 11 29.46 28.65 0.61
CA GLU C 11 29.45 27.55 1.57
C GLU C 11 29.04 26.24 0.91
N ARG C 12 28.07 26.29 -0.01
CA ARG C 12 27.64 25.07 -0.69
C ARG C 12 28.72 24.55 -1.65
N ILE C 13 29.44 25.46 -2.31
CA ILE C 13 30.48 25.00 -3.23
C ILE C 13 31.71 24.54 -2.45
N LYS C 14 31.96 25.09 -1.26
CA LYS C 14 33.04 24.54 -0.43
C LYS C 14 32.66 23.21 0.21
N GLU C 15 31.37 23.00 0.50
CA GLU C 15 30.93 21.69 0.96
C GLU C 15 31.02 20.66 -0.17
N LEU C 16 30.73 21.07 -1.41
CA LEU C 16 30.94 20.20 -2.56
C LEU C 16 32.41 19.90 -2.78
N MET C 17 33.28 20.88 -2.48
CA MET C 17 34.73 20.66 -2.50
C MET C 17 35.15 19.63 -1.44
N GLU C 18 34.57 19.72 -0.24
CA GLU C 18 34.87 18.77 0.82
C GLU C 18 34.37 17.36 0.47
N MET C 19 33.23 17.27 -0.18
CA MET C 19 32.68 15.95 -0.53
C MET C 19 33.36 15.35 -1.75
N VAL C 20 33.88 16.17 -2.66
CA VAL C 20 34.53 15.64 -3.86
C VAL C 20 35.93 15.11 -3.58
N LYS C 21 36.49 15.38 -2.40
CA LYS C 21 37.77 14.79 -2.03
C LYS C 21 37.63 13.31 -1.70
N ASN C 22 36.48 12.90 -1.16
CA ASN C 22 36.24 11.48 -0.91
C ASN C 22 36.04 10.74 -2.23
N SER C 23 36.76 9.64 -2.40
CA SER C 23 36.80 8.96 -3.69
C SER C 23 35.48 8.25 -3.99
N ARG C 24 34.83 7.69 -2.97
CA ARG C 24 33.52 7.07 -3.17
C ARG C 24 32.46 8.10 -3.54
N MET C 25 32.45 9.23 -2.83
CA MET C 25 31.53 10.31 -3.15
C MET C 25 31.83 10.92 -4.51
N ARG C 26 33.10 11.00 -4.89
CA ARG C 26 33.47 11.51 -6.21
C ARG C 26 33.01 10.57 -7.31
N GLU C 27 33.18 9.26 -7.10
CA GLU C 27 32.72 8.26 -8.07
C GLU C 27 31.21 8.29 -8.20
N ILE C 28 30.50 8.49 -7.09
CA ILE C 28 29.04 8.55 -7.15
C ILE C 28 28.58 9.83 -7.85
N LEU C 29 29.17 10.98 -7.50
CA LEU C 29 28.77 12.24 -8.11
C LEU C 29 29.18 12.36 -9.58
N THR C 30 30.16 11.55 -10.03
CA THR C 30 30.56 11.59 -11.42
C THR C 30 29.97 10.46 -12.26
N THR C 31 29.41 9.42 -11.65
CA THR C 31 28.81 8.33 -12.42
C THR C 31 27.30 8.26 -12.33
N THR C 32 26.67 9.04 -11.46
CA THR C 32 25.22 9.08 -11.35
C THR C 32 24.69 10.30 -12.07
N SER C 33 23.70 10.09 -12.94
CA SER C 33 23.06 11.19 -13.64
C SER C 33 22.02 11.86 -12.74
N VAL C 34 21.39 12.92 -13.25
CA VAL C 34 20.28 13.53 -12.54
C VAL C 34 19.05 12.63 -12.61
N ASP C 35 18.92 11.86 -13.69
CA ASP C 35 17.83 10.89 -13.81
C ASP C 35 18.00 9.73 -12.84
N HIS C 36 19.24 9.28 -12.64
N HIS C 36 19.23 9.26 -12.64
CA HIS C 36 19.52 8.16 -11.76
CA HIS C 36 19.46 8.14 -11.75
C HIS C 36 19.57 8.55 -10.29
C HIS C 36 19.57 8.55 -10.28
N MET C 37 19.50 9.86 -9.98
CA MET C 37 19.45 10.28 -8.60
C MET C 37 18.10 9.96 -7.97
N ALA C 38 17.04 9.91 -8.77
CA ALA C 38 15.75 9.44 -8.27
C ALA C 38 15.79 7.96 -7.93
N VAL C 39 16.64 7.19 -8.62
CA VAL C 39 16.83 5.78 -8.28
C VAL C 39 17.65 5.64 -7.01
N ILE C 40 18.81 6.32 -6.96
CA ILE C 40 19.70 6.16 -5.81
C ILE C 40 19.22 6.89 -4.57
N LYS C 41 18.20 7.73 -4.66
CA LYS C 41 17.70 8.43 -3.49
C LYS C 41 16.86 7.53 -2.61
N LYS C 42 16.06 6.65 -3.22
CA LYS C 42 15.20 5.72 -2.49
C LYS C 42 15.93 4.42 -2.15
N TYR C 43 17.26 4.41 -2.19
CA TYR C 43 18.03 3.21 -1.90
C TYR C 43 18.02 2.92 -0.41
N THR C 44 17.54 1.72 -0.04
CA THR C 44 17.56 1.27 1.33
C THR C 44 18.29 -0.07 1.41
N SER C 45 18.70 -0.43 2.61
CA SER C 45 19.54 -1.62 2.78
C SER C 45 19.06 -2.55 3.88
N GLY C 46 18.64 -2.01 5.03
CA GLY C 46 18.19 -2.83 6.14
C GLY C 46 16.77 -3.31 5.96
N ARG C 47 16.23 -3.86 7.05
CA ARG C 47 14.87 -4.36 7.01
C ARG C 47 13.87 -3.21 7.08
N GLN C 48 12.66 -3.47 6.60
CA GLN C 48 11.62 -2.47 6.51
C GLN C 48 10.64 -2.64 7.66
N GLU C 49 10.20 -1.51 8.22
CA GLU C 49 9.24 -1.51 9.32
C GLU C 49 7.83 -1.57 8.75
N LYS C 50 7.16 -2.70 8.98
CA LYS C 50 5.78 -2.89 8.57
C LYS C 50 4.86 -2.77 9.77
N ASN C 51 3.57 -2.53 9.49
CA ASN C 51 2.47 -2.33 10.42
C ASN C 51 2.78 -1.19 11.39
N PRO C 52 2.64 0.07 10.97
CA PRO C 52 2.99 1.18 11.87
C PRO C 52 1.97 1.43 12.97
N ALA C 53 0.74 0.93 12.84
CA ALA C 53 -0.26 1.13 13.87
C ALA C 53 0.09 0.36 15.14
N LEU C 54 0.44 -0.91 15.00
CA LEU C 54 0.86 -1.72 16.15
C LEU C 54 2.18 -1.22 16.73
N ARG C 55 3.08 -0.74 15.86
CA ARG C 55 4.34 -0.17 16.30
C ARG C 55 4.11 1.09 17.12
N MET C 56 3.12 1.91 16.75
CA MET C 56 2.78 3.06 17.56
C MET C 56 2.04 2.66 18.83
N LYS C 57 1.33 1.52 18.80
CA LYS C 57 0.67 1.02 20.00
C LYS C 57 1.69 0.67 21.09
N TRP C 58 2.73 -0.08 20.73
CA TRP C 58 3.69 -0.46 21.76
C TRP C 58 4.84 0.51 21.93
N MET C 59 5.10 1.38 20.94
CA MET C 59 6.28 2.24 21.01
C MET C 59 6.06 3.45 21.90
N MET C 60 4.81 3.88 22.09
CA MET C 60 4.55 5.00 22.98
C MET C 60 4.66 4.61 24.45
N ALA C 61 4.68 3.30 24.75
CA ALA C 61 4.97 2.85 26.10
C ALA C 61 6.45 2.92 26.43
N MET C 62 7.31 3.00 25.43
CA MET C 62 8.75 3.09 25.65
C MET C 62 9.12 4.51 26.08
N LYS C 63 10.40 4.69 26.42
CA LYS C 63 10.83 5.95 27.03
C LYS C 63 11.04 7.03 25.98
N TYR C 64 11.66 6.70 24.84
CA TYR C 64 11.97 7.68 23.80
C TYR C 64 11.48 7.17 22.45
N PRO C 65 10.22 7.42 22.10
CA PRO C 65 9.72 6.98 20.79
C PRO C 65 9.93 7.97 19.65
N ILE C 66 10.40 9.18 19.94
CA ILE C 66 10.52 10.25 18.95
C ILE C 66 11.99 10.43 18.60
N SER C 67 12.27 10.57 17.31
CA SER C 67 13.61 10.89 16.82
C SER C 67 13.58 12.26 16.16
N ALA C 68 14.38 13.18 16.71
CA ALA C 68 14.50 14.53 16.16
C ALA C 68 15.97 14.86 15.97
N SER C 69 16.24 16.09 15.51
CA SER C 69 17.59 16.52 15.20
C SER C 69 18.36 16.86 16.47
N SER C 70 19.62 17.25 16.29
CA SER C 70 20.48 17.58 17.42
C SER C 70 20.24 18.97 17.99
N ARG C 71 19.61 19.86 17.21
CA ARG C 71 19.36 21.23 17.65
C ARG C 71 18.40 21.29 18.83
N ILE C 72 17.61 20.23 19.06
CA ILE C 72 16.74 20.14 20.22
C ILE C 72 17.52 20.03 21.52
N ARG C 73 18.83 19.72 21.47
CA ARG C 73 19.65 19.78 22.65
C ARG C 73 19.93 21.21 23.08
N GLU C 74 19.81 22.18 22.15
CA GLU C 74 20.00 23.58 22.50
C GLU C 74 18.69 24.31 22.76
N MET C 75 17.57 23.79 22.26
CA MET C 75 16.27 24.40 22.47
C MET C 75 15.48 23.80 23.62
N ILE C 76 15.75 22.54 23.98
CA ILE C 76 15.00 21.84 25.02
C ILE C 76 15.98 21.30 26.05
N PRO C 77 15.76 21.54 27.34
CA PRO C 77 16.68 21.03 28.36
C PRO C 77 16.55 19.52 28.54
N GLU C 78 17.51 18.95 29.26
CA GLU C 78 17.54 17.50 29.43
C GLU C 78 16.57 17.03 30.50
N LYS C 79 16.22 17.89 31.46
CA LYS C 79 15.36 17.50 32.57
C LYS C 79 14.14 18.41 32.65
N ASP C 80 13.08 17.88 33.26
CA ASP C 80 11.86 18.62 33.51
C ASP C 80 11.84 19.13 34.95
N GLU C 81 10.76 19.83 35.31
CA GLU C 81 10.57 20.19 36.71
C GLU C 81 10.20 18.97 37.55
N ASP C 82 9.53 18.00 36.94
CA ASP C 82 9.20 16.75 37.63
C ASP C 82 10.35 15.76 37.63
N GLY C 83 11.36 15.99 36.81
CA GLY C 83 12.50 15.10 36.72
C GLY C 83 12.50 14.15 35.55
N ASN C 84 11.69 14.41 34.53
CA ASN C 84 11.65 13.55 33.36
C ASN C 84 12.83 13.84 32.44
N THR C 85 13.46 12.79 31.92
CA THR C 85 14.50 12.95 30.92
C THR C 85 13.86 13.19 29.56
N LEU C 86 14.13 14.35 28.98
CA LEU C 86 13.45 14.75 27.75
C LEU C 86 14.14 14.27 26.49
N TRP C 87 15.48 14.16 26.49
CA TRP C 87 16.19 13.67 25.33
C TRP C 87 17.44 12.94 25.76
N THR C 88 17.82 11.91 24.99
CA THR C 88 19.08 11.20 25.16
C THR C 88 19.74 11.03 23.81
N ASN C 89 21.06 10.97 23.81
CA ASN C 89 21.81 10.73 22.59
C ASN C 89 21.76 9.26 22.22
N THR C 90 22.11 8.97 20.97
CA THR C 90 22.10 7.60 20.47
C THR C 90 23.43 6.92 20.82
N LYS C 91 23.68 5.77 20.20
CA LYS C 91 24.93 5.04 20.42
C LYS C 91 25.99 5.39 19.38
N ASP C 92 26.08 6.66 19.01
CA ASP C 92 27.10 7.14 18.07
C ASP C 92 27.40 8.59 18.44
N ALA C 93 28.62 8.83 18.91
CA ALA C 93 29.00 10.15 19.42
C ALA C 93 29.17 11.13 18.27
N GLY C 94 28.21 12.05 18.12
CA GLY C 94 28.30 13.06 17.10
C GLY C 94 27.31 12.86 15.96
N SER C 95 26.18 12.24 16.25
CA SER C 95 25.15 12.00 15.23
C SER C 95 24.25 13.23 15.11
N ASN C 96 23.52 13.28 13.99
CA ASN C 96 22.57 14.34 13.72
C ASN C 96 21.19 14.04 14.28
N ARG C 97 21.02 12.94 15.01
CA ARG C 97 19.74 12.52 15.54
C ARG C 97 19.88 12.11 17.00
N VAL C 98 18.96 12.57 17.83
CA VAL C 98 18.84 12.13 19.22
C VAL C 98 17.45 11.54 19.42
N LEU C 99 17.29 10.82 20.53
CA LEU C 99 16.03 10.20 20.88
C LEU C 99 15.26 11.09 21.85
N VAL C 100 14.01 11.37 21.52
CA VAL C 100 13.18 12.34 22.22
C VAL C 100 12.00 11.63 22.85
N SER C 101 11.60 12.08 24.07
CA SER C 101 10.42 11.76 24.86
C SER C 101 9.26 12.68 24.48
N PRO C 102 8.01 12.21 24.58
CA PRO C 102 6.87 13.11 24.32
C PRO C 102 6.68 14.17 25.40
N ASN C 103 7.29 14.00 26.57
CA ASN C 103 7.33 15.05 27.57
C ASN C 103 8.10 16.28 27.08
N ALA C 104 9.01 16.12 26.13
CA ALA C 104 9.64 17.27 25.51
C ALA C 104 8.66 18.05 24.64
N VAL C 105 7.76 17.34 23.96
CA VAL C 105 6.70 17.99 23.19
C VAL C 105 5.76 18.74 24.12
N THR C 106 5.41 18.12 25.25
CA THR C 106 4.55 18.80 26.22
C THR C 106 5.25 19.98 26.88
N TRP C 107 6.56 19.88 27.12
CA TRP C 107 7.33 21.00 27.66
C TRP C 107 7.41 22.15 26.67
N TRP C 108 7.57 21.85 25.38
CA TRP C 108 7.59 22.91 24.38
C TRP C 108 6.22 23.55 24.24
N ASN C 109 5.15 22.77 24.38
CA ASN C 109 3.82 23.36 24.27
C ASN C 109 3.40 24.13 25.53
N ARG C 110 4.01 23.86 26.68
CA ARG C 110 3.63 24.58 27.89
C ARG C 110 4.63 25.64 28.35
N ALA C 111 5.87 25.60 27.85
CA ALA C 111 6.89 26.50 28.37
C ALA C 111 8.01 26.80 27.36
N GLY C 112 7.79 26.55 26.08
CA GLY C 112 8.78 26.89 25.08
C GLY C 112 8.76 28.37 24.73
N PRO C 113 9.61 28.76 23.79
CA PRO C 113 9.64 30.16 23.36
C PRO C 113 8.39 30.52 22.56
N VAL C 114 7.70 31.56 23.00
CA VAL C 114 6.50 32.03 22.32
C VAL C 114 6.91 32.90 21.14
N SER C 115 6.31 32.62 19.98
CA SER C 115 6.56 33.39 18.76
C SER C 115 5.38 34.29 18.48
N ASP C 116 5.66 35.56 18.18
CA ASP C 116 4.58 36.48 17.83
C ASP C 116 4.05 36.26 16.43
N VAL C 117 4.83 35.61 15.56
CA VAL C 117 4.42 35.35 14.18
C VAL C 117 4.19 33.85 14.01
N VAL C 118 3.06 33.50 13.41
CA VAL C 118 2.74 32.11 13.07
C VAL C 118 2.32 32.08 11.60
N HIS C 119 2.59 30.95 10.95
CA HIS C 119 2.32 30.80 9.53
C HIS C 119 1.15 29.87 9.24
N TYR C 120 0.49 29.33 10.26
CA TYR C 120 -0.63 28.42 10.08
C TYR C 120 -1.90 29.04 9.45
N PRO C 121 -2.36 30.26 9.81
CA PRO C 121 -3.54 30.79 9.10
C PRO C 121 -3.29 31.18 7.66
N ARG C 122 -2.05 31.42 7.27
CA ARG C 122 -1.78 31.79 5.88
C ARG C 122 -1.63 30.55 5.00
N VAL C 123 -0.93 29.52 5.49
CA VAL C 123 -0.65 28.33 4.69
C VAL C 123 -1.91 27.48 4.55
N TYR C 124 -2.67 27.33 5.63
CA TYR C 124 -3.90 26.54 5.62
C TYR C 124 -5.14 27.42 5.59
N LYS C 125 -5.14 28.40 4.68
CA LYS C 125 -6.23 29.37 4.58
C LYS C 125 -7.51 28.75 4.02
N MET C 126 -7.39 27.64 3.28
CA MET C 126 -8.57 26.96 2.75
C MET C 126 -9.39 26.33 3.87
N TYR C 127 -8.73 25.78 4.88
CA TYR C 127 -9.46 25.19 6.00
C TYR C 127 -10.09 26.25 6.89
N PHE C 128 -9.46 27.43 7.00
CA PHE C 128 -10.10 28.53 7.71
C PHE C 128 -11.27 29.10 6.93
N ASP C 129 -11.20 29.06 5.59
CA ASP C 129 -12.37 29.41 4.78
C ASP C 129 -13.51 28.42 5.00
N ARG C 130 -13.18 27.12 5.12
CA ARG C 130 -14.18 26.11 5.43
C ARG C 130 -14.82 26.34 6.80
N LEU C 131 -14.00 26.69 7.79
CA LEU C 131 -14.53 26.94 9.13
C LEU C 131 -15.39 28.20 9.17
N GLU C 132 -15.01 29.24 8.42
CA GLU C 132 -15.83 30.45 8.35
C GLU C 132 -17.12 30.20 7.59
N ARG C 133 -17.09 29.25 6.65
CA ARG C 133 -18.29 28.90 5.86
C ARG C 133 -19.24 28.09 6.76
N LEU C 134 -18.70 27.24 7.64
CA LEU C 134 -19.51 26.42 8.52
C LEU C 134 -20.09 27.22 9.69
N THR C 135 -19.30 28.16 10.24
CA THR C 135 -19.70 28.88 11.44
C THR C 135 -20.89 29.80 11.19
N HIS C 136 -20.87 30.53 10.07
CA HIS C 136 -21.97 31.41 9.71
C HIS C 136 -22.99 30.72 8.81
N GLY C 137 -23.05 29.39 8.83
CA GLY C 137 -24.06 28.68 8.07
C GLY C 137 -25.40 28.65 8.78
N THR C 138 -26.43 28.35 8.01
CA THR C 138 -27.80 28.29 8.51
C THR C 138 -28.34 26.89 8.31
N PHE C 139 -28.88 26.30 9.38
CA PHE C 139 -29.42 24.95 9.34
C PHE C 139 -30.93 24.99 9.27
N GLY C 140 -31.50 24.28 8.30
CA GLY C 140 -32.93 24.11 8.21
C GLY C 140 -33.37 22.83 8.87
N PRO C 141 -34.64 22.47 8.71
CA PRO C 141 -35.14 21.22 9.31
C PRO C 141 -34.68 20.00 8.55
N VAL C 142 -34.67 18.87 9.26
CA VAL C 142 -34.31 17.59 8.67
C VAL C 142 -35.59 16.94 8.14
N LYS C 143 -35.58 16.59 6.86
CA LYS C 143 -36.70 15.91 6.22
C LYS C 143 -36.32 14.47 5.91
N PHE C 144 -37.22 13.55 6.22
CA PHE C 144 -36.99 12.12 6.05
C PHE C 144 -37.73 11.61 4.82
N TYR C 145 -36.98 11.12 3.85
CA TYR C 145 -37.52 10.43 2.68
C TYR C 145 -36.39 9.63 2.04
N ASN C 146 -36.76 8.76 1.10
CA ASN C 146 -35.78 7.93 0.43
C ASN C 146 -34.94 8.78 -0.52
N GLN C 147 -33.63 8.77 -0.32
CA GLN C 147 -32.72 9.59 -1.10
C GLN C 147 -32.32 8.90 -2.40
N VAL C 148 -32.34 9.65 -3.49
CA VAL C 148 -31.85 9.15 -4.77
C VAL C 148 -30.48 9.77 -5.03
N LYS C 149 -29.44 9.04 -4.69
CA LYS C 149 -28.06 9.52 -4.81
C LYS C 149 -27.47 9.03 -6.12
N VAL C 150 -27.10 9.96 -6.98
CA VAL C 150 -26.46 9.66 -8.27
C VAL C 150 -24.96 9.85 -8.10
N ARG C 151 -24.19 8.81 -8.44
CA ARG C 151 -22.74 8.84 -8.29
C ARG C 151 -22.14 9.64 -9.45
N LYS C 152 -22.14 10.95 -9.29
CA LYS C 152 -21.58 11.86 -10.28
C LYS C 152 -20.13 12.19 -9.94
N ARG C 153 -19.49 12.94 -10.83
CA ARG C 153 -18.14 13.46 -10.60
C ARG C 153 -18.25 14.95 -10.28
N VAL C 154 -17.98 15.30 -9.02
CA VAL C 154 -18.11 16.66 -8.55
C VAL C 154 -16.73 17.17 -8.12
N ASP C 155 -16.65 18.49 -7.95
CA ASP C 155 -15.40 19.14 -7.58
C ASP C 155 -15.31 19.25 -6.05
N ILE C 156 -14.24 18.68 -5.48
CA ILE C 156 -13.97 18.86 -4.06
C ILE C 156 -13.07 20.06 -3.79
N ASN C 157 -12.43 20.59 -4.82
CA ASN C 157 -11.63 21.81 -4.76
C ASN C 157 -11.94 22.63 -6.01
N PRO C 158 -12.44 23.85 -5.86
CA PRO C 158 -12.80 24.63 -7.06
C PRO C 158 -11.60 25.15 -7.82
N GLY C 159 -10.49 25.43 -7.13
CA GLY C 159 -9.33 25.96 -7.82
C GLY C 159 -9.55 27.39 -8.24
N HIS C 160 -9.04 27.73 -9.43
CA HIS C 160 -9.26 29.03 -10.04
C HIS C 160 -10.27 28.88 -11.17
N LYS C 161 -10.99 29.97 -11.45
CA LYS C 161 -12.05 29.93 -12.45
C LYS C 161 -11.49 29.85 -13.87
N ASP C 162 -10.27 30.33 -14.10
CA ASP C 162 -9.71 30.41 -15.44
C ASP C 162 -8.66 29.35 -15.71
N LEU C 163 -8.18 28.63 -14.70
CA LEU C 163 -7.11 27.66 -14.86
C LEU C 163 -7.64 26.24 -14.80
N THR C 164 -6.97 25.35 -15.54
CA THR C 164 -7.16 23.92 -15.37
C THR C 164 -6.14 23.42 -14.35
N SER C 165 -5.98 22.10 -14.24
CA SER C 165 -5.05 21.56 -13.24
C SER C 165 -3.60 21.68 -13.70
N ARG C 166 -3.33 21.33 -14.96
CA ARG C 166 -1.96 21.40 -15.47
C ARG C 166 -1.49 22.84 -15.62
N GLU C 167 -2.40 23.74 -16.01
CA GLU C 167 -2.07 25.16 -16.08
C GLU C 167 -1.77 25.74 -14.71
N ALA C 168 -2.53 25.31 -13.69
CA ALA C 168 -2.26 25.76 -12.32
C ALA C 168 -0.93 25.22 -11.81
N GLN C 169 -0.60 23.97 -12.15
CA GLN C 169 0.69 23.41 -11.75
C GLN C 169 1.86 24.12 -12.44
N GLU C 170 1.67 24.53 -13.69
CA GLU C 170 2.69 25.32 -14.37
C GLU C 170 2.82 26.72 -13.75
N VAL C 171 1.71 27.30 -13.30
CA VAL C 171 1.75 28.58 -12.60
C VAL C 171 2.50 28.45 -11.27
N ILE C 172 2.27 27.35 -10.55
CA ILE C 172 2.95 27.11 -9.27
C ILE C 172 4.45 26.91 -9.49
N MET C 173 4.83 26.14 -10.53
CA MET C 173 6.24 25.95 -10.85
C MET C 173 6.90 27.25 -11.31
N GLU C 174 6.15 28.13 -11.98
CA GLU C 174 6.73 29.41 -12.39
C GLU C 174 6.91 30.35 -11.19
N VAL C 175 5.95 30.34 -10.26
CA VAL C 175 6.00 31.27 -9.13
C VAL C 175 7.06 30.84 -8.12
N VAL C 176 7.04 29.57 -7.72
CA VAL C 176 7.87 29.14 -6.60
C VAL C 176 9.29 28.84 -7.05
N PHE C 177 9.45 28.09 -8.14
CA PHE C 177 10.77 27.66 -8.62
C PHE C 177 10.98 28.11 -10.07
N PRO C 178 11.24 29.40 -10.29
CA PRO C 178 11.26 29.91 -11.67
C PRO C 178 12.47 29.49 -12.48
N ASN C 179 13.58 29.15 -11.85
CA ASN C 179 14.80 28.80 -12.56
C ASN C 179 14.86 27.32 -12.92
N GLU C 180 13.86 26.52 -12.54
CA GLU C 180 13.83 25.10 -12.85
C GLU C 180 12.55 24.72 -13.57
N VAL C 181 11.97 25.66 -14.32
CA VAL C 181 10.75 25.37 -15.08
C VAL C 181 11.02 24.60 -16.36
N GLY C 182 12.29 24.50 -16.79
CA GLY C 182 12.63 23.76 -17.98
C GLY C 182 12.40 24.53 -19.26
N ALA C 183 11.91 23.84 -20.29
CA ALA C 183 11.71 24.44 -21.60
C ALA C 183 10.34 25.12 -21.75
N ARG C 184 9.36 24.73 -20.94
CA ARG C 184 8.00 25.20 -21.14
C ARG C 184 7.82 26.63 -20.66
N THR C 185 6.84 27.31 -21.25
CA THR C 185 6.50 28.68 -20.90
C THR C 185 4.99 28.80 -20.74
N LEU C 186 4.58 29.86 -20.04
CA LEU C 186 3.16 30.11 -19.78
C LEU C 186 2.49 30.59 -21.06
N SER C 187 1.66 29.73 -21.65
CA SER C 187 1.03 29.99 -22.94
C SER C 187 -0.41 30.48 -22.78
N SER C 188 -0.67 31.32 -21.79
CA SER C 188 -2.00 31.86 -21.56
C SER C 188 -1.90 33.18 -20.82
N ASP C 189 -2.96 33.98 -20.92
CA ASP C 189 -2.98 35.30 -20.28
C ASP C 189 -3.31 35.19 -18.79
N ALA C 190 -4.26 34.32 -18.44
CA ALA C 190 -4.61 34.12 -17.04
C ALA C 190 -3.46 33.51 -16.25
N GLN C 191 -2.67 32.64 -16.90
CA GLN C 191 -1.45 32.10 -16.28
C GLN C 191 -0.48 33.22 -15.93
N LEU C 192 -0.28 34.16 -16.85
CA LEU C 192 0.66 35.25 -16.62
C LEU C 192 0.16 36.20 -15.54
N THR C 193 -1.15 36.49 -15.52
CA THR C 193 -1.68 37.41 -14.52
C THR C 193 -1.66 36.80 -13.12
N ILE C 194 -2.05 35.52 -13.00
CA ILE C 194 -2.02 34.85 -11.70
C ILE C 194 -0.58 34.64 -11.23
N THR C 195 0.34 34.40 -12.17
CA THR C 195 1.76 34.29 -11.82
C THR C 195 2.32 35.60 -11.31
N LYS C 196 1.97 36.72 -11.96
CA LYS C 196 2.41 38.03 -11.50
C LYS C 196 1.84 38.38 -10.12
N GLU C 197 0.56 38.06 -9.91
CA GLU C 197 -0.07 38.37 -8.62
C GLU C 197 0.51 37.51 -7.50
N LYS C 198 0.71 36.21 -7.74
CA LYS C 198 1.28 35.36 -6.70
C LYS C 198 2.75 35.64 -6.46
N LYS C 199 3.48 36.14 -7.47
CA LYS C 199 4.86 36.54 -7.25
C LYS C 199 4.93 37.84 -6.46
N GLU C 200 4.00 38.76 -6.65
CA GLU C 200 3.98 39.95 -5.82
C GLU C 200 3.49 39.67 -4.41
N GLU C 201 2.66 38.64 -4.24
CA GLU C 201 2.19 38.30 -2.89
C GLU C 201 3.22 37.52 -2.07
N LEU C 202 4.20 36.90 -2.72
CA LEU C 202 5.13 36.00 -2.04
C LEU C 202 6.55 36.55 -1.95
N LYS C 203 6.73 37.85 -2.08
CA LYS C 203 8.05 38.43 -1.95
C LYS C 203 8.45 38.50 -0.48
N ASN C 204 9.73 38.20 -0.21
CA ASN C 204 10.33 38.17 1.14
C ASN C 204 9.59 37.22 2.07
N CYS C 205 9.18 36.07 1.53
CA CYS C 205 8.42 35.08 2.28
C CYS C 205 9.39 34.06 2.89
N LYS C 206 9.43 34.01 4.22
CA LYS C 206 10.34 33.12 4.93
C LYS C 206 9.77 31.71 5.13
N ILE C 207 8.60 31.42 4.56
CA ILE C 207 8.09 30.06 4.53
C ILE C 207 8.91 29.23 3.54
N SER C 208 9.09 27.95 3.85
CA SER C 208 9.79 27.03 2.97
C SER C 208 9.05 26.91 1.63
N PRO C 209 9.78 26.79 0.52
CA PRO C 209 9.13 26.83 -0.81
C PRO C 209 8.24 25.63 -1.11
N ILE C 210 8.46 24.49 -0.46
CA ILE C 210 7.59 23.34 -0.69
C ILE C 210 6.23 23.57 -0.03
N MET C 211 6.22 24.17 1.17
CA MET C 211 4.96 24.53 1.82
C MET C 211 4.23 25.63 1.06
N VAL C 212 4.98 26.57 0.47
CA VAL C 212 4.39 27.60 -0.38
C VAL C 212 3.77 26.97 -1.62
N ALA C 213 4.46 25.99 -2.22
CA ALA C 213 3.95 25.31 -3.41
C ALA C 213 2.70 24.50 -3.09
N TYR C 214 2.64 23.88 -1.91
CA TYR C 214 1.43 23.14 -1.56
C TYR C 214 0.28 24.05 -1.15
N MET C 215 0.58 25.23 -0.59
CA MET C 215 -0.47 26.22 -0.34
C MET C 215 -1.06 26.73 -1.65
N LEU C 216 -0.21 27.02 -2.64
CA LEU C 216 -0.69 27.41 -3.97
C LEU C 216 -1.38 26.24 -4.68
N GLU C 217 -1.00 25.01 -4.35
CA GLU C 217 -1.68 23.84 -4.93
C GLU C 217 -3.08 23.68 -4.36
N ARG C 218 -3.24 23.95 -3.06
CA ARG C 218 -4.58 23.95 -2.47
C ARG C 218 -5.42 25.12 -2.97
N GLU C 219 -4.78 26.25 -3.32
CA GLU C 219 -5.55 27.39 -3.77
C GLU C 219 -5.94 27.29 -5.25
N LEU C 220 -5.05 26.79 -6.10
CA LEU C 220 -5.19 26.91 -7.55
C LEU C 220 -5.62 25.64 -8.25
N VAL C 221 -5.16 24.47 -7.82
CA VAL C 221 -5.40 23.24 -8.56
C VAL C 221 -6.79 22.71 -8.23
N ARG C 222 -7.59 22.45 -9.25
CA ARG C 222 -8.94 21.93 -9.11
C ARG C 222 -8.90 20.41 -8.99
N ARG C 223 -9.61 19.88 -7.99
CA ARG C 223 -9.67 18.44 -7.74
C ARG C 223 -11.10 17.96 -7.86
N THR C 224 -11.28 16.78 -8.45
CA THR C 224 -12.59 16.18 -8.65
C THR C 224 -12.61 14.76 -8.10
N ARG C 225 -13.77 14.36 -7.57
CA ARG C 225 -13.97 13.03 -7.04
C ARG C 225 -15.32 12.50 -7.49
N PHE C 226 -15.47 11.17 -7.43
CA PHE C 226 -16.71 10.49 -7.76
C PHE C 226 -17.47 10.23 -6.46
N LEU C 227 -18.56 10.97 -6.26
CA LEU C 227 -19.32 10.90 -5.03
C LEU C 227 -20.80 10.75 -5.32
N PRO C 228 -21.54 10.00 -4.49
CA PRO C 228 -23.00 9.95 -4.63
C PRO C 228 -23.61 11.27 -4.15
N ILE C 229 -24.33 11.93 -5.06
CA ILE C 229 -24.88 13.26 -4.81
C ILE C 229 -26.40 13.16 -4.88
N ALA C 230 -27.07 13.65 -3.84
CA ALA C 230 -28.52 13.74 -3.84
C ALA C 230 -29.03 15.15 -4.09
N GLY C 231 -28.26 16.17 -3.77
CA GLY C 231 -28.69 17.55 -3.93
C GLY C 231 -27.82 18.36 -4.87
N ALA C 232 -27.31 19.49 -4.39
CA ALA C 232 -26.51 20.39 -5.20
C ALA C 232 -25.10 19.84 -5.37
N THR C 233 -24.46 20.26 -6.46
CA THR C 233 -23.12 19.80 -6.81
C THR C 233 -22.06 20.90 -6.72
N SER C 234 -22.39 22.02 -6.09
CA SER C 234 -21.40 23.07 -5.88
C SER C 234 -20.39 22.66 -4.83
N SER C 235 -19.16 23.18 -4.97
CA SER C 235 -18.04 22.75 -4.14
C SER C 235 -18.19 23.15 -2.68
N THR C 236 -18.98 24.18 -2.38
CA THR C 236 -19.29 24.51 -1.00
C THR C 236 -20.31 23.57 -0.39
N TYR C 237 -20.98 22.75 -1.20
CA TYR C 237 -21.89 21.71 -0.72
C TYR C 237 -21.26 20.33 -0.76
N VAL C 238 -20.20 20.14 -1.54
CA VAL C 238 -19.49 18.86 -1.56
C VAL C 238 -18.68 18.69 -0.26
N GLU C 239 -18.15 19.79 0.29
CA GLU C 239 -17.36 19.72 1.51
C GLU C 239 -18.20 19.40 2.74
N VAL C 240 -19.51 19.63 2.69
CA VAL C 240 -20.39 19.32 3.81
C VAL C 240 -21.37 18.23 3.39
N LEU C 241 -20.90 17.32 2.53
CA LEU C 241 -21.77 16.25 2.03
C LEU C 241 -22.11 15.24 3.11
N HIS C 242 -21.22 15.05 4.07
CA HIS C 242 -21.50 14.15 5.19
C HIS C 242 -22.56 14.75 6.12
N LEU C 243 -22.69 16.07 6.13
CA LEU C 243 -23.59 16.77 7.03
C LEU C 243 -24.99 16.95 6.46
N THR C 244 -25.11 17.12 5.14
CA THR C 244 -26.37 17.53 4.53
C THR C 244 -27.20 16.37 4.00
N GLN C 245 -26.62 15.19 3.79
CA GLN C 245 -27.38 14.09 3.23
C GLN C 245 -26.91 12.78 3.83
N GLY C 246 -27.79 11.78 3.78
CA GLY C 246 -27.47 10.45 4.24
C GLY C 246 -28.10 9.39 3.37
N THR C 247 -28.81 8.45 3.98
CA THR C 247 -29.55 7.42 3.25
C THR C 247 -31.05 7.64 3.29
N CYS C 248 -31.59 8.16 4.39
CA CYS C 248 -33.02 8.39 4.54
C CYS C 248 -33.36 9.81 4.95
N TRP C 249 -32.38 10.71 5.04
CA TRP C 249 -32.61 12.04 5.56
C TRP C 249 -31.88 13.07 4.71
N GLU C 250 -32.29 14.32 4.86
CA GLU C 250 -31.67 15.44 4.16
C GLU C 250 -31.67 16.64 5.08
N GLN C 251 -30.48 17.16 5.37
CA GLN C 251 -30.32 18.32 6.23
C GLN C 251 -30.23 19.57 5.35
N GLN C 252 -31.22 20.44 5.48
CA GLN C 252 -31.21 21.70 4.74
C GLN C 252 -30.18 22.64 5.35
N TYR C 253 -29.18 23.02 4.56
CA TYR C 253 -28.07 23.82 5.04
C TYR C 253 -27.63 24.81 3.98
N THR C 254 -27.49 26.07 4.37
CA THR C 254 -26.95 27.10 3.51
C THR C 254 -25.59 27.54 4.06
N PRO C 255 -24.52 27.47 3.28
CA PRO C 255 -23.20 27.86 3.80
C PRO C 255 -23.08 29.37 3.95
N GLY C 256 -21.97 29.79 4.56
CA GLY C 256 -21.69 31.19 4.70
C GLY C 256 -21.25 31.83 3.40
N GLY C 257 -21.51 33.13 3.28
CA GLY C 257 -21.16 33.87 2.09
C GLY C 257 -22.17 33.71 0.97
C5 M4H G . 22.20 22.34 -33.69
C6 M4H G . 22.25 23.37 -32.75
C7 M4H G . 21.80 23.14 -31.34
C3 M4H G . 23.05 23.70 -35.43
C2 M4H G . 23.16 24.82 -34.61
C1 M4H G . 22.74 24.70 -33.21
C12 M4H G . 22.52 21.38 -35.89
C13 M4H G . 23.87 20.65 -35.91
C14 M4H G . 24.96 21.50 -36.56
C15 M4H G . 25.95 20.55 -37.21
C16 M4H G . 25.21 19.23 -37.40
C17 M4H G . 23.84 19.40 -36.78
C19 M4H G . 23.39 19.49 -33.75
C20 M4H G . 24.09 19.43 -32.46
C21 M4H G . 25.27 20.23 -32.54
C22 M4H G . 25.30 20.75 -33.81
C23 M4H G . 23.55 18.68 -31.42
C24 M4H G . 22.36 17.98 -31.66
C25 M4H G . 21.72 18.06 -32.91
N18 M4H G . 24.21 20.29 -34.48
N26 M4H G . 22.23 18.80 -33.92
N4 M4H G . 22.59 22.52 -34.96
O10 M4H G . 22.83 25.69 -32.45
O11 M4H G . 23.62 26.01 -35.09
O8 M4H G . 21.42 24.10 -30.63
O9 M4H G . 21.81 21.99 -30.88
MG MG H . 22.59 25.41 -30.37
MG MG I . 24.07 27.22 -33.57
PA 2KH J . -9.42 -15.16 -7.47
O1A 2KH J . -9.66 -14.71 -6.03
O2A 2KH J . -10.70 -15.53 -8.05
N3A 2KH J . -8.34 -16.44 -7.46
O5' 2KH J . -8.76 -13.89 -8.35
PB 2KH J . -8.38 -17.74 -8.55
O1B 2KH J . -9.39 -17.54 -9.61
O2B 2KH J . -7.05 -17.86 -9.20
O3B 2KH J . -8.68 -19.14 -7.73
PG 2KH J . -10.21 -19.66 -7.25
O1G 2KH J . -10.22 -19.84 -5.76
O2G 2KH J . -11.28 -18.64 -7.65
O3G 2KH J . -10.51 -20.97 -7.91
C5' 2KH J . -8.43 -14.12 -9.72
C4' 2KH J . -7.13 -13.60 -10.02
O4' 2KH J . -6.90 -12.26 -9.34
C1' 2KH J . -5.61 -12.23 -9.03
C2' 2KH J . -5.02 -13.68 -9.40
O2' 2KH J . -4.39 -13.63 -10.73
C3' 2KH J . -6.04 -14.49 -9.42
O3' 2KH J . -5.76 -15.69 -10.30
N1 2KH J . -5.43 -11.94 -7.64
C6 2KH J . -6.50 -12.13 -6.70
C2 2KH J . -4.09 -11.44 -7.14
O2 2KH J . -3.20 -11.28 -7.90
N3 2KH J . -3.88 -11.13 -5.68
C4 2KH J . -4.96 -11.33 -4.76
O4 2KH J . -4.78 -11.06 -3.53
C5 2KH J . -6.29 -11.82 -5.24
MG MG K . -11.57 -17.16 -9.22
MG MG L . -12.60 -13.54 -8.22
MG MG M . 2.50 -29.92 20.66
#